data_6QZB
# 
_entry.id   6QZB 
# 
_audit_conform.dict_name       mmcif_pdbx.dic 
_audit_conform.dict_version    5.383 
_audit_conform.dict_location   http://mmcif.pdb.org/dictionaries/ascii/mmcif_pdbx.dic 
# 
loop_
_database_2.database_id 
_database_2.database_code 
_database_2.pdbx_database_accession 
_database_2.pdbx_DOI 
PDB   6QZB         pdb_00006qzb 10.2210/pdb6qzb/pdb 
WWPDB D_1292101178 ?            ?                   
# 
loop_
_pdbx_audit_revision_history.ordinal 
_pdbx_audit_revision_history.data_content_type 
_pdbx_audit_revision_history.major_revision 
_pdbx_audit_revision_history.minor_revision 
_pdbx_audit_revision_history.revision_date 
1 'Structure model' 1 0 2019-08-07 
2 'Structure model' 1 1 2019-08-21 
3 'Structure model' 1 2 2019-09-18 
4 'Structure model' 1 3 2024-01-24 
# 
_pdbx_audit_revision_details.ordinal             1 
_pdbx_audit_revision_details.revision_ordinal    1 
_pdbx_audit_revision_details.data_content_type   'Structure model' 
_pdbx_audit_revision_details.provider            repository 
_pdbx_audit_revision_details.type                'Initial release' 
_pdbx_audit_revision_details.description         ? 
_pdbx_audit_revision_details.details             ? 
# 
loop_
_pdbx_audit_revision_group.ordinal 
_pdbx_audit_revision_group.revision_ordinal 
_pdbx_audit_revision_group.data_content_type 
_pdbx_audit_revision_group.group 
1 2 'Structure model' 'Data collection'        
2 2 'Structure model' 'Database references'    
3 3 'Structure model' 'Data collection'        
4 3 'Structure model' 'Refinement description' 
5 4 'Structure model' 'Data collection'        
6 4 'Structure model' 'Database references'    
7 4 'Structure model' 'Refinement description' 
# 
loop_
_pdbx_audit_revision_category.ordinal 
_pdbx_audit_revision_category.revision_ordinal 
_pdbx_audit_revision_category.data_content_type 
_pdbx_audit_revision_category.category 
1 2 'Structure model' citation                      
2 2 'Structure model' citation_author               
3 3 'Structure model' software                      
4 4 'Structure model' chem_comp_atom                
5 4 'Structure model' chem_comp_bond                
6 4 'Structure model' database_2                    
7 4 'Structure model' pdbx_initial_refinement_model 
# 
loop_
_pdbx_audit_revision_item.ordinal 
_pdbx_audit_revision_item.revision_ordinal 
_pdbx_audit_revision_item.data_content_type 
_pdbx_audit_revision_item.item 
1 2 'Structure model' '_citation.journal_volume'            
2 2 'Structure model' '_citation.page_first'                
3 2 'Structure model' '_citation.page_last'                 
4 2 'Structure model' '_citation_author.identifier_ORCID'   
5 3 'Structure model' '_software.version'                   
6 4 'Structure model' '_database_2.pdbx_DOI'                
7 4 'Structure model' '_database_2.pdbx_database_accession' 
# 
_pdbx_database_status.status_code                     REL 
_pdbx_database_status.status_code_sf                  REL 
_pdbx_database_status.status_code_mr                  ? 
_pdbx_database_status.entry_id                        6QZB 
_pdbx_database_status.recvd_initial_deposition_date   2019-03-11 
_pdbx_database_status.SG_entry                        N 
_pdbx_database_status.deposit_site                    PDBE 
_pdbx_database_status.process_site                    PDBE 
_pdbx_database_status.status_code_cs                  ? 
_pdbx_database_status.methods_development_category    ? 
_pdbx_database_status.pdb_format_compatible           Y 
_pdbx_database_status.status_code_nmr_data            ? 
# 
loop_
_pdbx_database_related.db_name 
_pdbx_database_related.details 
_pdbx_database_related.db_id 
_pdbx_database_related.content_type 
PDB . 6qxj unspecified 
PDB . 6qyk unspecified 
PDB . 6qyl unspecified 
PDB . 6qyn unspecified 
PDB . 6qyo unspecified 
PDB . 6qyp unspecified 
PDB . 6qz5 unspecified 
PDB . 6qz6 unspecified 
PDB . 6qz7 unspecified 
PDB . 6qz8 unspecified 
# 
loop_
_audit_author.name 
_audit_author.pdbx_ordinal 
_audit_author.identifier_ORCID 
'Dokurno, P.'            1  0000-0002-7332-8889 
'Szlavik, Z.'            2  0000-0002-9385-806X 
'Ondi, L.'               3  ?                   
'Csekei, M.'             4  0000-0002-5781-1096 
'Paczal, A.'             5  ?                   
'Szabo, Z.B.'            6  0000-0001-7557-0305 
'Radics, G.'             7  0000-0003-4954-3025 
'Murray, J.'             8  0000-0003-1007-8218 
'Davidson, J.'           9  0000-0002-8301-1607 
'Chen, I.'               10 ?                   
'Davis, B.'              11 0000-0001-6759-7575 
'Hubbard, R.E.'          12 0000-0002-8233-7461 
'Pedder, C.'             13 ?                   
'Surgenor, A.E.'         14 ?                   
'Smith, J.'              15 ?                   
'Robertson, A.'          16 ?                   
'LeToumelin-Braizat, G.' 17 ?                   
'Cauquil, N.'            18 ?                   
'Zarka, M.'              19 ?                   
'Demarles, D.'           20 ?                   
'Perron-Sierra, F.'      21 ?                   
'Geneste, O.'            22 ?                   
'Kotschy, A.'            23 0000-0002-7675-3864 
# 
_citation.abstract                  ? 
_citation.abstract_id_CAS           ? 
_citation.book_id_ISBN              ? 
_citation.book_publisher            ? 
_citation.book_publisher_city       ? 
_citation.book_title                ? 
_citation.coordinate_linkage        ? 
_citation.country                   US 
_citation.database_id_Medline       ? 
_citation.details                   ? 
_citation.id                        primary 
_citation.journal_abbrev            J.Med.Chem. 
_citation.journal_id_ASTM           JMCMAR 
_citation.journal_id_CSD            0151 
_citation.journal_id_ISSN           0022-2623 
_citation.journal_full              ? 
_citation.journal_issue             ? 
_citation.journal_volume            62 
_citation.language                  ? 
_citation.page_first                6913 
_citation.page_last                 6924 
_citation.title                     'Structure-Guided Discovery of a Selective Mcl-1 Inhibitor with Cellular Activity.' 
_citation.year                      2019 
_citation.database_id_CSD           ? 
_citation.pdbx_database_id_DOI      10.1021/acs.jmedchem.9b00134 
_citation.pdbx_database_id_PubMed   31339316 
_citation.unpublished_flag          ? 
# 
loop_
_citation_author.citation_id 
_citation_author.name 
_citation_author.ordinal 
_citation_author.identifier_ORCID 
primary 'Szlavik, Z.'            1  ? 
primary 'Ondi, L.'               2  ? 
primary 'Csekei, M.'             3  ? 
primary 'Paczal, A.'             4  ? 
primary 'Szabo, Z.B.'            5  ? 
primary 'Radics, G.'             6  ? 
primary 'Murray, J.'             7  ? 
primary 'Davidson, J.'           8  ? 
primary 'Chen, I.'               9  ? 
primary 'Davis, B.'              10 ? 
primary 'Hubbard, R.E.'          11 ? 
primary 'Pedder, C.'             12 ? 
primary 'Dokurno, P.'            13 ? 
primary 'Surgenor, A.'           14 ? 
primary 'Smith, J.'              15 ? 
primary 'Robertson, A.'          16 ? 
primary 'LeToumelin-Braizat, G.' 17 ? 
primary 'Cauquil, N.'            18 ? 
primary 'Zarka, M.'              19 ? 
primary 'Demarles, D.'           20 ? 
primary 'Perron-Sierra, F.'      21 ? 
primary 'Claperon, A.'           22 ? 
primary 'Colland, F.'            23 ? 
primary 'Geneste, O.'            24 ? 
primary 'Kotschy, A.'            25 ? 
# 
loop_
_entity.id 
_entity.type 
_entity.src_method 
_entity.pdbx_description 
_entity.formula_weight 
_entity.pdbx_number_of_molecules 
_entity.pdbx_ec 
_entity.pdbx_mutation 
_entity.pdbx_fragment 
_entity.details 
1 polymer     man 'Induced myeloid leukemia cell differentiation protein Mcl-1'                                      19493.154 1  
? ? ? ? 
2 non-polymer syn '(2~{R})-2-[[6-ethyl-5-(2-methylphenyl)thieno[2,3-d]pyrimidin-4-yl]amino]-3-phenyl-propanoic acid' 417.523   1  
? ? ? ? 
3 water       nat water                                                                                              18.015    82 
? ? ? ? 
# 
_entity_name_com.entity_id   1 
_entity_name_com.name        'Bcl-2-like protein 3,Bcl2-L-3,Bcl-2-related protein EAT/mcl1,mcl1/EAT' 
# 
_entity_poly.entity_id                      1 
_entity_poly.type                           'polypeptide(L)' 
_entity_poly.nstd_linkage                   no 
_entity_poly.nstd_monomer                   no 
_entity_poly.pdbx_seq_one_letter_code       
;MHHHHHHLVPRGSEDELYRQSLEIISRYLREQATGAKDTKPMGRSGATSRKALETLRRVGDGVQRNHETAFQGMLRKLDI
KNEDDVKSLSRVMIHVFSDGVTNWGRIVTLISFGAFVAKHLKTINQESCIEPLAESITDVLVRTKRDWLVKQRGWDGFVE
FFHVEDLEGG
;
_entity_poly.pdbx_seq_one_letter_code_can   
;MHHHHHHLVPRGSEDELYRQSLEIISRYLREQATGAKDTKPMGRSGATSRKALETLRRVGDGVQRNHETAFQGMLRKLDI
KNEDDVKSLSRVMIHVFSDGVTNWGRIVTLISFGAFVAKHLKTINQESCIEPLAESITDVLVRTKRDWLVKQRGWDGFVE
FFHVEDLEGG
;
_entity_poly.pdbx_strand_id                 A 
_entity_poly.pdbx_target_identifier         ? 
# 
loop_
_pdbx_entity_nonpoly.entity_id 
_pdbx_entity_nonpoly.name 
_pdbx_entity_nonpoly.comp_id 
2 '(2~{R})-2-[[6-ethyl-5-(2-methylphenyl)thieno[2,3-d]pyrimidin-4-yl]amino]-3-phenyl-propanoic acid' JLK 
3 water                                                                                              HOH 
# 
loop_
_entity_poly_seq.entity_id 
_entity_poly_seq.num 
_entity_poly_seq.mon_id 
_entity_poly_seq.hetero 
1 1   MET n 
1 2   HIS n 
1 3   HIS n 
1 4   HIS n 
1 5   HIS n 
1 6   HIS n 
1 7   HIS n 
1 8   LEU n 
1 9   VAL n 
1 10  PRO n 
1 11  ARG n 
1 12  GLY n 
1 13  SER n 
1 14  GLU n 
1 15  ASP n 
1 16  GLU n 
1 17  LEU n 
1 18  TYR n 
1 19  ARG n 
1 20  GLN n 
1 21  SER n 
1 22  LEU n 
1 23  GLU n 
1 24  ILE n 
1 25  ILE n 
1 26  SER n 
1 27  ARG n 
1 28  TYR n 
1 29  LEU n 
1 30  ARG n 
1 31  GLU n 
1 32  GLN n 
1 33  ALA n 
1 34  THR n 
1 35  GLY n 
1 36  ALA n 
1 37  LYS n 
1 38  ASP n 
1 39  THR n 
1 40  LYS n 
1 41  PRO n 
1 42  MET n 
1 43  GLY n 
1 44  ARG n 
1 45  SER n 
1 46  GLY n 
1 47  ALA n 
1 48  THR n 
1 49  SER n 
1 50  ARG n 
1 51  LYS n 
1 52  ALA n 
1 53  LEU n 
1 54  GLU n 
1 55  THR n 
1 56  LEU n 
1 57  ARG n 
1 58  ARG n 
1 59  VAL n 
1 60  GLY n 
1 61  ASP n 
1 62  GLY n 
1 63  VAL n 
1 64  GLN n 
1 65  ARG n 
1 66  ASN n 
1 67  HIS n 
1 68  GLU n 
1 69  THR n 
1 70  ALA n 
1 71  PHE n 
1 72  GLN n 
1 73  GLY n 
1 74  MET n 
1 75  LEU n 
1 76  ARG n 
1 77  LYS n 
1 78  LEU n 
1 79  ASP n 
1 80  ILE n 
1 81  LYS n 
1 82  ASN n 
1 83  GLU n 
1 84  ASP n 
1 85  ASP n 
1 86  VAL n 
1 87  LYS n 
1 88  SER n 
1 89  LEU n 
1 90  SER n 
1 91  ARG n 
1 92  VAL n 
1 93  MET n 
1 94  ILE n 
1 95  HIS n 
1 96  VAL n 
1 97  PHE n 
1 98  SER n 
1 99  ASP n 
1 100 GLY n 
1 101 VAL n 
1 102 THR n 
1 103 ASN n 
1 104 TRP n 
1 105 GLY n 
1 106 ARG n 
1 107 ILE n 
1 108 VAL n 
1 109 THR n 
1 110 LEU n 
1 111 ILE n 
1 112 SER n 
1 113 PHE n 
1 114 GLY n 
1 115 ALA n 
1 116 PHE n 
1 117 VAL n 
1 118 ALA n 
1 119 LYS n 
1 120 HIS n 
1 121 LEU n 
1 122 LYS n 
1 123 THR n 
1 124 ILE n 
1 125 ASN n 
1 126 GLN n 
1 127 GLU n 
1 128 SER n 
1 129 CYS n 
1 130 ILE n 
1 131 GLU n 
1 132 PRO n 
1 133 LEU n 
1 134 ALA n 
1 135 GLU n 
1 136 SER n 
1 137 ILE n 
1 138 THR n 
1 139 ASP n 
1 140 VAL n 
1 141 LEU n 
1 142 VAL n 
1 143 ARG n 
1 144 THR n 
1 145 LYS n 
1 146 ARG n 
1 147 ASP n 
1 148 TRP n 
1 149 LEU n 
1 150 VAL n 
1 151 LYS n 
1 152 GLN n 
1 153 ARG n 
1 154 GLY n 
1 155 TRP n 
1 156 ASP n 
1 157 GLY n 
1 158 PHE n 
1 159 VAL n 
1 160 GLU n 
1 161 PHE n 
1 162 PHE n 
1 163 HIS n 
1 164 VAL n 
1 165 GLU n 
1 166 ASP n 
1 167 LEU n 
1 168 GLU n 
1 169 GLY n 
1 170 GLY n 
# 
_entity_src_gen.entity_id                          1 
_entity_src_gen.pdbx_src_id                        1 
_entity_src_gen.pdbx_alt_source_flag               sample 
_entity_src_gen.pdbx_seq_type                      'Biological sequence' 
_entity_src_gen.pdbx_beg_seq_num                   1 
_entity_src_gen.pdbx_end_seq_num                   170 
_entity_src_gen.gene_src_common_name               Human 
_entity_src_gen.gene_src_genus                     ? 
_entity_src_gen.pdbx_gene_src_gene                 'MCL1, BCL2L3' 
_entity_src_gen.gene_src_species                   ? 
_entity_src_gen.gene_src_strain                    ? 
_entity_src_gen.gene_src_tissue                    ? 
_entity_src_gen.gene_src_tissue_fraction           ? 
_entity_src_gen.gene_src_details                   ? 
_entity_src_gen.pdbx_gene_src_fragment             ? 
_entity_src_gen.pdbx_gene_src_scientific_name      'Homo sapiens' 
_entity_src_gen.pdbx_gene_src_ncbi_taxonomy_id     9606 
_entity_src_gen.pdbx_gene_src_variant              ? 
_entity_src_gen.pdbx_gene_src_cell_line            ? 
_entity_src_gen.pdbx_gene_src_atcc                 ? 
_entity_src_gen.pdbx_gene_src_organ                ? 
_entity_src_gen.pdbx_gene_src_organelle            ? 
_entity_src_gen.pdbx_gene_src_cell                 ? 
_entity_src_gen.pdbx_gene_src_cellular_location    ? 
_entity_src_gen.host_org_common_name               ? 
_entity_src_gen.pdbx_host_org_scientific_name      'Escherichia coli BL21(DE3)' 
_entity_src_gen.pdbx_host_org_ncbi_taxonomy_id     469008 
_entity_src_gen.host_org_genus                     ? 
_entity_src_gen.pdbx_host_org_gene                 ? 
_entity_src_gen.pdbx_host_org_organ                ? 
_entity_src_gen.host_org_species                   ? 
_entity_src_gen.pdbx_host_org_tissue               ? 
_entity_src_gen.pdbx_host_org_tissue_fraction      ? 
_entity_src_gen.pdbx_host_org_strain               ? 
_entity_src_gen.pdbx_host_org_variant              pLysS 
_entity_src_gen.pdbx_host_org_cell_line            ? 
_entity_src_gen.pdbx_host_org_atcc                 ? 
_entity_src_gen.pdbx_host_org_culture_collection   ? 
_entity_src_gen.pdbx_host_org_cell                 ? 
_entity_src_gen.pdbx_host_org_organelle            ? 
_entity_src_gen.pdbx_host_org_cellular_location    ? 
_entity_src_gen.pdbx_host_org_vector_type          ? 
_entity_src_gen.pdbx_host_org_vector               ? 
_entity_src_gen.host_org_details                   ? 
_entity_src_gen.expression_system_id               ? 
_entity_src_gen.plasmid_name                       ? 
_entity_src_gen.plasmid_details                    ? 
_entity_src_gen.pdbx_description                   ? 
# 
loop_
_chem_comp.id 
_chem_comp.type 
_chem_comp.mon_nstd_flag 
_chem_comp.name 
_chem_comp.pdbx_synonyms 
_chem_comp.formula 
_chem_comp.formula_weight 
ALA 'L-peptide linking' y ALANINE                                                                                            ? 
'C3 H7 N O2'      89.093  
ARG 'L-peptide linking' y ARGININE                                                                                           ? 
'C6 H15 N4 O2 1'  175.209 
ASN 'L-peptide linking' y ASPARAGINE                                                                                         ? 
'C4 H8 N2 O3'     132.118 
ASP 'L-peptide linking' y 'ASPARTIC ACID'                                                                                    ? 
'C4 H7 N O4'      133.103 
CYS 'L-peptide linking' y CYSTEINE                                                                                           ? 
'C3 H7 N O2 S'    121.158 
GLN 'L-peptide linking' y GLUTAMINE                                                                                          ? 
'C5 H10 N2 O3'    146.144 
GLU 'L-peptide linking' y 'GLUTAMIC ACID'                                                                                    ? 
'C5 H9 N O4'      147.129 
GLY 'peptide linking'   y GLYCINE                                                                                            ? 
'C2 H5 N O2'      75.067  
HIS 'L-peptide linking' y HISTIDINE                                                                                          ? 
'C6 H10 N3 O2 1'  156.162 
HOH non-polymer         . WATER                                                                                              ? 
'H2 O'            18.015  
ILE 'L-peptide linking' y ISOLEUCINE                                                                                         ? 
'C6 H13 N O2'     131.173 
JLK non-polymer         . '(2~{R})-2-[[6-ethyl-5-(2-methylphenyl)thieno[2,3-d]pyrimidin-4-yl]amino]-3-phenyl-propanoic acid' ? 
'C24 H23 N3 O2 S' 417.523 
LEU 'L-peptide linking' y LEUCINE                                                                                            ? 
'C6 H13 N O2'     131.173 
LYS 'L-peptide linking' y LYSINE                                                                                             ? 
'C6 H15 N2 O2 1'  147.195 
MET 'L-peptide linking' y METHIONINE                                                                                         ? 
'C5 H11 N O2 S'   149.211 
PHE 'L-peptide linking' y PHENYLALANINE                                                                                      ? 
'C9 H11 N O2'     165.189 
PRO 'L-peptide linking' y PROLINE                                                                                            ? 
'C5 H9 N O2'      115.130 
SER 'L-peptide linking' y SERINE                                                                                             ? 
'C3 H7 N O3'      105.093 
THR 'L-peptide linking' y THREONINE                                                                                          ? 
'C4 H9 N O3'      119.119 
TRP 'L-peptide linking' y TRYPTOPHAN                                                                                         ? 
'C11 H12 N2 O2'   204.225 
TYR 'L-peptide linking' y TYROSINE                                                                                           ? 
'C9 H11 N O3'     181.189 
VAL 'L-peptide linking' y VALINE                                                                                             ? 
'C5 H11 N O2'     117.146 
# 
loop_
_pdbx_poly_seq_scheme.asym_id 
_pdbx_poly_seq_scheme.entity_id 
_pdbx_poly_seq_scheme.seq_id 
_pdbx_poly_seq_scheme.mon_id 
_pdbx_poly_seq_scheme.ndb_seq_num 
_pdbx_poly_seq_scheme.pdb_seq_num 
_pdbx_poly_seq_scheme.auth_seq_num 
_pdbx_poly_seq_scheme.pdb_mon_id 
_pdbx_poly_seq_scheme.auth_mon_id 
_pdbx_poly_seq_scheme.pdb_strand_id 
_pdbx_poly_seq_scheme.pdb_ins_code 
_pdbx_poly_seq_scheme.hetero 
A 1 1   MET 1   158 ?   ?   ?   A . n 
A 1 2   HIS 2   159 ?   ?   ?   A . n 
A 1 3   HIS 3   160 ?   ?   ?   A . n 
A 1 4   HIS 4   161 ?   ?   ?   A . n 
A 1 5   HIS 5   162 ?   ?   ?   A . n 
A 1 6   HIS 6   163 ?   ?   ?   A . n 
A 1 7   HIS 7   164 ?   ?   ?   A . n 
A 1 8   LEU 8   165 ?   ?   ?   A . n 
A 1 9   VAL 9   166 ?   ?   ?   A . n 
A 1 10  PRO 10  167 ?   ?   ?   A . n 
A 1 11  ARG 11  168 ?   ?   ?   A . n 
A 1 12  GLY 12  169 ?   ?   ?   A . n 
A 1 13  SER 13  170 ?   ?   ?   A . n 
A 1 14  GLU 14  171 171 GLU GLU A . n 
A 1 15  ASP 15  172 172 ASP ASP A . n 
A 1 16  GLU 16  173 173 GLU GLU A . n 
A 1 17  LEU 17  174 174 LEU LEU A . n 
A 1 18  TYR 18  175 175 TYR TYR A . n 
A 1 19  ARG 19  176 176 ARG ARG A . n 
A 1 20  GLN 20  177 177 GLN GLN A . n 
A 1 21  SER 21  178 178 SER SER A . n 
A 1 22  LEU 22  179 179 LEU LEU A . n 
A 1 23  GLU 23  180 180 GLU GLU A . n 
A 1 24  ILE 24  181 181 ILE ILE A . n 
A 1 25  ILE 25  182 182 ILE ILE A . n 
A 1 26  SER 26  183 183 SER SER A . n 
A 1 27  ARG 27  184 184 ARG ARG A . n 
A 1 28  TYR 28  185 185 TYR TYR A . n 
A 1 29  LEU 29  186 186 LEU LEU A . n 
A 1 30  ARG 30  187 187 ARG ARG A . n 
A 1 31  GLU 31  188 188 GLU GLU A . n 
A 1 32  GLN 32  189 189 GLN GLN A . n 
A 1 33  ALA 33  190 190 ALA ALA A . n 
A 1 34  THR 34  191 191 THR THR A . n 
A 1 35  GLY 35  192 192 GLY GLY A . n 
A 1 36  ALA 36  193 193 ALA ALA A . n 
A 1 37  LYS 37  194 194 LYS LYS A . n 
A 1 38  ASP 38  195 195 ASP ASP A . n 
A 1 39  THR 39  196 196 THR THR A . n 
A 1 40  LYS 40  197 197 LYS LYS A . n 
A 1 41  PRO 41  198 198 PRO PRO A . n 
A 1 42  MET 42  199 199 MET MET A . n 
A 1 43  GLY 43  200 200 GLY GLY A . n 
A 1 44  ARG 44  201 201 ARG ARG A . n 
A 1 45  SER 45  202 202 SER SER A . n 
A 1 46  GLY 46  203 203 GLY GLY A . n 
A 1 47  ALA 47  204 204 ALA ALA A . n 
A 1 48  THR 48  205 205 THR THR A . n 
A 1 49  SER 49  206 206 SER SER A . n 
A 1 50  ARG 50  207 207 ARG ARG A . n 
A 1 51  LYS 51  208 208 LYS LYS A . n 
A 1 52  ALA 52  209 209 ALA ALA A . n 
A 1 53  LEU 53  210 210 LEU LEU A . n 
A 1 54  GLU 54  211 211 GLU GLU A . n 
A 1 55  THR 55  212 212 THR THR A . n 
A 1 56  LEU 56  213 213 LEU LEU A . n 
A 1 57  ARG 57  214 214 ARG ARG A . n 
A 1 58  ARG 58  215 215 ARG ARG A . n 
A 1 59  VAL 59  216 216 VAL VAL A . n 
A 1 60  GLY 60  217 217 GLY GLY A . n 
A 1 61  ASP 61  218 218 ASP ASP A . n 
A 1 62  GLY 62  219 219 GLY GLY A . n 
A 1 63  VAL 63  220 220 VAL VAL A . n 
A 1 64  GLN 64  221 221 GLN GLN A . n 
A 1 65  ARG 65  222 222 ARG ARG A . n 
A 1 66  ASN 66  223 223 ASN ASN A . n 
A 1 67  HIS 67  224 224 HIS HIS A . n 
A 1 68  GLU 68  225 225 GLU GLU A . n 
A 1 69  THR 69  226 226 THR THR A . n 
A 1 70  ALA 70  227 227 ALA ALA A . n 
A 1 71  PHE 71  228 228 PHE PHE A . n 
A 1 72  GLN 72  229 229 GLN GLN A . n 
A 1 73  GLY 73  230 230 GLY GLY A . n 
A 1 74  MET 74  231 231 MET MET A . n 
A 1 75  LEU 75  232 232 LEU LEU A . n 
A 1 76  ARG 76  233 233 ARG ARG A . n 
A 1 77  LYS 77  234 234 LYS LYS A . n 
A 1 78  LEU 78  235 235 LEU LEU A . n 
A 1 79  ASP 79  236 236 ASP ASP A . n 
A 1 80  ILE 80  237 237 ILE ILE A . n 
A 1 81  LYS 81  238 238 LYS LYS A . n 
A 1 82  ASN 82  239 239 ASN ASN A . n 
A 1 83  GLU 83  240 240 GLU GLU A . n 
A 1 84  ASP 84  241 241 ASP ASP A . n 
A 1 85  ASP 85  242 242 ASP ASP A . n 
A 1 86  VAL 86  243 243 VAL VAL A . n 
A 1 87  LYS 87  244 244 LYS LYS A . n 
A 1 88  SER 88  245 245 SER SER A . n 
A 1 89  LEU 89  246 246 LEU LEU A . n 
A 1 90  SER 90  247 247 SER SER A . n 
A 1 91  ARG 91  248 248 ARG ARG A . n 
A 1 92  VAL 92  249 249 VAL VAL A . n 
A 1 93  MET 93  250 250 MET MET A . n 
A 1 94  ILE 94  251 251 ILE ILE A . n 
A 1 95  HIS 95  252 252 HIS HIS A . n 
A 1 96  VAL 96  253 253 VAL VAL A . n 
A 1 97  PHE 97  254 254 PHE PHE A . n 
A 1 98  SER 98  255 255 SER SER A . n 
A 1 99  ASP 99  256 256 ASP ASP A . n 
A 1 100 GLY 100 257 257 GLY GLY A . n 
A 1 101 VAL 101 258 258 VAL VAL A . n 
A 1 102 THR 102 259 259 THR THR A . n 
A 1 103 ASN 103 260 260 ASN ASN A . n 
A 1 104 TRP 104 261 261 TRP TRP A . n 
A 1 105 GLY 105 262 262 GLY GLY A . n 
A 1 106 ARG 106 263 263 ARG ARG A . n 
A 1 107 ILE 107 264 264 ILE ILE A . n 
A 1 108 VAL 108 265 265 VAL VAL A . n 
A 1 109 THR 109 266 266 THR THR A . n 
A 1 110 LEU 110 267 267 LEU LEU A . n 
A 1 111 ILE 111 268 268 ILE ILE A . n 
A 1 112 SER 112 269 269 SER SER A . n 
A 1 113 PHE 113 270 270 PHE PHE A . n 
A 1 114 GLY 114 271 271 GLY GLY A . n 
A 1 115 ALA 115 272 272 ALA ALA A . n 
A 1 116 PHE 116 273 273 PHE PHE A . n 
A 1 117 VAL 117 274 274 VAL VAL A . n 
A 1 118 ALA 118 275 275 ALA ALA A . n 
A 1 119 LYS 119 276 276 LYS LYS A . n 
A 1 120 HIS 120 277 277 HIS HIS A . n 
A 1 121 LEU 121 278 278 LEU LEU A . n 
A 1 122 LYS 122 279 279 LYS LYS A . n 
A 1 123 THR 123 280 280 THR THR A . n 
A 1 124 ILE 124 281 281 ILE ILE A . n 
A 1 125 ASN 125 282 282 ASN ASN A . n 
A 1 126 GLN 126 283 283 GLN GLN A . n 
A 1 127 GLU 127 284 284 GLU GLU A . n 
A 1 128 SER 128 285 285 SER SER A . n 
A 1 129 CYS 129 286 286 CYS CYS A . n 
A 1 130 ILE 130 287 287 ILE ILE A . n 
A 1 131 GLU 131 288 288 GLU GLU A . n 
A 1 132 PRO 132 289 289 PRO PRO A . n 
A 1 133 LEU 133 290 290 LEU LEU A . n 
A 1 134 ALA 134 291 291 ALA ALA A . n 
A 1 135 GLU 135 292 292 GLU GLU A . n 
A 1 136 SER 136 293 293 SER SER A . n 
A 1 137 ILE 137 294 294 ILE ILE A . n 
A 1 138 THR 138 295 295 THR THR A . n 
A 1 139 ASP 139 296 296 ASP ASP A . n 
A 1 140 VAL 140 297 297 VAL VAL A . n 
A 1 141 LEU 141 298 298 LEU LEU A . n 
A 1 142 VAL 142 299 299 VAL VAL A . n 
A 1 143 ARG 143 300 300 ARG ARG A . n 
A 1 144 THR 144 301 301 THR THR A . n 
A 1 145 LYS 145 302 302 LYS LYS A . n 
A 1 146 ARG 146 303 303 ARG ARG A . n 
A 1 147 ASP 147 304 304 ASP ASP A . n 
A 1 148 TRP 148 305 305 TRP TRP A . n 
A 1 149 LEU 149 306 306 LEU LEU A . n 
A 1 150 VAL 150 307 307 VAL VAL A . n 
A 1 151 LYS 151 308 308 LYS LYS A . n 
A 1 152 GLN 152 309 309 GLN GLN A . n 
A 1 153 ARG 153 310 310 ARG ARG A . n 
A 1 154 GLY 154 311 311 GLY GLY A . n 
A 1 155 TRP 155 312 312 TRP TRP A . n 
A 1 156 ASP 156 313 313 ASP ASP A . n 
A 1 157 GLY 157 314 314 GLY GLY A . n 
A 1 158 PHE 158 315 315 PHE PHE A . n 
A 1 159 VAL 159 316 316 VAL VAL A . n 
A 1 160 GLU 160 317 317 GLU GLU A . n 
A 1 161 PHE 161 318 318 PHE PHE A . n 
A 1 162 PHE 162 319 319 PHE PHE A . n 
A 1 163 HIS 163 320 320 HIS HIS A . n 
A 1 164 VAL 164 321 ?   ?   ?   A . n 
A 1 165 GLU 165 322 ?   ?   ?   A . n 
A 1 166 ASP 166 323 ?   ?   ?   A . n 
A 1 167 LEU 167 324 ?   ?   ?   A . n 
A 1 168 GLU 168 325 ?   ?   ?   A . n 
A 1 169 GLY 169 326 ?   ?   ?   A . n 
A 1 170 GLY 170 327 ?   ?   ?   A . n 
# 
loop_
_pdbx_nonpoly_scheme.asym_id 
_pdbx_nonpoly_scheme.entity_id 
_pdbx_nonpoly_scheme.mon_id 
_pdbx_nonpoly_scheme.ndb_seq_num 
_pdbx_nonpoly_scheme.pdb_seq_num 
_pdbx_nonpoly_scheme.auth_seq_num 
_pdbx_nonpoly_scheme.pdb_mon_id 
_pdbx_nonpoly_scheme.auth_mon_id 
_pdbx_nonpoly_scheme.pdb_strand_id 
_pdbx_nonpoly_scheme.pdb_ins_code 
B 2 JLK 1  401 401 JLK 8C5 A . 
C 3 HOH 1  501 65  HOH HOH A . 
C 3 HOH 2  502 87  HOH HOH A . 
C 3 HOH 3  503 76  HOH HOH A . 
C 3 HOH 4  504 69  HOH HOH A . 
C 3 HOH 5  505 48  HOH HOH A . 
C 3 HOH 6  506 81  HOH HOH A . 
C 3 HOH 7  507 85  HOH HOH A . 
C 3 HOH 8  508 61  HOH HOH A . 
C 3 HOH 9  509 33  HOH HOH A . 
C 3 HOH 10 510 7   HOH HOH A . 
C 3 HOH 11 511 1   HOH HOH A . 
C 3 HOH 12 512 18  HOH HOH A . 
C 3 HOH 13 513 34  HOH HOH A . 
C 3 HOH 14 514 8   HOH HOH A . 
C 3 HOH 15 515 78  HOH HOH A . 
C 3 HOH 16 516 19  HOH HOH A . 
C 3 HOH 17 517 16  HOH HOH A . 
C 3 HOH 18 518 31  HOH HOH A . 
C 3 HOH 19 519 2   HOH HOH A . 
C 3 HOH 20 520 30  HOH HOH A . 
C 3 HOH 21 521 80  HOH HOH A . 
C 3 HOH 22 522 28  HOH HOH A . 
C 3 HOH 23 523 23  HOH HOH A . 
C 3 HOH 24 524 3   HOH HOH A . 
C 3 HOH 25 525 54  HOH HOH A . 
C 3 HOH 26 526 6   HOH HOH A . 
C 3 HOH 27 527 86  HOH HOH A . 
C 3 HOH 28 528 15  HOH HOH A . 
C 3 HOH 29 529 55  HOH HOH A . 
C 3 HOH 30 530 51  HOH HOH A . 
C 3 HOH 31 531 42  HOH HOH A . 
C 3 HOH 32 532 41  HOH HOH A . 
C 3 HOH 33 533 40  HOH HOH A . 
C 3 HOH 34 534 24  HOH HOH A . 
C 3 HOH 35 535 12  HOH HOH A . 
C 3 HOH 36 536 22  HOH HOH A . 
C 3 HOH 37 537 5   HOH HOH A . 
C 3 HOH 38 538 50  HOH HOH A . 
C 3 HOH 39 539 52  HOH HOH A . 
C 3 HOH 40 540 64  HOH HOH A . 
C 3 HOH 41 541 4   HOH HOH A . 
C 3 HOH 42 542 36  HOH HOH A . 
C 3 HOH 43 543 75  HOH HOH A . 
C 3 HOH 44 544 82  HOH HOH A . 
C 3 HOH 45 545 45  HOH HOH A . 
C 3 HOH 46 546 74  HOH HOH A . 
C 3 HOH 47 547 13  HOH HOH A . 
C 3 HOH 48 548 17  HOH HOH A . 
C 3 HOH 49 549 44  HOH HOH A . 
C 3 HOH 50 550 59  HOH HOH A . 
C 3 HOH 51 551 58  HOH HOH A . 
C 3 HOH 52 552 25  HOH HOH A . 
C 3 HOH 53 553 49  HOH HOH A . 
C 3 HOH 54 554 29  HOH HOH A . 
C 3 HOH 55 555 11  HOH HOH A . 
C 3 HOH 56 556 46  HOH HOH A . 
C 3 HOH 57 557 10  HOH HOH A . 
C 3 HOH 58 558 21  HOH HOH A . 
C 3 HOH 59 559 26  HOH HOH A . 
C 3 HOH 60 560 14  HOH HOH A . 
C 3 HOH 61 561 72  HOH HOH A . 
C 3 HOH 62 562 73  HOH HOH A . 
C 3 HOH 63 563 43  HOH HOH A . 
C 3 HOH 64 564 88  HOH HOH A . 
C 3 HOH 65 565 89  HOH HOH A . 
C 3 HOH 66 566 67  HOH HOH A . 
C 3 HOH 67 567 27  HOH HOH A . 
C 3 HOH 68 568 83  HOH HOH A . 
C 3 HOH 69 569 39  HOH HOH A . 
C 3 HOH 70 570 84  HOH HOH A . 
C 3 HOH 71 571 9   HOH HOH A . 
C 3 HOH 72 572 70  HOH HOH A . 
C 3 HOH 73 573 71  HOH HOH A . 
C 3 HOH 74 574 37  HOH HOH A . 
C 3 HOH 75 575 56  HOH HOH A . 
C 3 HOH 76 576 79  HOH HOH A . 
C 3 HOH 77 577 38  HOH HOH A . 
C 3 HOH 78 578 77  HOH HOH A . 
C 3 HOH 79 579 66  HOH HOH A . 
C 3 HOH 80 580 68  HOH HOH A . 
C 3 HOH 81 581 53  HOH HOH A . 
C 3 HOH 82 582 63  HOH HOH A . 
# 
loop_
_pdbx_unobs_or_zero_occ_atoms.id 
_pdbx_unobs_or_zero_occ_atoms.PDB_model_num 
_pdbx_unobs_or_zero_occ_atoms.polymer_flag 
_pdbx_unobs_or_zero_occ_atoms.occupancy_flag 
_pdbx_unobs_or_zero_occ_atoms.auth_asym_id 
_pdbx_unobs_or_zero_occ_atoms.auth_comp_id 
_pdbx_unobs_or_zero_occ_atoms.auth_seq_id 
_pdbx_unobs_or_zero_occ_atoms.PDB_ins_code 
_pdbx_unobs_or_zero_occ_atoms.auth_atom_id 
_pdbx_unobs_or_zero_occ_atoms.label_alt_id 
_pdbx_unobs_or_zero_occ_atoms.label_asym_id 
_pdbx_unobs_or_zero_occ_atoms.label_comp_id 
_pdbx_unobs_or_zero_occ_atoms.label_seq_id 
_pdbx_unobs_or_zero_occ_atoms.label_atom_id 
1  1 Y 1 A LYS 197 ? CG  ? A LYS 40  CG  
2  1 Y 1 A LYS 197 ? CD  ? A LYS 40  CD  
3  1 Y 1 A LYS 197 ? CE  ? A LYS 40  CE  
4  1 Y 1 A LYS 197 ? NZ  ? A LYS 40  NZ  
5  1 Y 1 A ARG 201 ? CG  ? A ARG 44  CG  
6  1 Y 1 A ARG 201 ? CD  ? A ARG 44  CD  
7  1 Y 1 A ARG 201 ? NE  ? A ARG 44  NE  
8  1 Y 1 A ARG 201 ? CZ  ? A ARG 44  CZ  
9  1 Y 1 A ARG 201 ? NH1 ? A ARG 44  NH1 
10 1 Y 1 A ARG 201 ? NH2 ? A ARG 44  NH2 
11 1 Y 1 A GLU 240 ? CG  ? A GLU 83  CG  
12 1 Y 1 A GLU 240 ? CD  ? A GLU 83  CD  
13 1 Y 1 A GLU 240 ? OE1 ? A GLU 83  OE1 
14 1 Y 1 A GLU 240 ? OE2 ? A GLU 83  OE2 
15 1 Y 1 A LYS 244 ? CG  ? A LYS 87  CG  
16 1 Y 1 A LYS 244 ? CD  ? A LYS 87  CD  
17 1 Y 1 A LYS 244 ? CE  ? A LYS 87  CE  
18 1 Y 1 A LYS 244 ? NZ  ? A LYS 87  NZ  
19 1 Y 1 A ARG 248 ? CG  ? A ARG 91  CG  
20 1 Y 1 A ARG 248 ? CD  ? A ARG 91  CD  
21 1 Y 1 A ARG 248 ? NE  ? A ARG 91  NE  
22 1 Y 1 A ARG 248 ? CZ  ? A ARG 91  CZ  
23 1 Y 1 A ARG 248 ? NH1 ? A ARG 91  NH1 
24 1 Y 1 A ARG 248 ? NH2 ? A ARG 91  NH2 
25 1 Y 1 A ARG 300 ? CG  ? A ARG 143 CG  
26 1 Y 1 A ARG 300 ? CD  ? A ARG 143 CD  
27 1 Y 1 A ARG 300 ? NE  ? A ARG 143 NE  
28 1 Y 1 A ARG 300 ? CZ  ? A ARG 143 CZ  
29 1 Y 1 A ARG 300 ? NH1 ? A ARG 143 NH1 
30 1 Y 1 A ARG 300 ? NH2 ? A ARG 143 NH2 
# 
loop_
_software.citation_id 
_software.classification 
_software.compiler_name 
_software.compiler_version 
_software.contact_author 
_software.contact_author_email 
_software.date 
_software.description 
_software.dependencies 
_software.hardware 
_software.language 
_software.location 
_software.mods 
_software.name 
_software.os 
_software.os_version 
_software.type 
_software.version 
_software.pdbx_ordinal 
? 'data reduction'  ? ? ? ? ? ? ? ? ? ? ? DENZO       ? ? ? .        1 
? refinement        ? ? ? ? ? ? ? ? ? ? ? REFMAC      ? ? ? 5.8.0238 2 
? 'data extraction' ? ? ? ? ? ? ? ? ? ? ? PDB_EXTRACT ? ? ? 3.24     3 
? 'data scaling'    ? ? ? ? ? ? ? ? ? ? ? SCALEPACK   ? ? ? .        4 
? phasing           ? ? ? ? ? ? ? ? ? ? ? MOLREP      ? ? ? .        5 
# 
_cell.angle_alpha                  90.000 
_cell.angle_alpha_esd              ? 
_cell.angle_beta                   90.000 
_cell.angle_beta_esd               ? 
_cell.angle_gamma                  120.000 
_cell.angle_gamma_esd              ? 
_cell.entry_id                     6QZB 
_cell.details                      ? 
_cell.formula_units_Z              ? 
_cell.length_a                     40.518 
_cell.length_a_esd                 ? 
_cell.length_b                     40.518 
_cell.length_b_esd                 ? 
_cell.length_c                     330.150 
_cell.length_c_esd                 ? 
_cell.volume                       ? 
_cell.volume_esd                   ? 
_cell.Z_PDB                        12 
_cell.reciprocal_angle_alpha       ? 
_cell.reciprocal_angle_beta        ? 
_cell.reciprocal_angle_gamma       ? 
_cell.reciprocal_angle_alpha_esd   ? 
_cell.reciprocal_angle_beta_esd    ? 
_cell.reciprocal_angle_gamma_esd   ? 
_cell.reciprocal_length_a          ? 
_cell.reciprocal_length_b          ? 
_cell.reciprocal_length_c          ? 
_cell.reciprocal_length_a_esd      ? 
_cell.reciprocal_length_b_esd      ? 
_cell.reciprocal_length_c_esd      ? 
_cell.pdbx_unique_axis             ? 
# 
_symmetry.entry_id                         6QZB 
_symmetry.cell_setting                     ? 
_symmetry.Int_Tables_number                179 
_symmetry.space_group_name_Hall            ? 
_symmetry.space_group_name_H-M             'P 65 2 2' 
_symmetry.pdbx_full_space_group_name_H-M   ? 
# 
_exptl.absorpt_coefficient_mu     ? 
_exptl.absorpt_correction_T_max   ? 
_exptl.absorpt_correction_T_min   ? 
_exptl.absorpt_correction_type    ? 
_exptl.absorpt_process_details    ? 
_exptl.entry_id                   6QZB 
_exptl.crystals_number            1 
_exptl.details                    ? 
_exptl.method                     'X-RAY DIFFRACTION' 
_exptl.method_details             ? 
# 
_exptl_crystal.colour                      ? 
_exptl_crystal.density_diffrn              ? 
_exptl_crystal.density_Matthews            2.01 
_exptl_crystal.density_method              ? 
_exptl_crystal.density_percent_sol         38.70 
_exptl_crystal.description                 ? 
_exptl_crystal.F_000                       ? 
_exptl_crystal.id                          1 
_exptl_crystal.preparation                 ? 
_exptl_crystal.size_max                    ? 
_exptl_crystal.size_mid                    ? 
_exptl_crystal.size_min                    ? 
_exptl_crystal.size_rad                    ? 
_exptl_crystal.colour_lustre               ? 
_exptl_crystal.colour_modifier             ? 
_exptl_crystal.colour_primary              ? 
_exptl_crystal.density_meas                ? 
_exptl_crystal.density_meas_esd            ? 
_exptl_crystal.density_meas_gt             ? 
_exptl_crystal.density_meas_lt             ? 
_exptl_crystal.density_meas_temp           ? 
_exptl_crystal.density_meas_temp_esd       ? 
_exptl_crystal.density_meas_temp_gt        ? 
_exptl_crystal.density_meas_temp_lt        ? 
_exptl_crystal.pdbx_crystal_image_url      ? 
_exptl_crystal.pdbx_crystal_image_format   ? 
_exptl_crystal.pdbx_mosaicity              ? 
_exptl_crystal.pdbx_mosaicity_esd          ? 
# 
_exptl_crystal_grow.apparatus       ? 
_exptl_crystal_grow.atmosphere      ? 
_exptl_crystal_grow.crystal_id      1 
_exptl_crystal_grow.details         ? 
_exptl_crystal_grow.method          'VAPOR DIFFUSION, SITTING DROP' 
_exptl_crystal_grow.method_ref      ? 
_exptl_crystal_grow.pH              6.5 
_exptl_crystal_grow.pressure        ? 
_exptl_crystal_grow.pressure_esd    ? 
_exptl_crystal_grow.seeding         ? 
_exptl_crystal_grow.seeding_ref     ? 
_exptl_crystal_grow.temp            293 
_exptl_crystal_grow.temp_details    ? 
_exptl_crystal_grow.temp_esd        ? 
_exptl_crystal_grow.time            ? 
_exptl_crystal_grow.pdbx_details    
'0.05M BIS-TRIS pH 6.5, 30% v/v Pentaerythritol ethoxylate (15/4 EO/OH), 0.05M Ammonium Sulphate' 
_exptl_crystal_grow.pdbx_pH_range   ? 
# 
_diffrn.ambient_environment              ? 
_diffrn.ambient_temp                     100 
_diffrn.ambient_temp_details             ? 
_diffrn.ambient_temp_esd                 ? 
_diffrn.crystal_id                       1 
_diffrn.crystal_support                  ? 
_diffrn.crystal_treatment                ? 
_diffrn.details                          ? 
_diffrn.id                               1 
_diffrn.ambient_pressure                 ? 
_diffrn.ambient_pressure_esd             ? 
_diffrn.ambient_pressure_gt              ? 
_diffrn.ambient_pressure_lt              ? 
_diffrn.ambient_temp_gt                  ? 
_diffrn.ambient_temp_lt                  ? 
_diffrn.pdbx_serial_crystal_experiment   N 
# 
_diffrn_detector.details                      ? 
_diffrn_detector.detector                     CCD 
_diffrn_detector.diffrn_id                    1 
_diffrn_detector.type                         'ADSC QUANTUM 315r' 
_diffrn_detector.area_resol_mean              ? 
_diffrn_detector.dtime                        ? 
_diffrn_detector.pdbx_frames_total            ? 
_diffrn_detector.pdbx_collection_time_total   ? 
_diffrn_detector.pdbx_collection_date         2009-10-15 
_diffrn_detector.pdbx_frequency               ? 
# 
_diffrn_radiation.collimation                      ? 
_diffrn_radiation.diffrn_id                        1 
_diffrn_radiation.filter_edge                      ? 
_diffrn_radiation.inhomogeneity                    ? 
_diffrn_radiation.monochromator                    Mirrors 
_diffrn_radiation.polarisn_norm                    ? 
_diffrn_radiation.polarisn_ratio                   ? 
_diffrn_radiation.probe                            ? 
_diffrn_radiation.type                             ? 
_diffrn_radiation.xray_symbol                      ? 
_diffrn_radiation.wavelength_id                    1 
_diffrn_radiation.pdbx_monochromatic_or_laue_m_l   M 
_diffrn_radiation.pdbx_wavelength_list             ? 
_diffrn_radiation.pdbx_wavelength                  ? 
_diffrn_radiation.pdbx_diffrn_protocol             'SINGLE WAVELENGTH' 
_diffrn_radiation.pdbx_analyzer                    ? 
_diffrn_radiation.pdbx_scattering_type             x-ray 
# 
_diffrn_radiation_wavelength.id           1 
_diffrn_radiation_wavelength.wavelength   0.9763 
_diffrn_radiation_wavelength.wt           1.0 
# 
_diffrn_source.current                     ? 
_diffrn_source.details                     ? 
_diffrn_source.diffrn_id                   1 
_diffrn_source.power                       ? 
_diffrn_source.size                        ? 
_diffrn_source.source                      SYNCHROTRON 
_diffrn_source.target                      ? 
_diffrn_source.type                        'DIAMOND BEAMLINE I03' 
_diffrn_source.voltage                     ? 
_diffrn_source.take-off_angle              ? 
_diffrn_source.pdbx_wavelength_list        0.9763 
_diffrn_source.pdbx_wavelength             ? 
_diffrn_source.pdbx_synchrotron_beamline   I03 
_diffrn_source.pdbx_synchrotron_site       Diamond 
# 
_reflns.B_iso_Wilson_estimate            ? 
_reflns.entry_id                         6QZB 
_reflns.data_reduction_details           ? 
_reflns.data_reduction_method            ? 
_reflns.d_resolution_high                2.00 
_reflns.d_resolution_low                 25.0 
_reflns.details                          ? 
_reflns.limit_h_max                      ? 
_reflns.limit_h_min                      ? 
_reflns.limit_k_max                      ? 
_reflns.limit_k_min                      ? 
_reflns.limit_l_max                      ? 
_reflns.limit_l_min                      ? 
_reflns.number_all                       ? 
_reflns.number_obs                       11785 
_reflns.observed_criterion               ? 
_reflns.observed_criterion_F_max         ? 
_reflns.observed_criterion_F_min         ? 
_reflns.observed_criterion_I_max         ? 
_reflns.observed_criterion_I_min         ? 
_reflns.observed_criterion_sigma_F       ? 
_reflns.observed_criterion_sigma_I       ? 
_reflns.percent_possible_obs             97.2 
_reflns.R_free_details                   ? 
_reflns.Rmerge_F_all                     ? 
_reflns.Rmerge_F_obs                     ? 
_reflns.Friedel_coverage                 ? 
_reflns.number_gt                        ? 
_reflns.threshold_expression             ? 
_reflns.pdbx_redundancy                  4.3 
_reflns.pdbx_Rmerge_I_obs                0.073 
_reflns.pdbx_Rmerge_I_all                ? 
_reflns.pdbx_Rsym_value                  ? 
_reflns.pdbx_netI_over_av_sigmaI         ? 
_reflns.pdbx_netI_over_sigmaI            38.9 
_reflns.pdbx_res_netI_over_av_sigmaI_2   ? 
_reflns.pdbx_res_netI_over_sigmaI_2      ? 
_reflns.pdbx_chi_squared                 ? 
_reflns.pdbx_scaling_rejects             ? 
_reflns.pdbx_d_res_high_opt              ? 
_reflns.pdbx_d_res_low_opt               ? 
_reflns.pdbx_d_res_opt_method            ? 
_reflns.phase_calculation_details        ? 
_reflns.pdbx_Rrim_I_all                  ? 
_reflns.pdbx_Rpim_I_all                  ? 
_reflns.pdbx_d_opt                       ? 
_reflns.pdbx_number_measured_all         ? 
_reflns.pdbx_diffrn_id                   1 
_reflns.pdbx_ordinal                     1 
_reflns.pdbx_CC_half                     ? 
_reflns.pdbx_R_split                     ? 
# 
_reflns_shell.d_res_high                  2.00 
_reflns_shell.d_res_low                   2.07 
_reflns_shell.meanI_over_sigI_all         ? 
_reflns_shell.meanI_over_sigI_obs         7.2 
_reflns_shell.number_measured_all         ? 
_reflns_shell.number_measured_obs         ? 
_reflns_shell.number_possible             ? 
_reflns_shell.number_unique_all           ? 
_reflns_shell.number_unique_obs           1145 
_reflns_shell.percent_possible_all        99.4 
_reflns_shell.percent_possible_obs        ? 
_reflns_shell.Rmerge_F_all                ? 
_reflns_shell.Rmerge_F_obs                ? 
_reflns_shell.Rmerge_I_all                ? 
_reflns_shell.Rmerge_I_obs                0.209 
_reflns_shell.meanI_over_sigI_gt          ? 
_reflns_shell.meanI_over_uI_all           ? 
_reflns_shell.meanI_over_uI_gt            ? 
_reflns_shell.number_measured_gt          ? 
_reflns_shell.number_unique_gt            ? 
_reflns_shell.percent_possible_gt         ? 
_reflns_shell.Rmerge_F_gt                 ? 
_reflns_shell.Rmerge_I_gt                 ? 
_reflns_shell.pdbx_redundancy             4.6 
_reflns_shell.pdbx_Rsym_value             ? 
_reflns_shell.pdbx_chi_squared            ? 
_reflns_shell.pdbx_netI_over_sigmaI_all   ? 
_reflns_shell.pdbx_netI_over_sigmaI_obs   ? 
_reflns_shell.pdbx_Rrim_I_all             ? 
_reflns_shell.pdbx_Rpim_I_all             ? 
_reflns_shell.pdbx_rejects                ? 
_reflns_shell.pdbx_ordinal                1 
_reflns_shell.pdbx_diffrn_id              1 
_reflns_shell.pdbx_CC_half                ? 
_reflns_shell.pdbx_R_split                ? 
# 
_refine.aniso_B[1][1]                            0.2300 
_refine.aniso_B[1][2]                            0.1100 
_refine.aniso_B[1][3]                            0.0000 
_refine.aniso_B[2][2]                            0.2300 
_refine.aniso_B[2][3]                            -0.0000 
_refine.aniso_B[3][3]                            -0.7500 
_refine.B_iso_max                                85.860 
_refine.B_iso_mean                               36.9640 
_refine.B_iso_min                                23.170 
_refine.correlation_coeff_Fo_to_Fc               0.9500 
_refine.correlation_coeff_Fo_to_Fc_free          0.9220 
_refine.details                                  
'HYDROGENS HAVE BEEN ADDED IN THE RIDING POSITIONS U VALUES      : REFINED INDIVIDUALLY' 
_refine.diff_density_max                         ? 
_refine.diff_density_max_esd                     ? 
_refine.diff_density_min                         ? 
_refine.diff_density_min_esd                     ? 
_refine.diff_density_rms                         ? 
_refine.diff_density_rms_esd                     ? 
_refine.entry_id                                 6QZB 
_refine.pdbx_refine_id                           'X-RAY DIFFRACTION' 
_refine.ls_abs_structure_details                 ? 
_refine.ls_abs_structure_Flack                   ? 
_refine.ls_abs_structure_Flack_esd               ? 
_refine.ls_abs_structure_Rogers                  ? 
_refine.ls_abs_structure_Rogers_esd              ? 
_refine.ls_d_res_high                            2.0000 
_refine.ls_d_res_low                             15.0000 
_refine.ls_extinction_coef                       ? 
_refine.ls_extinction_coef_esd                   ? 
_refine.ls_extinction_expression                 ? 
_refine.ls_extinction_method                     ? 
_refine.ls_goodness_of_fit_all                   ? 
_refine.ls_goodness_of_fit_all_esd               ? 
_refine.ls_goodness_of_fit_obs                   ? 
_refine.ls_goodness_of_fit_obs_esd               ? 
_refine.ls_hydrogen_treatment                    ? 
_refine.ls_matrix_type                           ? 
_refine.ls_number_constraints                    ? 
_refine.ls_number_parameters                     ? 
_refine.ls_number_reflns_all                     ? 
_refine.ls_number_reflns_obs                     11176 
_refine.ls_number_reflns_R_free                  559 
_refine.ls_number_reflns_R_work                  ? 
_refine.ls_number_restraints                     ? 
_refine.ls_percent_reflns_obs                    97.7000 
_refine.ls_percent_reflns_R_free                 4.8000 
_refine.ls_R_factor_all                          ? 
_refine.ls_R_factor_obs                          0.2149 
_refine.ls_R_factor_R_free                       0.2687 
_refine.ls_R_factor_R_free_error                 ? 
_refine.ls_R_factor_R_free_error_details         ? 
_refine.ls_R_factor_R_work                       0.2122 
_refine.ls_R_Fsqd_factor_obs                     ? 
_refine.ls_R_I_factor_obs                        ? 
_refine.ls_redundancy_reflns_all                 ? 
_refine.ls_redundancy_reflns_obs                 ? 
_refine.ls_restrained_S_all                      ? 
_refine.ls_restrained_S_obs                      ? 
_refine.ls_shift_over_esd_max                    ? 
_refine.ls_shift_over_esd_mean                   ? 
_refine.ls_structure_factor_coef                 ? 
_refine.ls_weighting_details                     ? 
_refine.ls_weighting_scheme                      ? 
_refine.ls_wR_factor_all                         ? 
_refine.ls_wR_factor_obs                         ? 
_refine.ls_wR_factor_R_free                      ? 
_refine.ls_wR_factor_R_work                      ? 
_refine.occupancy_max                            ? 
_refine.occupancy_min                            ? 
_refine.solvent_model_details                    ? 
_refine.solvent_model_param_bsol                 ? 
_refine.solvent_model_param_ksol                 ? 
_refine.ls_R_factor_gt                           ? 
_refine.ls_goodness_of_fit_gt                    ? 
_refine.ls_goodness_of_fit_ref                   ? 
_refine.ls_shift_over_su_max                     ? 
_refine.ls_shift_over_su_max_lt                  ? 
_refine.ls_shift_over_su_mean                    ? 
_refine.ls_shift_over_su_mean_lt                 ? 
_refine.pdbx_ls_sigma_I                          ? 
_refine.pdbx_ls_sigma_F                          0.000 
_refine.pdbx_ls_sigma_Fsqd                       ? 
_refine.pdbx_data_cutoff_high_absF               ? 
_refine.pdbx_data_cutoff_high_rms_absF           ? 
_refine.pdbx_data_cutoff_low_absF                ? 
_refine.pdbx_isotropic_thermal_model             ? 
_refine.pdbx_ls_cross_valid_method               THROUGHOUT 
_refine.pdbx_method_to_determine_struct          'MOLECULAR REPLACEMENT' 
_refine.pdbx_starting_model                      6qfq 
_refine.pdbx_stereochemistry_target_values       ? 
_refine.pdbx_R_Free_selection_details            RANDOM 
_refine.pdbx_stereochem_target_val_spec_case     ? 
_refine.pdbx_overall_ESU_R                       0.2020 
_refine.pdbx_overall_ESU_R_Free                  0.1870 
_refine.pdbx_solvent_vdw_probe_radii             1.2000 
_refine.pdbx_solvent_ion_probe_radii             0.8000 
_refine.pdbx_solvent_shrinkage_radii             0.8000 
_refine.pdbx_real_space_R                        ? 
_refine.pdbx_density_correlation                 ? 
_refine.pdbx_pd_number_of_powder_patterns        ? 
_refine.pdbx_pd_number_of_points                 ? 
_refine.pdbx_pd_meas_number_of_points            ? 
_refine.pdbx_pd_proc_ls_prof_R_factor            ? 
_refine.pdbx_pd_proc_ls_prof_wR_factor           ? 
_refine.pdbx_pd_Marquardt_correlation_coeff      ? 
_refine.pdbx_pd_Fsqrd_R_factor                   ? 
_refine.pdbx_pd_ls_matrix_band_width             ? 
_refine.pdbx_overall_phase_error                 ? 
_refine.pdbx_overall_SU_R_free_Cruickshank_DPI   ? 
_refine.pdbx_overall_SU_R_free_Blow_DPI          ? 
_refine.pdbx_overall_SU_R_Blow_DPI               ? 
_refine.pdbx_TLS_residual_ADP_flag               ? 
_refine.pdbx_diffrn_id                           1 
_refine.overall_SU_B                             5.0010 
_refine.overall_SU_ML                            0.1360 
_refine.overall_SU_R_Cruickshank_DPI             0.2019 
_refine.overall_SU_R_free                        ? 
_refine.overall_FOM_free_R_set                   ? 
_refine.overall_FOM_work_R_set                   ? 
_refine.pdbx_average_fsc_overall                 ? 
_refine.pdbx_average_fsc_work                    ? 
_refine.pdbx_average_fsc_free                    ? 
# 
_refine_hist.pdbx_refine_id                   'X-RAY DIFFRACTION' 
_refine_hist.cycle_id                         final 
_refine_hist.details                          ? 
_refine_hist.d_res_high                       2.0000 
_refine_hist.d_res_low                        15.0000 
_refine_hist.number_atoms_solvent             82 
_refine_hist.number_atoms_total               1293 
_refine_hist.number_reflns_all                ? 
_refine_hist.number_reflns_obs                ? 
_refine_hist.number_reflns_R_free             ? 
_refine_hist.number_reflns_R_work             ? 
_refine_hist.R_factor_all                     ? 
_refine_hist.R_factor_obs                     ? 
_refine_hist.R_factor_R_free                  ? 
_refine_hist.R_factor_R_work                  ? 
_refine_hist.pdbx_number_residues_total       150 
_refine_hist.pdbx_B_iso_mean_ligand           32.08 
_refine_hist.pdbx_B_iso_mean_solvent          44.94 
_refine_hist.pdbx_number_atoms_protein        1181 
_refine_hist.pdbx_number_atoms_nucleic_acid   0 
_refine_hist.pdbx_number_atoms_ligand         30 
_refine_hist.pdbx_number_atoms_lipid          ? 
_refine_hist.pdbx_number_atoms_carb           ? 
_refine_hist.pdbx_pseudo_atom_details         ? 
# 
loop_
_refine_ls_restr.pdbx_refine_id 
_refine_ls_restr.criterion 
_refine_ls_restr.dev_ideal 
_refine_ls_restr.dev_ideal_target 
_refine_ls_restr.number 
_refine_ls_restr.rejects 
_refine_ls_restr.type 
_refine_ls_restr.weight 
_refine_ls_restr.pdbx_restraint_function 
'X-RAY DIFFRACTION' ? 0.010  0.013  1234 ? r_bond_refined_d       ? ? 
'X-RAY DIFFRACTION' ? 0.001  0.017  1142 ? r_bond_other_d         ? ? 
'X-RAY DIFFRACTION' ? 1.569  1.670  1667 ? r_angle_refined_deg    ? ? 
'X-RAY DIFFRACTION' ? 1.421  1.599  2601 ? r_angle_other_deg      ? ? 
'X-RAY DIFFRACTION' ? 4.817  5.000  149  ? r_dihedral_angle_1_deg ? ? 
'X-RAY DIFFRACTION' ? 31.403 21.176 68   ? r_dihedral_angle_2_deg ? ? 
'X-RAY DIFFRACTION' ? 14.445 15.000 213  ? r_dihedral_angle_3_deg ? ? 
'X-RAY DIFFRACTION' ? 20.477 15.000 11   ? r_dihedral_angle_4_deg ? ? 
'X-RAY DIFFRACTION' ? 0.079  0.200  158  ? r_chiral_restr         ? ? 
'X-RAY DIFFRACTION' ? 0.008  0.020  1392 ? r_gen_planes_refined   ? ? 
'X-RAY DIFFRACTION' ? 0.001  0.020  272  ? r_gen_planes_other     ? ? 
# 
_refine_ls_shell.pdbx_refine_id                   'X-RAY DIFFRACTION' 
_refine_ls_shell.d_res_high                       2.0010 
_refine_ls_shell.d_res_low                        2.1070 
_refine_ls_shell.number_reflns_all                1636 
_refine_ls_shell.number_reflns_obs                ? 
_refine_ls_shell.number_reflns_R_free             82 
_refine_ls_shell.number_reflns_R_work             1554 
_refine_ls_shell.percent_reflns_obs               99.3300 
_refine_ls_shell.percent_reflns_R_free            ? 
_refine_ls_shell.R_factor_all                     ? 
_refine_ls_shell.R_factor_obs                     ? 
_refine_ls_shell.R_factor_R_free                  0.3170 
_refine_ls_shell.R_factor_R_free_error            0.0000 
_refine_ls_shell.R_factor_R_work                  0.2690 
_refine_ls_shell.redundancy_reflns_all            ? 
_refine_ls_shell.redundancy_reflns_obs            ? 
_refine_ls_shell.wR_factor_all                    ? 
_refine_ls_shell.wR_factor_obs                    ? 
_refine_ls_shell.wR_factor_R_free                 ? 
_refine_ls_shell.wR_factor_R_work                 ? 
_refine_ls_shell.pdbx_total_number_of_bins_used   10 
_refine_ls_shell.pdbx_phase_error                 ? 
_refine_ls_shell.pdbx_fsc_work                    ? 
_refine_ls_shell.pdbx_fsc_free                    ? 
# 
_struct.entry_id                     6QZB 
_struct.title                        'Structure of Mcl-1 in complex with compound 8d' 
_struct.pdbx_model_details           ? 
_struct.pdbx_formula_weight          ? 
_struct.pdbx_formula_weight_method   ? 
_struct.pdbx_model_type_details      ? 
_struct.pdbx_CASP_flag               N 
# 
_struct_keywords.entry_id        6QZB 
_struct_keywords.text            'Apoptosis-inhibitor complex, Mcl1, Small molecule inhibitor, APOPTOSIS' 
_struct_keywords.pdbx_keywords   APOPTOSIS 
# 
loop_
_struct_asym.id 
_struct_asym.pdbx_blank_PDB_chainid_flag 
_struct_asym.pdbx_modified 
_struct_asym.entity_id 
_struct_asym.details 
A N N 1 ? 
B N N 2 ? 
C N N 3 ? 
# 
_struct_ref.id                         1 
_struct_ref.db_name                    UNP 
_struct_ref.db_code                    MCL1_HUMAN 
_struct_ref.pdbx_db_accession          Q07820 
_struct_ref.pdbx_db_isoform            ? 
_struct_ref.entity_id                  1 
_struct_ref.pdbx_seq_one_letter_code   
;EDELYRQSLEIISRYLREQATGAKDTKPMGRSGATSRKALETLRRVGDGVQRNHETAFQGMLRKLDIKNEDDVKSLSRVM
IHVFSDGVTNWGRIVTLISFGAFVAKHLKTINQESCIEPLAESITDVLVRTKRDWLVKQRGWDGFVEFFHVEDLEGG
;
_struct_ref.pdbx_align_begin           171 
# 
_struct_ref_seq.align_id                      1 
_struct_ref_seq.ref_id                        1 
_struct_ref_seq.pdbx_PDB_id_code              6QZB 
_struct_ref_seq.pdbx_strand_id                A 
_struct_ref_seq.seq_align_beg                 14 
_struct_ref_seq.pdbx_seq_align_beg_ins_code   ? 
_struct_ref_seq.seq_align_end                 170 
_struct_ref_seq.pdbx_seq_align_end_ins_code   ? 
_struct_ref_seq.pdbx_db_accession             Q07820 
_struct_ref_seq.db_align_beg                  171 
_struct_ref_seq.pdbx_db_align_beg_ins_code    ? 
_struct_ref_seq.db_align_end                  327 
_struct_ref_seq.pdbx_db_align_end_ins_code    ? 
_struct_ref_seq.pdbx_auth_seq_align_beg       171 
_struct_ref_seq.pdbx_auth_seq_align_end       327 
# 
loop_
_struct_ref_seq_dif.align_id 
_struct_ref_seq_dif.pdbx_pdb_id_code 
_struct_ref_seq_dif.mon_id 
_struct_ref_seq_dif.pdbx_pdb_strand_id 
_struct_ref_seq_dif.seq_num 
_struct_ref_seq_dif.pdbx_pdb_ins_code 
_struct_ref_seq_dif.pdbx_seq_db_name 
_struct_ref_seq_dif.pdbx_seq_db_accession_code 
_struct_ref_seq_dif.db_mon_id 
_struct_ref_seq_dif.pdbx_seq_db_seq_num 
_struct_ref_seq_dif.details 
_struct_ref_seq_dif.pdbx_auth_seq_num 
_struct_ref_seq_dif.pdbx_ordinal 
1 6QZB MET A 1  ? UNP Q07820 ? ? 'initiating methionine' 158 1  
1 6QZB HIS A 2  ? UNP Q07820 ? ? 'expression tag'        159 2  
1 6QZB HIS A 3  ? UNP Q07820 ? ? 'expression tag'        160 3  
1 6QZB HIS A 4  ? UNP Q07820 ? ? 'expression tag'        161 4  
1 6QZB HIS A 5  ? UNP Q07820 ? ? 'expression tag'        162 5  
1 6QZB HIS A 6  ? UNP Q07820 ? ? 'expression tag'        163 6  
1 6QZB HIS A 7  ? UNP Q07820 ? ? 'expression tag'        164 7  
1 6QZB LEU A 8  ? UNP Q07820 ? ? 'expression tag'        165 8  
1 6QZB VAL A 9  ? UNP Q07820 ? ? 'expression tag'        166 9  
1 6QZB PRO A 10 ? UNP Q07820 ? ? 'expression tag'        167 10 
1 6QZB ARG A 11 ? UNP Q07820 ? ? 'expression tag'        168 11 
1 6QZB GLY A 12 ? UNP Q07820 ? ? 'expression tag'        169 12 
1 6QZB SER A 13 ? UNP Q07820 ? ? 'expression tag'        170 13 
# 
_pdbx_struct_assembly.id                   1 
_pdbx_struct_assembly.details              author_defined_assembly 
_pdbx_struct_assembly.method_details       ? 
_pdbx_struct_assembly.oligomeric_details   monomeric 
_pdbx_struct_assembly.oligomeric_count     1 
# 
loop_
_pdbx_struct_assembly_prop.biol_id 
_pdbx_struct_assembly_prop.type 
_pdbx_struct_assembly_prop.value 
_pdbx_struct_assembly_prop.details 
1 'ABSA (A^2)' 0    ? 
1 MORE         0    ? 
1 'SSA (A^2)'  7770 ? 
# 
_pdbx_struct_assembly_gen.assembly_id       1 
_pdbx_struct_assembly_gen.oper_expression   1 
_pdbx_struct_assembly_gen.asym_id_list      A,B,C 
# 
_pdbx_struct_assembly_auth_evidence.id                     1 
_pdbx_struct_assembly_auth_evidence.assembly_id            1 
_pdbx_struct_assembly_auth_evidence.experimental_support   'gel filtration' 
_pdbx_struct_assembly_auth_evidence.details                ? 
# 
_pdbx_struct_oper_list.id                   1 
_pdbx_struct_oper_list.type                 'identity operation' 
_pdbx_struct_oper_list.name                 1_555 
_pdbx_struct_oper_list.symmetry_operation   x,y,z 
_pdbx_struct_oper_list.matrix[1][1]         1.0000000000 
_pdbx_struct_oper_list.matrix[1][2]         0.0000000000 
_pdbx_struct_oper_list.matrix[1][3]         0.0000000000 
_pdbx_struct_oper_list.vector[1]            0.0000000000 
_pdbx_struct_oper_list.matrix[2][1]         0.0000000000 
_pdbx_struct_oper_list.matrix[2][2]         1.0000000000 
_pdbx_struct_oper_list.matrix[2][3]         0.0000000000 
_pdbx_struct_oper_list.vector[2]            0.0000000000 
_pdbx_struct_oper_list.matrix[3][1]         0.0000000000 
_pdbx_struct_oper_list.matrix[3][2]         0.0000000000 
_pdbx_struct_oper_list.matrix[3][3]         1.0000000000 
_pdbx_struct_oper_list.vector[3]            0.0000000000 
# 
loop_
_struct_conf.conf_type_id 
_struct_conf.id 
_struct_conf.pdbx_PDB_helix_id 
_struct_conf.beg_label_comp_id 
_struct_conf.beg_label_asym_id 
_struct_conf.beg_label_seq_id 
_struct_conf.pdbx_beg_PDB_ins_code 
_struct_conf.end_label_comp_id 
_struct_conf.end_label_asym_id 
_struct_conf.end_label_seq_id 
_struct_conf.pdbx_end_PDB_ins_code 
_struct_conf.beg_auth_comp_id 
_struct_conf.beg_auth_asym_id 
_struct_conf.beg_auth_seq_id 
_struct_conf.end_auth_comp_id 
_struct_conf.end_auth_asym_id 
_struct_conf.end_auth_seq_id 
_struct_conf.pdbx_PDB_helix_class 
_struct_conf.details 
_struct_conf.pdbx_PDB_helix_length 
HELX_P HELX_P1 AA1 ASP A 15  ? GLY A 35  ? ASP A 172 GLY A 192 1 ? 21 
HELX_P HELX_P2 AA2 SER A 45  ? HIS A 67  ? SER A 202 HIS A 224 1 ? 23 
HELX_P HELX_P3 AA3 HIS A 67  ? ASP A 79  ? HIS A 224 ASP A 236 1 ? 13 
HELX_P HELX_P4 AA4 ASN A 82  ? SER A 88  ? ASN A 239 SER A 245 1 ? 7  
HELX_P HELX_P5 AA5 SER A 88  ? PHE A 97  ? SER A 245 PHE A 254 1 ? 10 
HELX_P HELX_P6 AA6 ASN A 103 ? ILE A 124 ? ASN A 260 ILE A 281 1 ? 22 
HELX_P HELX_P7 AA7 GLN A 126 ? SER A 128 ? GLN A 283 SER A 285 5 ? 3  
HELX_P HELX_P8 AA8 CYS A 129 ? GLN A 152 ? CYS A 286 GLN A 309 1 ? 24 
HELX_P HELX_P9 AA9 ARG A 153 ? HIS A 163 ? ARG A 310 HIS A 320 1 ? 11 
# 
_struct_conf_type.id          HELX_P 
_struct_conf_type.criteria    ? 
_struct_conf_type.reference   ? 
# 
_struct_site.id                   AC1 
_struct_site.pdbx_evidence_code   Software 
_struct_site.pdbx_auth_asym_id    A 
_struct_site.pdbx_auth_comp_id    JLK 
_struct_site.pdbx_auth_seq_id     401 
_struct_site.pdbx_auth_ins_code   ? 
_struct_site.pdbx_num_residues    10 
_struct_site.details              'binding site for residue JLK A 401' 
# 
loop_
_struct_site_gen.id 
_struct_site_gen.site_id 
_struct_site_gen.pdbx_num_res 
_struct_site_gen.label_comp_id 
_struct_site_gen.label_asym_id 
_struct_site_gen.label_seq_id 
_struct_site_gen.pdbx_auth_ins_code 
_struct_site_gen.auth_comp_id 
_struct_site_gen.auth_asym_id 
_struct_site_gen.auth_seq_id 
_struct_site_gen.label_atom_id 
_struct_site_gen.label_alt_id 
_struct_site_gen.symmetry 
_struct_site_gen.details 
1  AC1 10 HIS A 67  ? HIS A 224 . ? 1_555 ? 
2  AC1 10 HIS A 67  ? HIS A 224 . ? 8_555 ? 
3  AC1 10 PHE A 71  ? PHE A 228 . ? 1_555 ? 
4  AC1 10 MET A 74  ? MET A 231 . ? 1_555 ? 
5  AC1 10 VAL A 96  ? VAL A 253 . ? 1_555 ? 
6  AC1 10 ARG A 106 ? ARG A 263 . ? 1_555 ? 
7  AC1 10 THR A 109 ? THR A 266 . ? 1_555 ? 
8  AC1 10 PHE A 113 ? PHE A 270 . ? 1_555 ? 
9  AC1 10 HOH C .   ? HOH A 511 . ? 1_555 ? 
10 AC1 10 HOH C .   ? HOH A 557 . ? 1_555 ? 
# 
_pdbx_validate_close_contact.id               1 
_pdbx_validate_close_contact.PDB_model_num    1 
_pdbx_validate_close_contact.auth_atom_id_1   OE1 
_pdbx_validate_close_contact.auth_asym_id_1   A 
_pdbx_validate_close_contact.auth_comp_id_1   GLU 
_pdbx_validate_close_contact.auth_seq_id_1    173 
_pdbx_validate_close_contact.PDB_ins_code_1   ? 
_pdbx_validate_close_contact.label_alt_id_1   ? 
_pdbx_validate_close_contact.auth_atom_id_2   O 
_pdbx_validate_close_contact.auth_asym_id_2   A 
_pdbx_validate_close_contact.auth_comp_id_2   HOH 
_pdbx_validate_close_contact.auth_seq_id_2    501 
_pdbx_validate_close_contact.PDB_ins_code_2   ? 
_pdbx_validate_close_contact.label_alt_id_2   ? 
_pdbx_validate_close_contact.dist             2.10 
# 
loop_
_pdbx_validate_symm_contact.id 
_pdbx_validate_symm_contact.PDB_model_num 
_pdbx_validate_symm_contact.auth_atom_id_1 
_pdbx_validate_symm_contact.auth_asym_id_1 
_pdbx_validate_symm_contact.auth_comp_id_1 
_pdbx_validate_symm_contact.auth_seq_id_1 
_pdbx_validate_symm_contact.PDB_ins_code_1 
_pdbx_validate_symm_contact.label_alt_id_1 
_pdbx_validate_symm_contact.site_symmetry_1 
_pdbx_validate_symm_contact.auth_atom_id_2 
_pdbx_validate_symm_contact.auth_asym_id_2 
_pdbx_validate_symm_contact.auth_comp_id_2 
_pdbx_validate_symm_contact.auth_seq_id_2 
_pdbx_validate_symm_contact.PDB_ins_code_2 
_pdbx_validate_symm_contact.label_alt_id_2 
_pdbx_validate_symm_contact.site_symmetry_2 
_pdbx_validate_symm_contact.dist 
1 1 O A HOH 577 ? ? 1_555 O A HOH 577 ? ? 10_555 1.85 
2 1 O A HOH 570 ? ? 1_555 O A HOH 570 ? ? 8_555  2.05 
3 1 O A HOH 570 ? ? 1_555 O A HOH 571 ? ? 8_555  2.16 
# 
_pdbx_validate_torsion.id              1 
_pdbx_validate_torsion.PDB_model_num   1 
_pdbx_validate_torsion.auth_comp_id    ASP 
_pdbx_validate_torsion.auth_asym_id    A 
_pdbx_validate_torsion.auth_seq_id     172 
_pdbx_validate_torsion.PDB_ins_code    ? 
_pdbx_validate_torsion.label_alt_id    ? 
_pdbx_validate_torsion.phi             -152.53 
_pdbx_validate_torsion.psi             77.23 
# 
_pdbx_struct_special_symmetry.id              1 
_pdbx_struct_special_symmetry.PDB_model_num   1 
_pdbx_struct_special_symmetry.auth_asym_id    A 
_pdbx_struct_special_symmetry.auth_comp_id    HOH 
_pdbx_struct_special_symmetry.auth_seq_id     582 
_pdbx_struct_special_symmetry.PDB_ins_code    ? 
_pdbx_struct_special_symmetry.label_asym_id   C 
_pdbx_struct_special_symmetry.label_comp_id   HOH 
_pdbx_struct_special_symmetry.label_seq_id    . 
# 
loop_
_pdbx_unobs_or_zero_occ_residues.id 
_pdbx_unobs_or_zero_occ_residues.PDB_model_num 
_pdbx_unobs_or_zero_occ_residues.polymer_flag 
_pdbx_unobs_or_zero_occ_residues.occupancy_flag 
_pdbx_unobs_or_zero_occ_residues.auth_asym_id 
_pdbx_unobs_or_zero_occ_residues.auth_comp_id 
_pdbx_unobs_or_zero_occ_residues.auth_seq_id 
_pdbx_unobs_or_zero_occ_residues.PDB_ins_code 
_pdbx_unobs_or_zero_occ_residues.label_asym_id 
_pdbx_unobs_or_zero_occ_residues.label_comp_id 
_pdbx_unobs_or_zero_occ_residues.label_seq_id 
1  1 Y 1 A MET 158 ? A MET 1   
2  1 Y 1 A HIS 159 ? A HIS 2   
3  1 Y 1 A HIS 160 ? A HIS 3   
4  1 Y 1 A HIS 161 ? A HIS 4   
5  1 Y 1 A HIS 162 ? A HIS 5   
6  1 Y 1 A HIS 163 ? A HIS 6   
7  1 Y 1 A HIS 164 ? A HIS 7   
8  1 Y 1 A LEU 165 ? A LEU 8   
9  1 Y 1 A VAL 166 ? A VAL 9   
10 1 Y 1 A PRO 167 ? A PRO 10  
11 1 Y 1 A ARG 168 ? A ARG 11  
12 1 Y 1 A GLY 169 ? A GLY 12  
13 1 Y 1 A SER 170 ? A SER 13  
14 1 Y 1 A VAL 321 ? A VAL 164 
15 1 Y 1 A GLU 322 ? A GLU 165 
16 1 Y 1 A ASP 323 ? A ASP 166 
17 1 Y 1 A LEU 324 ? A LEU 167 
18 1 Y 1 A GLU 325 ? A GLU 168 
19 1 Y 1 A GLY 326 ? A GLY 169 
20 1 Y 1 A GLY 327 ? A GLY 170 
# 
loop_
_chem_comp_atom.comp_id 
_chem_comp_atom.atom_id 
_chem_comp_atom.type_symbol 
_chem_comp_atom.pdbx_aromatic_flag 
_chem_comp_atom.pdbx_stereo_config 
_chem_comp_atom.pdbx_ordinal 
ALA N    N N N 1   
ALA CA   C N S 2   
ALA C    C N N 3   
ALA O    O N N 4   
ALA CB   C N N 5   
ALA OXT  O N N 6   
ALA H    H N N 7   
ALA H2   H N N 8   
ALA HA   H N N 9   
ALA HB1  H N N 10  
ALA HB2  H N N 11  
ALA HB3  H N N 12  
ALA HXT  H N N 13  
ARG N    N N N 14  
ARG CA   C N S 15  
ARG C    C N N 16  
ARG O    O N N 17  
ARG CB   C N N 18  
ARG CG   C N N 19  
ARG CD   C N N 20  
ARG NE   N N N 21  
ARG CZ   C N N 22  
ARG NH1  N N N 23  
ARG NH2  N N N 24  
ARG OXT  O N N 25  
ARG H    H N N 26  
ARG H2   H N N 27  
ARG HA   H N N 28  
ARG HB2  H N N 29  
ARG HB3  H N N 30  
ARG HG2  H N N 31  
ARG HG3  H N N 32  
ARG HD2  H N N 33  
ARG HD3  H N N 34  
ARG HE   H N N 35  
ARG HH11 H N N 36  
ARG HH12 H N N 37  
ARG HH21 H N N 38  
ARG HH22 H N N 39  
ARG HXT  H N N 40  
ASN N    N N N 41  
ASN CA   C N S 42  
ASN C    C N N 43  
ASN O    O N N 44  
ASN CB   C N N 45  
ASN CG   C N N 46  
ASN OD1  O N N 47  
ASN ND2  N N N 48  
ASN OXT  O N N 49  
ASN H    H N N 50  
ASN H2   H N N 51  
ASN HA   H N N 52  
ASN HB2  H N N 53  
ASN HB3  H N N 54  
ASN HD21 H N N 55  
ASN HD22 H N N 56  
ASN HXT  H N N 57  
ASP N    N N N 58  
ASP CA   C N S 59  
ASP C    C N N 60  
ASP O    O N N 61  
ASP CB   C N N 62  
ASP CG   C N N 63  
ASP OD1  O N N 64  
ASP OD2  O N N 65  
ASP OXT  O N N 66  
ASP H    H N N 67  
ASP H2   H N N 68  
ASP HA   H N N 69  
ASP HB2  H N N 70  
ASP HB3  H N N 71  
ASP HD2  H N N 72  
ASP HXT  H N N 73  
CYS N    N N N 74  
CYS CA   C N R 75  
CYS C    C N N 76  
CYS O    O N N 77  
CYS CB   C N N 78  
CYS SG   S N N 79  
CYS OXT  O N N 80  
CYS H    H N N 81  
CYS H2   H N N 82  
CYS HA   H N N 83  
CYS HB2  H N N 84  
CYS HB3  H N N 85  
CYS HG   H N N 86  
CYS HXT  H N N 87  
GLN N    N N N 88  
GLN CA   C N S 89  
GLN C    C N N 90  
GLN O    O N N 91  
GLN CB   C N N 92  
GLN CG   C N N 93  
GLN CD   C N N 94  
GLN OE1  O N N 95  
GLN NE2  N N N 96  
GLN OXT  O N N 97  
GLN H    H N N 98  
GLN H2   H N N 99  
GLN HA   H N N 100 
GLN HB2  H N N 101 
GLN HB3  H N N 102 
GLN HG2  H N N 103 
GLN HG3  H N N 104 
GLN HE21 H N N 105 
GLN HE22 H N N 106 
GLN HXT  H N N 107 
GLU N    N N N 108 
GLU CA   C N S 109 
GLU C    C N N 110 
GLU O    O N N 111 
GLU CB   C N N 112 
GLU CG   C N N 113 
GLU CD   C N N 114 
GLU OE1  O N N 115 
GLU OE2  O N N 116 
GLU OXT  O N N 117 
GLU H    H N N 118 
GLU H2   H N N 119 
GLU HA   H N N 120 
GLU HB2  H N N 121 
GLU HB3  H N N 122 
GLU HG2  H N N 123 
GLU HG3  H N N 124 
GLU HE2  H N N 125 
GLU HXT  H N N 126 
GLY N    N N N 127 
GLY CA   C N N 128 
GLY C    C N N 129 
GLY O    O N N 130 
GLY OXT  O N N 131 
GLY H    H N N 132 
GLY H2   H N N 133 
GLY HA2  H N N 134 
GLY HA3  H N N 135 
GLY HXT  H N N 136 
HIS N    N N N 137 
HIS CA   C N S 138 
HIS C    C N N 139 
HIS O    O N N 140 
HIS CB   C N N 141 
HIS CG   C Y N 142 
HIS ND1  N Y N 143 
HIS CD2  C Y N 144 
HIS CE1  C Y N 145 
HIS NE2  N Y N 146 
HIS OXT  O N N 147 
HIS H    H N N 148 
HIS H2   H N N 149 
HIS HA   H N N 150 
HIS HB2  H N N 151 
HIS HB3  H N N 152 
HIS HD1  H N N 153 
HIS HD2  H N N 154 
HIS HE1  H N N 155 
HIS HE2  H N N 156 
HIS HXT  H N N 157 
HOH O    O N N 158 
HOH H1   H N N 159 
HOH H2   H N N 160 
ILE N    N N N 161 
ILE CA   C N S 162 
ILE C    C N N 163 
ILE O    O N N 164 
ILE CB   C N S 165 
ILE CG1  C N N 166 
ILE CG2  C N N 167 
ILE CD1  C N N 168 
ILE OXT  O N N 169 
ILE H    H N N 170 
ILE H2   H N N 171 
ILE HA   H N N 172 
ILE HB   H N N 173 
ILE HG12 H N N 174 
ILE HG13 H N N 175 
ILE HG21 H N N 176 
ILE HG22 H N N 177 
ILE HG23 H N N 178 
ILE HD11 H N N 179 
ILE HD12 H N N 180 
ILE HD13 H N N 181 
ILE HXT  H N N 182 
JLK N10  N N N 183 
JLK C11  C N R 184 
JLK C13  C N N 185 
JLK C18  C Y N 186 
JLK C19  C Y N 187 
JLK C20  C Y N 188 
JLK C21  C Y N 189 
JLK C22  C Y N 190 
JLK C23  C Y N 191 
JLK C24  C N N 192 
JLK C25  C Y N 193 
JLK C27  C Y N 194 
JLK C28  C Y N 195 
JLK C29  C Y N 196 
JLK C30  C Y N 197 
JLK C9   C Y N 198 
JLK C5   C Y N 199 
JLK C8   C Y N 200 
JLK C16  C N N 201 
JLK C17  C N N 202 
JLK S7   S Y N 203 
JLK C6   C Y N 204 
JLK N3   N Y N 205 
JLK C2   C Y N 206 
JLK N1   N Y N 207 
JLK C4   C Y N 208 
JLK O15  O N N 209 
JLK O14  O N N 210 
JLK C12  C N N 211 
JLK C26  C Y N 212 
JLK H1   H N N 213 
JLK H2   H N N 214 
JLK H3   H N N 215 
JLK H4   H N N 216 
JLK H5   H N N 217 
JLK H6   H N N 218 
JLK H7   H N N 219 
JLK H8   H N N 220 
JLK H9   H N N 221 
JLK H10  H N N 222 
JLK H11  H N N 223 
JLK H12  H N N 224 
JLK H13  H N N 225 
JLK H14  H N N 226 
JLK H15  H N N 227 
JLK H16  H N N 228 
JLK H17  H N N 229 
JLK H18  H N N 230 
JLK H19  H N N 231 
JLK H20  H N N 232 
JLK H21  H N N 233 
JLK H22  H N N 234 
JLK H23  H N N 235 
LEU N    N N N 236 
LEU CA   C N S 237 
LEU C    C N N 238 
LEU O    O N N 239 
LEU CB   C N N 240 
LEU CG   C N N 241 
LEU CD1  C N N 242 
LEU CD2  C N N 243 
LEU OXT  O N N 244 
LEU H    H N N 245 
LEU H2   H N N 246 
LEU HA   H N N 247 
LEU HB2  H N N 248 
LEU HB3  H N N 249 
LEU HG   H N N 250 
LEU HD11 H N N 251 
LEU HD12 H N N 252 
LEU HD13 H N N 253 
LEU HD21 H N N 254 
LEU HD22 H N N 255 
LEU HD23 H N N 256 
LEU HXT  H N N 257 
LYS N    N N N 258 
LYS CA   C N S 259 
LYS C    C N N 260 
LYS O    O N N 261 
LYS CB   C N N 262 
LYS CG   C N N 263 
LYS CD   C N N 264 
LYS CE   C N N 265 
LYS NZ   N N N 266 
LYS OXT  O N N 267 
LYS H    H N N 268 
LYS H2   H N N 269 
LYS HA   H N N 270 
LYS HB2  H N N 271 
LYS HB3  H N N 272 
LYS HG2  H N N 273 
LYS HG3  H N N 274 
LYS HD2  H N N 275 
LYS HD3  H N N 276 
LYS HE2  H N N 277 
LYS HE3  H N N 278 
LYS HZ1  H N N 279 
LYS HZ2  H N N 280 
LYS HZ3  H N N 281 
LYS HXT  H N N 282 
MET N    N N N 283 
MET CA   C N S 284 
MET C    C N N 285 
MET O    O N N 286 
MET CB   C N N 287 
MET CG   C N N 288 
MET SD   S N N 289 
MET CE   C N N 290 
MET OXT  O N N 291 
MET H    H N N 292 
MET H2   H N N 293 
MET HA   H N N 294 
MET HB2  H N N 295 
MET HB3  H N N 296 
MET HG2  H N N 297 
MET HG3  H N N 298 
MET HE1  H N N 299 
MET HE2  H N N 300 
MET HE3  H N N 301 
MET HXT  H N N 302 
PHE N    N N N 303 
PHE CA   C N S 304 
PHE C    C N N 305 
PHE O    O N N 306 
PHE CB   C N N 307 
PHE CG   C Y N 308 
PHE CD1  C Y N 309 
PHE CD2  C Y N 310 
PHE CE1  C Y N 311 
PHE CE2  C Y N 312 
PHE CZ   C Y N 313 
PHE OXT  O N N 314 
PHE H    H N N 315 
PHE H2   H N N 316 
PHE HA   H N N 317 
PHE HB2  H N N 318 
PHE HB3  H N N 319 
PHE HD1  H N N 320 
PHE HD2  H N N 321 
PHE HE1  H N N 322 
PHE HE2  H N N 323 
PHE HZ   H N N 324 
PHE HXT  H N N 325 
PRO N    N N N 326 
PRO CA   C N S 327 
PRO C    C N N 328 
PRO O    O N N 329 
PRO CB   C N N 330 
PRO CG   C N N 331 
PRO CD   C N N 332 
PRO OXT  O N N 333 
PRO H    H N N 334 
PRO HA   H N N 335 
PRO HB2  H N N 336 
PRO HB3  H N N 337 
PRO HG2  H N N 338 
PRO HG3  H N N 339 
PRO HD2  H N N 340 
PRO HD3  H N N 341 
PRO HXT  H N N 342 
SER N    N N N 343 
SER CA   C N S 344 
SER C    C N N 345 
SER O    O N N 346 
SER CB   C N N 347 
SER OG   O N N 348 
SER OXT  O N N 349 
SER H    H N N 350 
SER H2   H N N 351 
SER HA   H N N 352 
SER HB2  H N N 353 
SER HB3  H N N 354 
SER HG   H N N 355 
SER HXT  H N N 356 
THR N    N N N 357 
THR CA   C N S 358 
THR C    C N N 359 
THR O    O N N 360 
THR CB   C N R 361 
THR OG1  O N N 362 
THR CG2  C N N 363 
THR OXT  O N N 364 
THR H    H N N 365 
THR H2   H N N 366 
THR HA   H N N 367 
THR HB   H N N 368 
THR HG1  H N N 369 
THR HG21 H N N 370 
THR HG22 H N N 371 
THR HG23 H N N 372 
THR HXT  H N N 373 
TRP N    N N N 374 
TRP CA   C N S 375 
TRP C    C N N 376 
TRP O    O N N 377 
TRP CB   C N N 378 
TRP CG   C Y N 379 
TRP CD1  C Y N 380 
TRP CD2  C Y N 381 
TRP NE1  N Y N 382 
TRP CE2  C Y N 383 
TRP CE3  C Y N 384 
TRP CZ2  C Y N 385 
TRP CZ3  C Y N 386 
TRP CH2  C Y N 387 
TRP OXT  O N N 388 
TRP H    H N N 389 
TRP H2   H N N 390 
TRP HA   H N N 391 
TRP HB2  H N N 392 
TRP HB3  H N N 393 
TRP HD1  H N N 394 
TRP HE1  H N N 395 
TRP HE3  H N N 396 
TRP HZ2  H N N 397 
TRP HZ3  H N N 398 
TRP HH2  H N N 399 
TRP HXT  H N N 400 
TYR N    N N N 401 
TYR CA   C N S 402 
TYR C    C N N 403 
TYR O    O N N 404 
TYR CB   C N N 405 
TYR CG   C Y N 406 
TYR CD1  C Y N 407 
TYR CD2  C Y N 408 
TYR CE1  C Y N 409 
TYR CE2  C Y N 410 
TYR CZ   C Y N 411 
TYR OH   O N N 412 
TYR OXT  O N N 413 
TYR H    H N N 414 
TYR H2   H N N 415 
TYR HA   H N N 416 
TYR HB2  H N N 417 
TYR HB3  H N N 418 
TYR HD1  H N N 419 
TYR HD2  H N N 420 
TYR HE1  H N N 421 
TYR HE2  H N N 422 
TYR HH   H N N 423 
TYR HXT  H N N 424 
VAL N    N N N 425 
VAL CA   C N S 426 
VAL C    C N N 427 
VAL O    O N N 428 
VAL CB   C N N 429 
VAL CG1  C N N 430 
VAL CG2  C N N 431 
VAL OXT  O N N 432 
VAL H    H N N 433 
VAL H2   H N N 434 
VAL HA   H N N 435 
VAL HB   H N N 436 
VAL HG11 H N N 437 
VAL HG12 H N N 438 
VAL HG13 H N N 439 
VAL HG21 H N N 440 
VAL HG22 H N N 441 
VAL HG23 H N N 442 
VAL HXT  H N N 443 
# 
loop_
_chem_comp_bond.comp_id 
_chem_comp_bond.atom_id_1 
_chem_comp_bond.atom_id_2 
_chem_comp_bond.value_order 
_chem_comp_bond.pdbx_aromatic_flag 
_chem_comp_bond.pdbx_stereo_config 
_chem_comp_bond.pdbx_ordinal 
ALA N   CA   sing N N 1   
ALA N   H    sing N N 2   
ALA N   H2   sing N N 3   
ALA CA  C    sing N N 4   
ALA CA  CB   sing N N 5   
ALA CA  HA   sing N N 6   
ALA C   O    doub N N 7   
ALA C   OXT  sing N N 8   
ALA CB  HB1  sing N N 9   
ALA CB  HB2  sing N N 10  
ALA CB  HB3  sing N N 11  
ALA OXT HXT  sing N N 12  
ARG N   CA   sing N N 13  
ARG N   H    sing N N 14  
ARG N   H2   sing N N 15  
ARG CA  C    sing N N 16  
ARG CA  CB   sing N N 17  
ARG CA  HA   sing N N 18  
ARG C   O    doub N N 19  
ARG C   OXT  sing N N 20  
ARG CB  CG   sing N N 21  
ARG CB  HB2  sing N N 22  
ARG CB  HB3  sing N N 23  
ARG CG  CD   sing N N 24  
ARG CG  HG2  sing N N 25  
ARG CG  HG3  sing N N 26  
ARG CD  NE   sing N N 27  
ARG CD  HD2  sing N N 28  
ARG CD  HD3  sing N N 29  
ARG NE  CZ   sing N N 30  
ARG NE  HE   sing N N 31  
ARG CZ  NH1  sing N N 32  
ARG CZ  NH2  doub N N 33  
ARG NH1 HH11 sing N N 34  
ARG NH1 HH12 sing N N 35  
ARG NH2 HH21 sing N N 36  
ARG NH2 HH22 sing N N 37  
ARG OXT HXT  sing N N 38  
ASN N   CA   sing N N 39  
ASN N   H    sing N N 40  
ASN N   H2   sing N N 41  
ASN CA  C    sing N N 42  
ASN CA  CB   sing N N 43  
ASN CA  HA   sing N N 44  
ASN C   O    doub N N 45  
ASN C   OXT  sing N N 46  
ASN CB  CG   sing N N 47  
ASN CB  HB2  sing N N 48  
ASN CB  HB3  sing N N 49  
ASN CG  OD1  doub N N 50  
ASN CG  ND2  sing N N 51  
ASN ND2 HD21 sing N N 52  
ASN ND2 HD22 sing N N 53  
ASN OXT HXT  sing N N 54  
ASP N   CA   sing N N 55  
ASP N   H    sing N N 56  
ASP N   H2   sing N N 57  
ASP CA  C    sing N N 58  
ASP CA  CB   sing N N 59  
ASP CA  HA   sing N N 60  
ASP C   O    doub N N 61  
ASP C   OXT  sing N N 62  
ASP CB  CG   sing N N 63  
ASP CB  HB2  sing N N 64  
ASP CB  HB3  sing N N 65  
ASP CG  OD1  doub N N 66  
ASP CG  OD2  sing N N 67  
ASP OD2 HD2  sing N N 68  
ASP OXT HXT  sing N N 69  
CYS N   CA   sing N N 70  
CYS N   H    sing N N 71  
CYS N   H2   sing N N 72  
CYS CA  C    sing N N 73  
CYS CA  CB   sing N N 74  
CYS CA  HA   sing N N 75  
CYS C   O    doub N N 76  
CYS C   OXT  sing N N 77  
CYS CB  SG   sing N N 78  
CYS CB  HB2  sing N N 79  
CYS CB  HB3  sing N N 80  
CYS SG  HG   sing N N 81  
CYS OXT HXT  sing N N 82  
GLN N   CA   sing N N 83  
GLN N   H    sing N N 84  
GLN N   H2   sing N N 85  
GLN CA  C    sing N N 86  
GLN CA  CB   sing N N 87  
GLN CA  HA   sing N N 88  
GLN C   O    doub N N 89  
GLN C   OXT  sing N N 90  
GLN CB  CG   sing N N 91  
GLN CB  HB2  sing N N 92  
GLN CB  HB3  sing N N 93  
GLN CG  CD   sing N N 94  
GLN CG  HG2  sing N N 95  
GLN CG  HG3  sing N N 96  
GLN CD  OE1  doub N N 97  
GLN CD  NE2  sing N N 98  
GLN NE2 HE21 sing N N 99  
GLN NE2 HE22 sing N N 100 
GLN OXT HXT  sing N N 101 
GLU N   CA   sing N N 102 
GLU N   H    sing N N 103 
GLU N   H2   sing N N 104 
GLU CA  C    sing N N 105 
GLU CA  CB   sing N N 106 
GLU CA  HA   sing N N 107 
GLU C   O    doub N N 108 
GLU C   OXT  sing N N 109 
GLU CB  CG   sing N N 110 
GLU CB  HB2  sing N N 111 
GLU CB  HB3  sing N N 112 
GLU CG  CD   sing N N 113 
GLU CG  HG2  sing N N 114 
GLU CG  HG3  sing N N 115 
GLU CD  OE1  doub N N 116 
GLU CD  OE2  sing N N 117 
GLU OE2 HE2  sing N N 118 
GLU OXT HXT  sing N N 119 
GLY N   CA   sing N N 120 
GLY N   H    sing N N 121 
GLY N   H2   sing N N 122 
GLY CA  C    sing N N 123 
GLY CA  HA2  sing N N 124 
GLY CA  HA3  sing N N 125 
GLY C   O    doub N N 126 
GLY C   OXT  sing N N 127 
GLY OXT HXT  sing N N 128 
HIS N   CA   sing N N 129 
HIS N   H    sing N N 130 
HIS N   H2   sing N N 131 
HIS CA  C    sing N N 132 
HIS CA  CB   sing N N 133 
HIS CA  HA   sing N N 134 
HIS C   O    doub N N 135 
HIS C   OXT  sing N N 136 
HIS CB  CG   sing N N 137 
HIS CB  HB2  sing N N 138 
HIS CB  HB3  sing N N 139 
HIS CG  ND1  sing Y N 140 
HIS CG  CD2  doub Y N 141 
HIS ND1 CE1  doub Y N 142 
HIS ND1 HD1  sing N N 143 
HIS CD2 NE2  sing Y N 144 
HIS CD2 HD2  sing N N 145 
HIS CE1 NE2  sing Y N 146 
HIS CE1 HE1  sing N N 147 
HIS NE2 HE2  sing N N 148 
HIS OXT HXT  sing N N 149 
HOH O   H1   sing N N 150 
HOH O   H2   sing N N 151 
ILE N   CA   sing N N 152 
ILE N   H    sing N N 153 
ILE N   H2   sing N N 154 
ILE CA  C    sing N N 155 
ILE CA  CB   sing N N 156 
ILE CA  HA   sing N N 157 
ILE C   O    doub N N 158 
ILE C   OXT  sing N N 159 
ILE CB  CG1  sing N N 160 
ILE CB  CG2  sing N N 161 
ILE CB  HB   sing N N 162 
ILE CG1 CD1  sing N N 163 
ILE CG1 HG12 sing N N 164 
ILE CG1 HG13 sing N N 165 
ILE CG2 HG21 sing N N 166 
ILE CG2 HG22 sing N N 167 
ILE CG2 HG23 sing N N 168 
ILE CD1 HD11 sing N N 169 
ILE CD1 HD12 sing N N 170 
ILE CD1 HD13 sing N N 171 
ILE OXT HXT  sing N N 172 
JLK C28 C29  doub Y N 173 
JLK C28 C27  sing Y N 174 
JLK C29 C30  sing Y N 175 
JLK C27 C26  doub Y N 176 
JLK C30 C25  doub Y N 177 
JLK C26 C25  sing Y N 178 
JLK C25 C12  sing N N 179 
JLK C19 C22  doub Y N 180 
JLK C19 C20  sing Y N 181 
JLK C12 C11  sing N N 182 
JLK C22 C23  sing Y N 183 
JLK C20 C21  doub Y N 184 
JLK C23 C24  sing N N 185 
JLK C23 C18  doub Y N 186 
JLK C11 N10  sing N N 187 
JLK C11 C13  sing N N 188 
JLK C21 C18  sing Y N 189 
JLK N10 C4   sing N N 190 
JLK O14 C13  doub N N 191 
JLK C18 C9   sing N N 192 
JLK C13 O15  sing N N 193 
JLK C4  C5   doub Y N 194 
JLK C4  N1   sing Y N 195 
JLK C9  C5   sing Y N 196 
JLK C9  C8   doub Y N 197 
JLK C5  C6   sing Y N 198 
JLK N1  C2   doub Y N 199 
JLK C16 C8   sing N N 200 
JLK C16 C17  sing N N 201 
JLK C8  S7   sing Y N 202 
JLK C2  N3   sing Y N 203 
JLK C6  N3   doub Y N 204 
JLK C6  S7   sing Y N 205 
JLK N10 H1   sing N N 206 
JLK C11 H2   sing N N 207 
JLK C19 H3   sing N N 208 
JLK C20 H4   sing N N 209 
JLK C21 H5   sing N N 210 
JLK C22 H6   sing N N 211 
JLK C24 H7   sing N N 212 
JLK C24 H8   sing N N 213 
JLK C24 H9   sing N N 214 
JLK C27 H10  sing N N 215 
JLK C28 H11  sing N N 216 
JLK C29 H12  sing N N 217 
JLK C30 H13  sing N N 218 
JLK C16 H14  sing N N 219 
JLK C16 H15  sing N N 220 
JLK C17 H16  sing N N 221 
JLK C17 H17  sing N N 222 
JLK C17 H18  sing N N 223 
JLK C2  H19  sing N N 224 
JLK O15 H20  sing N N 225 
JLK C12 H21  sing N N 226 
JLK C12 H22  sing N N 227 
JLK C26 H23  sing N N 228 
LEU N   CA   sing N N 229 
LEU N   H    sing N N 230 
LEU N   H2   sing N N 231 
LEU CA  C    sing N N 232 
LEU CA  CB   sing N N 233 
LEU CA  HA   sing N N 234 
LEU C   O    doub N N 235 
LEU C   OXT  sing N N 236 
LEU CB  CG   sing N N 237 
LEU CB  HB2  sing N N 238 
LEU CB  HB3  sing N N 239 
LEU CG  CD1  sing N N 240 
LEU CG  CD2  sing N N 241 
LEU CG  HG   sing N N 242 
LEU CD1 HD11 sing N N 243 
LEU CD1 HD12 sing N N 244 
LEU CD1 HD13 sing N N 245 
LEU CD2 HD21 sing N N 246 
LEU CD2 HD22 sing N N 247 
LEU CD2 HD23 sing N N 248 
LEU OXT HXT  sing N N 249 
LYS N   CA   sing N N 250 
LYS N   H    sing N N 251 
LYS N   H2   sing N N 252 
LYS CA  C    sing N N 253 
LYS CA  CB   sing N N 254 
LYS CA  HA   sing N N 255 
LYS C   O    doub N N 256 
LYS C   OXT  sing N N 257 
LYS CB  CG   sing N N 258 
LYS CB  HB2  sing N N 259 
LYS CB  HB3  sing N N 260 
LYS CG  CD   sing N N 261 
LYS CG  HG2  sing N N 262 
LYS CG  HG3  sing N N 263 
LYS CD  CE   sing N N 264 
LYS CD  HD2  sing N N 265 
LYS CD  HD3  sing N N 266 
LYS CE  NZ   sing N N 267 
LYS CE  HE2  sing N N 268 
LYS CE  HE3  sing N N 269 
LYS NZ  HZ1  sing N N 270 
LYS NZ  HZ2  sing N N 271 
LYS NZ  HZ3  sing N N 272 
LYS OXT HXT  sing N N 273 
MET N   CA   sing N N 274 
MET N   H    sing N N 275 
MET N   H2   sing N N 276 
MET CA  C    sing N N 277 
MET CA  CB   sing N N 278 
MET CA  HA   sing N N 279 
MET C   O    doub N N 280 
MET C   OXT  sing N N 281 
MET CB  CG   sing N N 282 
MET CB  HB2  sing N N 283 
MET CB  HB3  sing N N 284 
MET CG  SD   sing N N 285 
MET CG  HG2  sing N N 286 
MET CG  HG3  sing N N 287 
MET SD  CE   sing N N 288 
MET CE  HE1  sing N N 289 
MET CE  HE2  sing N N 290 
MET CE  HE3  sing N N 291 
MET OXT HXT  sing N N 292 
PHE N   CA   sing N N 293 
PHE N   H    sing N N 294 
PHE N   H2   sing N N 295 
PHE CA  C    sing N N 296 
PHE CA  CB   sing N N 297 
PHE CA  HA   sing N N 298 
PHE C   O    doub N N 299 
PHE C   OXT  sing N N 300 
PHE CB  CG   sing N N 301 
PHE CB  HB2  sing N N 302 
PHE CB  HB3  sing N N 303 
PHE CG  CD1  doub Y N 304 
PHE CG  CD2  sing Y N 305 
PHE CD1 CE1  sing Y N 306 
PHE CD1 HD1  sing N N 307 
PHE CD2 CE2  doub Y N 308 
PHE CD2 HD2  sing N N 309 
PHE CE1 CZ   doub Y N 310 
PHE CE1 HE1  sing N N 311 
PHE CE2 CZ   sing Y N 312 
PHE CE2 HE2  sing N N 313 
PHE CZ  HZ   sing N N 314 
PHE OXT HXT  sing N N 315 
PRO N   CA   sing N N 316 
PRO N   CD   sing N N 317 
PRO N   H    sing N N 318 
PRO CA  C    sing N N 319 
PRO CA  CB   sing N N 320 
PRO CA  HA   sing N N 321 
PRO C   O    doub N N 322 
PRO C   OXT  sing N N 323 
PRO CB  CG   sing N N 324 
PRO CB  HB2  sing N N 325 
PRO CB  HB3  sing N N 326 
PRO CG  CD   sing N N 327 
PRO CG  HG2  sing N N 328 
PRO CG  HG3  sing N N 329 
PRO CD  HD2  sing N N 330 
PRO CD  HD3  sing N N 331 
PRO OXT HXT  sing N N 332 
SER N   CA   sing N N 333 
SER N   H    sing N N 334 
SER N   H2   sing N N 335 
SER CA  C    sing N N 336 
SER CA  CB   sing N N 337 
SER CA  HA   sing N N 338 
SER C   O    doub N N 339 
SER C   OXT  sing N N 340 
SER CB  OG   sing N N 341 
SER CB  HB2  sing N N 342 
SER CB  HB3  sing N N 343 
SER OG  HG   sing N N 344 
SER OXT HXT  sing N N 345 
THR N   CA   sing N N 346 
THR N   H    sing N N 347 
THR N   H2   sing N N 348 
THR CA  C    sing N N 349 
THR CA  CB   sing N N 350 
THR CA  HA   sing N N 351 
THR C   O    doub N N 352 
THR C   OXT  sing N N 353 
THR CB  OG1  sing N N 354 
THR CB  CG2  sing N N 355 
THR CB  HB   sing N N 356 
THR OG1 HG1  sing N N 357 
THR CG2 HG21 sing N N 358 
THR CG2 HG22 sing N N 359 
THR CG2 HG23 sing N N 360 
THR OXT HXT  sing N N 361 
TRP N   CA   sing N N 362 
TRP N   H    sing N N 363 
TRP N   H2   sing N N 364 
TRP CA  C    sing N N 365 
TRP CA  CB   sing N N 366 
TRP CA  HA   sing N N 367 
TRP C   O    doub N N 368 
TRP C   OXT  sing N N 369 
TRP CB  CG   sing N N 370 
TRP CB  HB2  sing N N 371 
TRP CB  HB3  sing N N 372 
TRP CG  CD1  doub Y N 373 
TRP CG  CD2  sing Y N 374 
TRP CD1 NE1  sing Y N 375 
TRP CD1 HD1  sing N N 376 
TRP CD2 CE2  doub Y N 377 
TRP CD2 CE3  sing Y N 378 
TRP NE1 CE2  sing Y N 379 
TRP NE1 HE1  sing N N 380 
TRP CE2 CZ2  sing Y N 381 
TRP CE3 CZ3  doub Y N 382 
TRP CE3 HE3  sing N N 383 
TRP CZ2 CH2  doub Y N 384 
TRP CZ2 HZ2  sing N N 385 
TRP CZ3 CH2  sing Y N 386 
TRP CZ3 HZ3  sing N N 387 
TRP CH2 HH2  sing N N 388 
TRP OXT HXT  sing N N 389 
TYR N   CA   sing N N 390 
TYR N   H    sing N N 391 
TYR N   H2   sing N N 392 
TYR CA  C    sing N N 393 
TYR CA  CB   sing N N 394 
TYR CA  HA   sing N N 395 
TYR C   O    doub N N 396 
TYR C   OXT  sing N N 397 
TYR CB  CG   sing N N 398 
TYR CB  HB2  sing N N 399 
TYR CB  HB3  sing N N 400 
TYR CG  CD1  doub Y N 401 
TYR CG  CD2  sing Y N 402 
TYR CD1 CE1  sing Y N 403 
TYR CD1 HD1  sing N N 404 
TYR CD2 CE2  doub Y N 405 
TYR CD2 HD2  sing N N 406 
TYR CE1 CZ   doub Y N 407 
TYR CE1 HE1  sing N N 408 
TYR CE2 CZ   sing Y N 409 
TYR CE2 HE2  sing N N 410 
TYR CZ  OH   sing N N 411 
TYR OH  HH   sing N N 412 
TYR OXT HXT  sing N N 413 
VAL N   CA   sing N N 414 
VAL N   H    sing N N 415 
VAL N   H2   sing N N 416 
VAL CA  C    sing N N 417 
VAL CA  CB   sing N N 418 
VAL CA  HA   sing N N 419 
VAL C   O    doub N N 420 
VAL C   OXT  sing N N 421 
VAL CB  CG1  sing N N 422 
VAL CB  CG2  sing N N 423 
VAL CB  HB   sing N N 424 
VAL CG1 HG11 sing N N 425 
VAL CG1 HG12 sing N N 426 
VAL CG1 HG13 sing N N 427 
VAL CG2 HG21 sing N N 428 
VAL CG2 HG22 sing N N 429 
VAL CG2 HG23 sing N N 430 
VAL OXT HXT  sing N N 431 
# 
_pdbx_entity_instance_feature.ordinal        1 
_pdbx_entity_instance_feature.comp_id        JLK 
_pdbx_entity_instance_feature.asym_id        ? 
_pdbx_entity_instance_feature.seq_num        ? 
_pdbx_entity_instance_feature.auth_comp_id   JLK 
_pdbx_entity_instance_feature.auth_asym_id   ? 
_pdbx_entity_instance_feature.auth_seq_num   ? 
_pdbx_entity_instance_feature.feature_type   'SUBJECT OF INVESTIGATION' 
_pdbx_entity_instance_feature.details        ? 
# 
_pdbx_initial_refinement_model.id               1 
_pdbx_initial_refinement_model.entity_id_list   ? 
_pdbx_initial_refinement_model.type             'experimental model' 
_pdbx_initial_refinement_model.source_name      PDB 
_pdbx_initial_refinement_model.accession_code   6QFQ 
_pdbx_initial_refinement_model.details          ? 
# 
_atom_sites.entry_id                    6QZB 
_atom_sites.fract_transf_matrix[1][1]   0.00145894 
_atom_sites.fract_transf_matrix[1][2]   -0.02554457 
_atom_sites.fract_transf_matrix[1][3]   -0.01254922 
_atom_sites.fract_transf_matrix[2][1]   0.02069862 
_atom_sites.fract_transf_matrix[2][2]   -0.00547464 
_atom_sites.fract_transf_matrix[2][3]   -0.01880775 
_atom_sites.fract_transf_matrix[3][1]   0.00177319 
_atom_sites.fract_transf_matrix[3][2]   -0.00100049 
_atom_sites.fract_transf_matrix[3][3]   0.00224269 
_atom_sites.fract_transf_vector[1]      0.120679 
_atom_sites.fract_transf_vector[2]      0.250424 
_atom_sites.fract_transf_vector[3]      0.037388 
# 
loop_
_atom_type.symbol 
C 
N 
O 
S 
# 
loop_
_atom_site.group_PDB 
_atom_site.id 
_atom_site.type_symbol 
_atom_site.label_atom_id 
_atom_site.label_alt_id 
_atom_site.label_comp_id 
_atom_site.label_asym_id 
_atom_site.label_entity_id 
_atom_site.label_seq_id 
_atom_site.pdbx_PDB_ins_code 
_atom_site.Cartn_x 
_atom_site.Cartn_y 
_atom_site.Cartn_z 
_atom_site.occupancy 
_atom_site.B_iso_or_equiv 
_atom_site.pdbx_formal_charge 
_atom_site.auth_seq_id 
_atom_site.auth_comp_id 
_atom_site.auth_asym_id 
_atom_site.auth_atom_id 
_atom_site.pdbx_PDB_model_num 
ATOM   1    N N   . GLU A 1 14  ? 8.024   -12.703 15.673  1.00 58.10 ? 171 GLU A N   1 
ATOM   2    C CA  . GLU A 1 14  ? 8.243   -11.329 16.234  1.00 47.97 ? 171 GLU A CA  1 
ATOM   3    C C   . GLU A 1 14  ? 6.934   -10.518 16.230  1.00 45.33 ? 171 GLU A C   1 
ATOM   4    O O   . GLU A 1 14  ? 6.352   -10.144 17.321  1.00 35.16 ? 171 GLU A O   1 
ATOM   5    C CB  . GLU A 1 14  ? 9.324   -10.656 15.385  1.00 45.74 ? 171 GLU A CB  1 
ATOM   6    C CG  . GLU A 1 14  ? 10.091  -9.641  16.194  1.00 54.50 ? 171 GLU A CG  1 
ATOM   7    C CD  . GLU A 1 14  ? 11.333  -9.091  15.528  1.00 60.25 ? 171 GLU A CD  1 
ATOM   8    O OE1 . GLU A 1 14  ? 11.479  -7.867  15.522  1.00 67.17 ? 171 GLU A OE1 1 
ATOM   9    O OE2 . GLU A 1 14  ? 12.154  -9.889  15.032  1.00 63.81 ? 171 GLU A OE2 1 
ATOM   10   N N   . ASP A 1 15  ? 6.517   -10.170 15.014  1.00 40.66 ? 172 ASP A N   1 
ATOM   11   C CA  . ASP A 1 15  ? 5.328   -9.334  14.720  1.00 32.92 ? 172 ASP A CA  1 
ATOM   12   C C   . ASP A 1 15  ? 4.862   -9.774  13.327  1.00 29.53 ? 172 ASP A C   1 
ATOM   13   O O   . ASP A 1 15  ? 5.199   -9.088  12.359  1.00 26.72 ? 172 ASP A O   1 
ATOM   14   C CB  . ASP A 1 15  ? 5.648   -7.849  14.843  1.00 31.01 ? 172 ASP A CB  1 
ATOM   15   C CG  . ASP A 1 15  ? 4.446   -6.964  14.581  1.00 32.23 ? 172 ASP A CG  1 
ATOM   16   O OD1 . ASP A 1 15  ? 3.365   -7.516  14.213  1.00 29.39 ? 172 ASP A OD1 1 
ATOM   17   O OD2 . ASP A 1 15  ? 4.617   -5.727  14.653  1.00 28.81 ? 172 ASP A OD2 1 
ATOM   18   N N   . GLU A 1 16  ? 4.194   -10.926 13.274  1.00 29.80 ? 173 GLU A N   1 
ATOM   19   C CA  . GLU A 1 16  ? 3.602   -11.536 12.066  1.00 32.97 ? 173 GLU A CA  1 
ATOM   20   C C   . GLU A 1 16  ? 2.705   -10.525 11.323  1.00 33.33 ? 173 GLU A C   1 
ATOM   21   O O   . GLU A 1 16  ? 2.789   -10.482 10.099  1.00 27.94 ? 173 GLU A O   1 
ATOM   22   C CB  . GLU A 1 16  ? 2.844   -12.786 12.495  1.00 37.65 ? 173 GLU A CB  1 
ATOM   23   C CG  . GLU A 1 16  ? 2.035   -13.410 11.391  1.00 47.64 ? 173 GLU A CG  1 
ATOM   24   C CD  . GLU A 1 16  ? 2.862   -13.954 10.235  1.00 54.27 ? 173 GLU A CD  1 
ATOM   25   O OE1 . GLU A 1 16  ? 4.135   -13.965 10.364  1.00 48.47 ? 173 GLU A OE1 1 
ATOM   26   O OE2 . GLU A 1 16  ? 2.224   -14.385 9.218   1.00 58.08 ? 173 GLU A OE2 1 
ATOM   27   N N   . LEU A 1 17  ? 1.828   -9.781  12.007  1.00 32.29 ? 174 LEU A N   1 
ATOM   28   C CA  . LEU A 1 17  ? 0.941   -8.841  11.284  1.00 32.29 ? 174 LEU A CA  1 
ATOM   29   C C   . LEU A 1 17  ? 1.811   -7.843  10.510  1.00 32.38 ? 174 LEU A C   1 
ATOM   30   O O   . LEU A 1 17  ? 1.539   -7.601  9.323   1.00 32.18 ? 174 LEU A O   1 
ATOM   31   C CB  . LEU A 1 17  ? -0.077  -8.172  12.213  1.00 32.14 ? 174 LEU A CB  1 
ATOM   32   C CG  . LEU A 1 17  ? -0.951  -7.120  11.513  1.00 31.48 ? 174 LEU A CG  1 
ATOM   33   C CD1 . LEU A 1 17  ? -1.845  -7.743  10.449  1.00 34.39 ? 174 LEU A CD1 1 
ATOM   34   C CD2 . LEU A 1 17  ? -1.783  -6.338  12.514  1.00 33.58 ? 174 LEU A CD2 1 
ATOM   35   N N   . TYR A 1 18  ? 2.851   -7.297  11.126  1.00 29.56 ? 175 TYR A N   1 
ATOM   36   C CA  . TYR A 1 18  ? 3.744   -6.331  10.463  1.00 28.56 ? 175 TYR A CA  1 
ATOM   37   C C   . TYR A 1 18  ? 4.403   -7.003  9.268   1.00 32.35 ? 175 TYR A C   1 
ATOM   38   O O   . TYR A 1 18  ? 4.363   -6.441  8.177   1.00 28.84 ? 175 TYR A O   1 
ATOM   39   C CB  . TYR A 1 18  ? 4.831   -5.765  11.376  1.00 30.06 ? 175 TYR A CB  1 
ATOM   40   C CG  . TYR A 1 18  ? 5.683   -4.743  10.665  1.00 34.31 ? 175 TYR A CG  1 
ATOM   41   C CD1 . TYR A 1 18  ? 5.244   -3.448  10.490  1.00 37.92 ? 175 TYR A CD1 1 
ATOM   42   C CD2 . TYR A 1 18  ? 6.888   -5.100  10.094  1.00 37.42 ? 175 TYR A CD2 1 
ATOM   43   C CE1 . TYR A 1 18  ? 5.996   -2.511  9.808   1.00 45.88 ? 175 TYR A CE1 1 
ATOM   44   C CE2 . TYR A 1 18  ? 7.649   -4.182  9.398   1.00 42.46 ? 175 TYR A CE2 1 
ATOM   45   C CZ  . TYR A 1 18  ? 7.202   -2.886  9.251   1.00 41.94 ? 175 TYR A CZ  1 
ATOM   46   O OH  . TYR A 1 18  ? 7.946   -1.988  8.553   1.00 48.50 ? 175 TYR A OH  1 
ATOM   47   N N   . ARG A 1 19  ? 5.033   -8.147  9.502   1.00 31.48 ? 176 ARG A N   1 
ATOM   48   C CA  . ARG A 1 19  ? 5.812   -8.866  8.476   1.00 32.18 ? 176 ARG A CA  1 
ATOM   49   C C   . ARG A 1 19  ? 4.910   -9.152  7.274   1.00 28.41 ? 176 ARG A C   1 
ATOM   50   O O   . ARG A 1 19  ? 5.307   -8.846  6.122   1.00 31.53 ? 176 ARG A O   1 
ATOM   51   C CB  . ARG A 1 19  ? 6.409   -10.150 9.064   1.00 34.74 ? 176 ARG A CB  1 
ATOM   52   C CG  . ARG A 1 19  ? 7.238   -10.947 8.071   1.00 37.80 ? 176 ARG A CG  1 
ATOM   53   C CD  . ARG A 1 19  ? 7.304   -12.443 8.386   1.00 41.19 ? 176 ARG A CD  1 
ATOM   54   N NE  . ARG A 1 19  ? 6.013   -13.096 8.198   1.00 42.62 ? 176 ARG A NE  1 
ATOM   55   C CZ  . ARG A 1 19  ? 5.408   -13.284 7.015   1.00 46.15 ? 176 ARG A CZ  1 
ATOM   56   N NH1 . ARG A 1 19  ? 4.227   -13.874 6.951   1.00 41.81 ? 176 ARG A NH1 1 
ATOM   57   N NH2 . ARG A 1 19  ? 5.973   -12.862 5.899   1.00 47.57 ? 176 ARG A NH2 1 
ATOM   58   N N   . GLN A 1 20  ? 3.735   -9.694  7.500   1.00 30.54 ? 177 GLN A N   1 
ATOM   59   C CA  . GLN A 1 20  ? 2.796   -10.054 6.404   1.00 30.88 ? 177 GLN A CA  1 
ATOM   60   C C   . GLN A 1 20  ? 2.338   -8.793  5.657   1.00 33.35 ? 177 GLN A C   1 
ATOM   61   O O   . GLN A 1 20  ? 2.291   -8.806  4.390   1.00 29.58 ? 177 GLN A O   1 
ATOM   62   C CB  . GLN A 1 20  ? 1.617   -10.825 6.970   1.00 32.23 ? 177 GLN A CB  1 
ATOM   63   C CG  . GLN A 1 20  ? 0.577   -11.195 5.920   1.00 33.85 ? 177 GLN A CG  1 
ATOM   64   C CD  . GLN A 1 20  ? -0.469  -12.122 6.493   1.00 40.20 ? 177 GLN A CD  1 
ATOM   65   O OE1 . GLN A 1 20  ? -1.021  -11.877 7.562   1.00 36.57 ? 177 GLN A OE1 1 
ATOM   66   N NE2 . GLN A 1 20  ? -0.811  -13.156 5.740   1.00 44.50 ? 177 GLN A NE2 1 
ATOM   67   N N   . SER A 1 21  ? 1.968   -7.750  6.398   1.00 31.52 ? 178 SER A N   1 
ATOM   68   C CA  . SER A 1 21  ? 1.595   -6.430  5.834   1.00 30.00 ? 178 SER A CA  1 
ATOM   69   C C   . SER A 1 21  ? 2.711   -5.899  4.921   1.00 29.84 ? 178 SER A C   1 
ATOM   70   O O   . SER A 1 21  ? 2.380   -5.419  3.798   1.00 29.66 ? 178 SER A O   1 
ATOM   71   C CB  . SER A 1 21  ? 1.273   -5.447  6.898   1.00 27.42 ? 178 SER A CB  1 
ATOM   72   O OG  . SER A 1 21  ? 0.087   -5.819  7.587   1.00 29.92 ? 178 SER A OG  1 
ATOM   73   N N   . LEU A 1 22  ? 3.972   -5.962  5.355   1.00 25.76 ? 179 LEU A N   1 
ATOM   74   C CA  . LEU A 1 22  ? 5.084   -5.378  4.566   1.00 30.00 ? 179 LEU A CA  1 
ATOM   75   C C   . LEU A 1 22  ? 5.192   -6.212  3.284   1.00 33.63 ? 179 LEU A C   1 
ATOM   76   O O   . LEU A 1 22  ? 5.327   -5.654  2.219   1.00 33.60 ? 179 LEU A O   1 
ATOM   77   C CB  . LEU A 1 22  ? 6.396   -5.405  5.361   1.00 30.06 ? 179 LEU A CB  1 
ATOM   78   C CG  . LEU A 1 22  ? 7.663   -4.867  4.680   1.00 31.53 ? 179 LEU A CG  1 
ATOM   79   C CD1 . LEU A 1 22  ? 7.457   -3.444  4.125   1.00 30.97 ? 179 LEU A CD1 1 
ATOM   80   C CD2 . LEU A 1 22  ? 8.844   -4.878  5.664   1.00 35.58 ? 179 LEU A CD2 1 
ATOM   81   N N   . GLU A 1 23  ? 5.126   -7.528  3.421   1.00 32.93 ? 180 GLU A N   1 
ATOM   82   C CA  . GLU A 1 23  ? 5.264   -8.475  2.286   1.00 35.04 ? 180 GLU A CA  1 
ATOM   83   C C   . GLU A 1 23  ? 4.246   -8.115  1.199   1.00 32.09 ? 180 GLU A C   1 
ATOM   84   O O   . GLU A 1 23  ? 4.672   -7.945  0.073   1.00 35.43 ? 180 GLU A O   1 
ATOM   85   C CB  . GLU A 1 23  ? 5.061   -9.909  2.771   1.00 36.12 ? 180 GLU A CB  1 
ATOM   86   C CG  . GLU A 1 23  ? 5.543   -10.947 1.796   0.75 39.71 ? 180 GLU A CG  1 
ATOM   87   C CD  . GLU A 1 23  ? 5.402   -12.357 2.335   0.75 41.02 ? 180 GLU A CD  1 
ATOM   88   O OE1 . GLU A 1 23  ? 4.340   -12.672 2.932   0.75 45.58 ? 180 GLU A OE1 1 
ATOM   89   O OE2 . GLU A 1 23  ? 6.342   -13.128 2.155   0.75 48.93 ? 180 GLU A OE2 1 
ATOM   90   N N   . ILE A 1 24  ? 2.971   -7.985  1.560   1.00 29.82 ? 181 ILE A N   1 
ATOM   91   C CA  . ILE A 1 24  ? 1.836   -7.731  0.634   1.00 31.84 ? 181 ILE A CA  1 
ATOM   92   C C   . ILE A 1 24  ? 2.004   -6.345  -0.006  1.00 33.98 ? 181 ILE A C   1 
ATOM   93   O O   . ILE A 1 24  ? 1.843   -6.214  -1.233  1.00 27.66 ? 181 ILE A O   1 
ATOM   94   C CB  . ILE A 1 24  ? 0.505   -7.857  1.386   1.00 32.56 ? 181 ILE A CB  1 
ATOM   95   C CG1 . ILE A 1 24  ? 0.237   -9.310  1.783   1.00 32.03 ? 181 ILE A CG1 1 
ATOM   96   C CG2 . ILE A 1 24  ? -0.641  -7.252  0.574   1.00 32.42 ? 181 ILE A CG2 1 
ATOM   97   C CD1 . ILE A 1 24  ? -0.793  -9.460  2.881   1.00 30.65 ? 181 ILE A CD1 1 
ATOM   98   N N   . ILE A 1 25  ? 2.269   -5.332  0.810   1.00 31.35 ? 182 ILE A N   1 
ATOM   99   C CA  . ILE A 1 25  ? 2.279   -3.927  0.334   1.00 30.45 ? 182 ILE A CA  1 
ATOM   100  C C   . ILE A 1 25  ? 3.535   -3.730  -0.511  1.00 29.33 ? 182 ILE A C   1 
ATOM   101  O O   . ILE A 1 25  ? 3.393   -3.196  -1.620  1.00 32.67 ? 182 ILE A O   1 
ATOM   102  C CB  . ILE A 1 25  ? 2.141   -2.946  1.506   1.00 29.12 ? 182 ILE A CB  1 
ATOM   103  C CG1 . ILE A 1 25  ? 0.729   -3.044  2.079   1.00 27.09 ? 182 ILE A CG1 1 
ATOM   104  C CG2 . ILE A 1 25  ? 2.506   -1.535  1.086   1.00 28.52 ? 182 ILE A CG2 1 
ATOM   105  C CD1 . ILE A 1 25  ? 0.579   -2.432  3.453   1.00 27.91 ? 182 ILE A CD1 1 
ATOM   106  N N   . SER A 1 26  ? 4.672   -4.219  -0.066  1.00 27.41 ? 183 SER A N   1 
ATOM   107  C CA  . SER A 1 26  ? 5.931   -4.062  -0.820  1.00 31.86 ? 183 SER A CA  1 
ATOM   108  C C   . SER A 1 26  ? 5.810   -4.760  -2.184  1.00 33.42 ? 183 SER A C   1 
ATOM   109  O O   . SER A 1 26  ? 6.193   -4.161  -3.166  1.00 35.85 ? 183 SER A O   1 
ATOM   110  C CB  . SER A 1 26  ? 7.128   -4.519  -0.049  1.00 33.89 ? 183 SER A CB  1 
ATOM   111  O OG  . SER A 1 26  ? 8.232   -4.631  -0.943  1.00 42.81 ? 183 SER A OG  1 
ATOM   112  N N   . ARG A 1 27  ? 5.212   -5.938  -2.243  1.00 35.62 ? 184 ARG A N   1 
ATOM   113  C CA  . ARG A 1 27  ? 5.059   -6.695  -3.511  1.00 38.48 ? 184 ARG A CA  1 
ATOM   114  C C   . ARG A 1 27  ? 4.106   -5.957  -4.443  1.00 35.04 ? 184 ARG A C   1 
ATOM   115  O O   . ARG A 1 27  ? 4.452   -5.832  -5.615  1.00 35.69 ? 184 ARG A O   1 
ATOM   116  C CB  . ARG A 1 27  ? 4.593   -8.123  -3.254  1.00 38.16 ? 184 ARG A CB  1 
ATOM   117  C CG  . ARG A 1 27  ? 5.750   -9.015  -2.838  1.00 41.43 ? 184 ARG A CG  1 
ATOM   118  C CD  . ARG A 1 27  ? 5.239   -10.396 -2.492  1.00 47.60 ? 184 ARG A CD  1 
ATOM   119  N NE  . ARG A 1 27  ? 6.311   -11.222 -1.970  1.00 50.83 ? 184 ARG A NE  1 
ATOM   120  C CZ  . ARG A 1 27  ? 6.707   -12.387 -2.473  1.00 55.96 ? 184 ARG A CZ  1 
ATOM   121  N NH1 . ARG A 1 27  ? 6.104   -12.915 -3.531  1.00 52.58 ? 184 ARG A NH1 1 
ATOM   122  N NH2 . ARG A 1 27  ? 7.706   -13.024 -1.889  1.00 56.50 ? 184 ARG A NH2 1 
ATOM   123  N N   . TYR A 1 28  ? 2.948   -5.520  -3.965  1.00 30.86 ? 185 TYR A N   1 
ATOM   124  C CA  . TYR A 1 28  ? 1.990   -4.787  -4.807  1.00 32.76 ? 185 TYR A CA  1 
ATOM   125  C C   . TYR A 1 28  ? 2.698   -3.559  -5.403  1.00 33.43 ? 185 TYR A C   1 
ATOM   126  O O   . TYR A 1 28  ? 2.590   -3.383  -6.626  1.00 29.06 ? 185 TYR A O   1 
ATOM   127  C CB  . TYR A 1 28  ? 0.709   -4.422  -4.067  1.00 30.58 ? 185 TYR A CB  1 
ATOM   128  C CG  . TYR A 1 28  ? -0.317  -3.761  -4.940  1.00 30.94 ? 185 TYR A CG  1 
ATOM   129  C CD1 . TYR A 1 28  ? -0.811  -4.394  -6.074  1.00 31.10 ? 185 TYR A CD1 1 
ATOM   130  C CD2 . TYR A 1 28  ? -0.824  -2.520  -4.621  1.00 30.46 ? 185 TYR A CD2 1 
ATOM   131  C CE1 . TYR A 1 28  ? -1.755  -3.790  -6.880  1.00 28.48 ? 185 TYR A CE1 1 
ATOM   132  C CE2 . TYR A 1 28  ? -1.806  -1.925  -5.383  1.00 30.79 ? 185 TYR A CE2 1 
ATOM   133  C CZ  . TYR A 1 28  ? -2.248  -2.549  -6.543  1.00 31.08 ? 185 TYR A CZ  1 
ATOM   134  O OH  . TYR A 1 28  ? -3.187  -1.932  -7.309  1.00 26.88 ? 185 TYR A OH  1 
ATOM   135  N N   . LEU A 1 29  ? 3.404   -2.768  -4.587  1.00 29.21 ? 186 LEU A N   1 
ATOM   136  C CA  . LEU A 1 29  ? 4.003   -1.478  -5.031  1.00 29.29 ? 186 LEU A CA  1 
ATOM   137  C C   . LEU A 1 29  ? 5.071   -1.763  -6.083  1.00 32.89 ? 186 LEU A C   1 
ATOM   138  O O   . LEU A 1 29  ? 5.049   -1.108  -7.136  1.00 35.35 ? 186 LEU A O   1 
ATOM   139  C CB  . LEU A 1 29  ? 4.564   -0.690  -3.835  1.00 28.08 ? 186 LEU A CB  1 
ATOM   140  C CG  . LEU A 1 29  ? 3.676   0.473   -3.410  1.00 25.82 ? 186 LEU A CG  1 
ATOM   141  C CD1 . LEU A 1 29  ? 2.280   0.004   -3.081  1.00 27.10 ? 186 LEU A CD1 1 
ATOM   142  C CD2 . LEU A 1 29  ? 4.280   1.262   -2.245  1.00 31.92 ? 186 LEU A CD2 1 
ATOM   143  N N   . ARG A 1 30  ? 5.904   -2.762  -5.850  1.00 34.36 ? 187 ARG A N   1 
ATOM   144  C CA  . ARG A 1 30  ? 6.994   -3.121  -6.787  1.00 38.33 ? 187 ARG A CA  1 
ATOM   145  C C   . ARG A 1 30  ? 6.393   -3.659  -8.088  1.00 37.39 ? 187 ARG A C   1 
ATOM   146  O O   . ARG A 1 30  ? 6.922   -3.284  -9.149  1.00 39.70 ? 187 ARG A O   1 
ATOM   147  C CB  . ARG A 1 30  ? 7.963   -4.111  -6.144  1.00 40.91 ? 187 ARG A CB  1 
ATOM   148  C CG  . ARG A 1 30  ? 8.829   -3.500  -5.051  1.00 48.01 ? 187 ARG A CG  1 
ATOM   149  C CD  . ARG A 1 30  ? 9.854   -4.494  -4.567  1.00 50.69 ? 187 ARG A CD  1 
ATOM   150  N NE  . ARG A 1 30  ? 9.422   -5.294  -3.429  1.00 59.25 ? 187 ARG A NE  1 
ATOM   151  C CZ  . ARG A 1 30  ? 9.211   -6.624  -3.421  1.00 68.39 ? 187 ARG A CZ  1 
ATOM   152  N NH1 . ARG A 1 30  ? 8.861   -7.207  -2.285  1.00 52.77 ? 187 ARG A NH1 1 
ATOM   153  N NH2 . ARG A 1 30  ? 9.329   -7.369  -4.517  1.00 66.68 ? 187 ARG A NH2 1 
ATOM   154  N N   . GLU A 1 31  ? 5.371   -4.518  -8.021  1.00 34.12 ? 188 GLU A N   1 
ATOM   155  C CA  . GLU A 1 31  ? 4.734   -5.135  -9.219  1.00 36.70 ? 188 GLU A CA  1 
ATOM   156  C C   . GLU A 1 31  ? 4.043   -4.030  -10.038 1.00 39.93 ? 188 GLU A C   1 
ATOM   157  O O   . GLU A 1 31  ? 4.118   -4.039  -11.300 1.00 38.20 ? 188 GLU A O   1 
ATOM   158  C CB  . GLU A 1 31  ? 3.794   -6.247  -8.768  1.00 37.84 ? 188 GLU A CB  1 
ATOM   159  C CG  . GLU A 1 31  ? 2.959   -6.859  -9.872  1.00 45.82 ? 188 GLU A CG  1 
ATOM   160  C CD  . GLU A 1 31  ? 2.045   -7.958  -9.348  1.00 50.92 ? 188 GLU A CD  1 
ATOM   161  O OE1 . GLU A 1 31  ? 0.931   -8.109  -9.909  1.00 53.20 ? 188 GLU A OE1 1 
ATOM   162  O OE2 . GLU A 1 31  ? 2.445   -8.649  -8.375  1.00 48.01 ? 188 GLU A OE2 1 
ATOM   163  N N   . GLN A 1 32  ? 3.403   -3.081  -9.363  1.00 35.06 ? 189 GLN A N   1 
ATOM   164  C CA  . GLN A 1 32  ? 2.741   -1.946  -10.049 1.00 35.82 ? 189 GLN A CA  1 
ATOM   165  C C   . GLN A 1 32  ? 3.813   -1.101  -10.743 1.00 38.15 ? 189 GLN A C   1 
ATOM   166  O O   . GLN A 1 32  ? 3.571   -0.711  -11.892 1.00 38.39 ? 189 GLN A O   1 
ATOM   167  C CB  . GLN A 1 32  ? 1.887   -1.161  -9.073  1.00 32.86 ? 189 GLN A CB  1 
ATOM   168  C CG  . GLN A 1 32  ? 0.738   -2.001  -8.574  1.00 34.07 ? 189 GLN A CG  1 
ATOM   169  C CD  . GLN A 1 32  ? -0.382  -1.851  -9.565  1.00 32.71 ? 189 GLN A CD  1 
ATOM   170  O OE1 . GLN A 1 32  ? -0.825  -0.738  -9.814  1.00 37.04 ? 189 GLN A OE1 1 
ATOM   171  N NE2 . GLN A 1 32  ? -0.807  -2.968  -10.153 1.00 32.89 ? 189 GLN A NE2 1 
ATOM   172  N N   . ALA A 1 33  ? 4.938   -0.838  -10.084 1.00 33.79 ? 190 ALA A N   1 
ATOM   173  C CA  . ALA A 1 33  ? 5.957   0.107   -10.596 1.00 39.33 ? 190 ALA A CA  1 
ATOM   174  C C   . ALA A 1 33  ? 6.635   -0.460  -11.859 1.00 35.12 ? 190 ALA A C   1 
ATOM   175  O O   . ALA A 1 33  ? 6.840   0.330   -12.794 1.00 39.91 ? 190 ALA A O   1 
ATOM   176  C CB  . ALA A 1 33  ? 6.946   0.459   -9.515  1.00 36.87 ? 190 ALA A CB  1 
ATOM   177  N N   . THR A 1 34  ? 6.957   -1.758  -11.887 1.00 39.02 ? 191 THR A N   1 
ATOM   178  C CA  . THR A 1 34  ? 7.807   -2.430  -12.915 1.00 39.20 ? 191 THR A CA  1 
ATOM   179  C C   . THR A 1 34  ? 7.012   -3.313  -13.882 1.00 39.62 ? 191 THR A C   1 
ATOM   180  O O   . THR A 1 34  ? 7.595   -3.667  -14.870 1.00 47.05 ? 191 THR A O   1 
ATOM   181  C CB  . THR A 1 34  ? 8.846   -3.346  -12.268 1.00 41.67 ? 191 THR A CB  1 
ATOM   182  O OG1 . THR A 1 34  ? 8.145   -4.419  -11.635 1.00 40.78 ? 191 THR A OG1 1 
ATOM   183  C CG2 . THR A 1 34  ? 9.734   -2.617  -11.281 1.00 44.59 ? 191 THR A CG2 1 
ATOM   184  N N   . GLY A 1 35  ? 5.780   -3.737  -13.576 1.00 40.92 ? 192 GLY A N   1 
ATOM   185  C CA  . GLY A 1 35  ? 5.063   -4.762  -14.365 1.00 41.73 ? 192 GLY A CA  1 
ATOM   186  C C   . GLY A 1 35  ? 5.476   -6.221  -14.092 1.00 39.22 ? 192 GLY A C   1 
ATOM   187  O O   . GLY A 1 35  ? 4.758   -7.108  -14.541 1.00 47.71 ? 192 GLY A O   1 
ATOM   188  N N   . ALA A 1 36  ? 6.552   -6.513  -13.362 1.00 41.00 ? 193 ALA A N   1 
ATOM   189  C CA  . ALA A 1 36  ? 6.984   -7.902  -13.062 1.00 45.66 ? 193 ALA A CA  1 
ATOM   190  C C   . ALA A 1 36  ? 6.320   -8.426  -11.775 1.00 48.47 ? 193 ALA A C   1 
ATOM   191  O O   . ALA A 1 36  ? 6.406   -7.744  -10.735 1.00 48.67 ? 193 ALA A O   1 
ATOM   192  C CB  . ALA A 1 36  ? 8.489   -7.986  -12.970 1.00 45.62 ? 193 ALA A CB  1 
ATOM   193  N N   . LYS A 1 37  ? 5.680   -9.599  -11.856 1.00 52.82 ? 194 LYS A N   1 
ATOM   194  C CA  . LYS A 1 37  ? 5.091   -10.327 -10.705 1.00 57.30 ? 194 LYS A CA  1 
ATOM   195  C C   . LYS A 1 37  ? 6.262   -11.015 -10.027 1.00 59.11 ? 194 LYS A C   1 
ATOM   196  O O   . LYS A 1 37  ? 7.113   -11.519 -10.771 1.00 69.66 ? 194 LYS A O   1 
ATOM   197  C CB  . LYS A 1 37  ? 4.066   -11.374 -11.143 1.00 58.66 ? 194 LYS A CB  1 
ATOM   198  C CG  . LYS A 1 37  ? 2.646   -10.872 -11.301 1.00 60.06 ? 194 LYS A CG  1 
ATOM   199  C CD  . LYS A 1 37  ? 1.652   -11.980 -11.596 1.00 65.02 ? 194 LYS A CD  1 
ATOM   200  C CE  . LYS A 1 37  ? 0.307   -11.438 -12.038 1.00 69.03 ? 194 LYS A CE  1 
ATOM   201  N NZ  . LYS A 1 37  ? -0.761  -12.456 -11.914 1.00 74.39 ? 194 LYS A NZ  1 
ATOM   202  N N   . ASP A 1 38  ? 6.343   -10.977 -8.699  1.00 56.36 ? 195 ASP A N   1 
ATOM   203  C CA  . ASP A 1 38  ? 7.443   -11.643 -7.954  1.00 63.62 ? 195 ASP A CA  1 
ATOM   204  C C   . ASP A 1 38  ? 7.077   -13.123 -7.795  1.00 67.81 ? 195 ASP A C   1 
ATOM   205  O O   . ASP A 1 38  ? 5.930   -13.401 -7.393  1.00 65.79 ? 195 ASP A O   1 
ATOM   206  C CB  . ASP A 1 38  ? 7.729   -10.966 -6.613  1.00 62.96 ? 195 ASP A CB  1 
ATOM   207  C CG  . ASP A 1 38  ? 9.101   -11.331 -6.087  1.00 68.99 ? 195 ASP A CG  1 
ATOM   208  O OD1 . ASP A 1 38  ? 9.983   -11.636 -6.918  1.00 80.36 ? 195 ASP A OD1 1 
ATOM   209  O OD2 . ASP A 1 38  ? 9.283   -11.309 -4.864  1.00 75.27 ? 195 ASP A OD2 1 
ATOM   210  N N   . THR A 1 39  ? 7.971   -14.046 -8.175  0.75 65.74 ? 196 THR A N   1 
ATOM   211  C CA  . THR A 1 39  ? 7.706   -15.510 -8.120  0.75 62.68 ? 196 THR A CA  1 
ATOM   212  C C   . THR A 1 39  ? 8.373   -16.118 -6.890  0.75 58.67 ? 196 THR A C   1 
ATOM   213  O O   . THR A 1 39  ? 8.079   -17.285 -6.624  0.75 62.10 ? 196 THR A O   1 
ATOM   214  C CB  . THR A 1 39  ? 8.169   -16.251 -9.382  0.75 63.82 ? 196 THR A CB  1 
ATOM   215  O OG1 . THR A 1 39  ? 9.553   -15.964 -9.588  0.75 60.91 ? 196 THR A OG1 1 
ATOM   216  C CG2 . THR A 1 39  ? 7.340   -15.878 -10.590 0.75 63.49 ? 196 THR A CG2 1 
ATOM   217  N N   . LYS A 1 40  ? 9.254   -15.378 -6.206  0.75 56.33 ? 197 LYS A N   1 
ATOM   218  C CA  . LYS A 1 40  ? 9.844   -15.804 -4.910  0.75 58.01 ? 197 LYS A CA  1 
ATOM   219  C C   . LYS A 1 40  ? 8.675   -16.192 -3.999  0.75 62.04 ? 197 LYS A C   1 
ATOM   220  O O   . LYS A 1 40  ? 7.780   -15.369 -3.827  0.75 66.94 ? 197 LYS A O   1 
ATOM   221  C CB  . LYS A 1 40  ? 10.728  -14.694 -4.326  0.75 50.01 ? 197 LYS A CB  1 
ATOM   222  N N   . PRO A 1 41  ? 8.593   -17.443 -3.450  0.75 64.95 ? 198 PRO A N   1 
ATOM   223  C CA  . PRO A 1 41  ? 7.426   -17.904 -2.683  0.75 59.42 ? 198 PRO A CA  1 
ATOM   224  C C   . PRO A 1 41  ? 7.104   -16.969 -1.506  0.75 55.95 ? 198 PRO A C   1 
ATOM   225  O O   . PRO A 1 41  ? 7.989   -16.368 -0.953  0.75 48.07 ? 198 PRO A O   1 
ATOM   226  C CB  . PRO A 1 41  ? 7.801   -19.318 -2.183  0.75 60.60 ? 198 PRO A CB  1 
ATOM   227  C CG  . PRO A 1 41  ? 8.895   -19.779 -3.125  0.75 61.12 ? 198 PRO A CG  1 
ATOM   228  C CD  . PRO A 1 41  ? 9.610   -18.507 -3.558  0.75 63.85 ? 198 PRO A CD  1 
ATOM   229  N N   . MET A 1 42  ? 5.826   -16.839 -1.178  0.75 53.55 ? 199 MET A N   1 
ATOM   230  C CA  . MET A 1 42  ? 5.372   -15.982 -0.060  0.75 56.84 ? 199 MET A CA  1 
ATOM   231  C C   . MET A 1 42  ? 5.775   -16.665 1.249   0.75 53.94 ? 199 MET A C   1 
ATOM   232  O O   . MET A 1 42  ? 5.844   -17.898 1.248   0.75 53.52 ? 199 MET A O   1 
ATOM   233  C CB  . MET A 1 42  ? 3.857   -15.781 -0.135  0.75 54.66 ? 199 MET A CB  1 
ATOM   234  C CG  . MET A 1 42  ? 3.432   -14.439 0.346   0.75 56.88 ? 199 MET A CG  1 
ATOM   235  S SD  . MET A 1 42  ? 3.507   -13.154 -0.927  0.75 49.55 ? 199 MET A SD  1 
ATOM   236  C CE  . MET A 1 42  ? 1.989   -13.490 -1.814  0.75 53.99 ? 199 MET A CE  1 
ATOM   237  N N   . GLY A 1 43  ? 6.068   -15.894 2.301   0.75 54.89 ? 200 GLY A N   1 
ATOM   238  C CA  . GLY A 1 43  ? 6.513   -16.419 3.611   0.75 52.91 ? 200 GLY A CA  1 
ATOM   239  C C   . GLY A 1 43  ? 5.383   -17.051 4.426   0.75 51.64 ? 200 GLY A C   1 
ATOM   240  O O   . GLY A 1 43  ? 4.413   -17.585 3.827   0.75 46.99 ? 200 GLY A O   1 
ATOM   241  N N   . ARG A 1 44  ? 5.486   -16.984 5.758   0.75 50.22 ? 201 ARG A N   1 
ATOM   242  C CA  . ARG A 1 44  ? 4.490   -17.569 6.699   0.75 57.73 ? 201 ARG A CA  1 
ATOM   243  C C   . ARG A 1 44  ? 3.068   -17.086 6.345   0.75 60.28 ? 201 ARG A C   1 
ATOM   244  O O   . ARG A 1 44  ? 2.887   -15.879 6.094   0.75 67.25 ? 201 ARG A O   1 
ATOM   245  C CB  . ARG A 1 44  ? 4.856   -17.214 8.145   0.75 54.76 ? 201 ARG A CB  1 
ATOM   246  N N   . SER A 1 45  ? 2.095   -18.003 6.335   0.75 59.02 ? 202 SER A N   1 
ATOM   247  C CA  . SER A 1 45  ? 0.668   -17.772 5.986   0.75 55.79 ? 202 SER A CA  1 
ATOM   248  C C   . SER A 1 45  ? 0.565   -17.344 4.515   0.75 57.99 ? 202 SER A C   1 
ATOM   249  O O   . SER A 1 45  ? -0.040  -16.265 4.234   0.75 42.14 ? 202 SER A O   1 
ATOM   250  C CB  . SER A 1 45  ? 0.023   -16.780 6.923   0.75 59.59 ? 202 SER A CB  1 
ATOM   251  O OG  . SER A 1 45  ? -1.370  -16.691 6.665   0.75 62.60 ? 202 SER A OG  1 
ATOM   252  N N   . GLY A 1 46  ? 1.133   -18.184 3.632   1.00 57.78 ? 203 GLY A N   1 
ATOM   253  C CA  . GLY A 1 46  ? 1.284   -17.940 2.183   1.00 58.36 ? 203 GLY A CA  1 
ATOM   254  C C   . GLY A 1 46  ? -0.058  -17.839 1.475   1.00 55.94 ? 203 GLY A C   1 
ATOM   255  O O   . GLY A 1 46  ? -0.211  -16.944 0.598   1.00 49.63 ? 203 GLY A O   1 
ATOM   256  N N   . ALA A 1 47  ? -0.989  -18.726 1.834   1.00 50.30 ? 204 ALA A N   1 
ATOM   257  C CA  . ALA A 1 47  ? -2.351  -18.792 1.264   1.00 49.68 ? 204 ALA A CA  1 
ATOM   258  C C   . ALA A 1 47  ? -3.006  -17.405 1.395   1.00 47.80 ? 204 ALA A C   1 
ATOM   259  O O   . ALA A 1 47  ? -3.492  -16.876 0.363   1.00 45.40 ? 204 ALA A O   1 
ATOM   260  C CB  . ALA A 1 47  ? -3.141  -19.882 1.945   1.00 51.95 ? 204 ALA A CB  1 
ATOM   261  N N   . THR A 1 48  ? -2.939  -16.785 2.577   1.00 40.31 ? 205 THR A N   1 
ATOM   262  C CA  . THR A 1 48  ? -3.565  -15.456 2.837   1.00 40.26 ? 205 THR A CA  1 
ATOM   263  C C   . THR A 1 48  ? -2.842  -14.346 2.064   1.00 38.09 ? 205 THR A C   1 
ATOM   264  O O   . THR A 1 48  ? -3.546  -13.494 1.476   1.00 38.43 ? 205 THR A O   1 
ATOM   265  C CB  . THR A 1 48  ? -3.601  -15.109 4.324   1.00 43.68 ? 205 THR A CB  1 
ATOM   266  O OG1 . THR A 1 48  ? -4.515  -16.035 4.904   1.00 44.92 ? 205 THR A OG1 1 
ATOM   267  C CG2 . THR A 1 48  ? -4.071  -13.690 4.569   1.00 45.73 ? 205 THR A CG2 1 
ATOM   268  N N   . SER A 1 49  ? -1.510  -14.289 2.105   1.00 36.16 ? 206 SER A N   1 
ATOM   269  C CA  . SER A 1 49  ? -0.763  -13.204 1.423   1.00 40.14 ? 206 SER A CA  1 
ATOM   270  C C   . SER A 1 49  ? -1.031  -13.243 -0.092  1.00 39.40 ? 206 SER A C   1 
ATOM   271  O O   . SER A 1 49  ? -1.271  -12.188 -0.687  1.00 39.76 ? 206 SER A O   1 
ATOM   272  C CB  . SER A 1 49  ? 0.673   -13.283 1.747   1.00 41.49 ? 206 SER A CB  1 
ATOM   273  O OG  . SER A 1 49  ? 0.848   -13.130 3.147   1.00 46.58 ? 206 SER A OG  1 
ATOM   274  N N   . ARG A 1 50  ? -1.083  -14.433 -0.681  1.00 39.94 ? 207 ARG A N   1 
ATOM   275  C CA  . ARG A 1 50  ? -1.367  -14.585 -2.131  1.00 39.46 ? 207 ARG A CA  1 
ATOM   276  C C   . ARG A 1 50  ? -2.753  -14.049 -2.442  1.00 39.19 ? 207 ARG A C   1 
ATOM   277  O O   . ARG A 1 50  ? -2.844  -13.257 -3.399  1.00 41.11 ? 207 ARG A O   1 
ATOM   278  C CB  . ARG A 1 50  ? -1.279  -16.043 -2.563  1.00 44.84 ? 207 ARG A CB  1 
ATOM   279  C CG  . ARG A 1 50  ? 0.143   -16.573 -2.603  1.00 44.73 ? 207 ARG A CG  1 
ATOM   280  C CD  . ARG A 1 50  ? 0.148   -17.907 -3.340  1.00 50.68 ? 207 ARG A CD  1 
ATOM   281  N NE  . ARG A 1 50  ? -0.440  -19.002 -2.579  0.75 48.90 ? 207 ARG A NE  1 
ATOM   282  C CZ  . ARG A 1 50  ? 0.161   -19.624 -1.566  0.75 45.93 ? 207 ARG A CZ  1 
ATOM   283  N NH1 . ARG A 1 50  ? -0.459  -20.613 -0.948  0.75 43.83 ? 207 ARG A NH1 1 
ATOM   284  N NH2 . ARG A 1 50  ? 1.368   -19.252 -1.170  0.75 39.60 ? 207 ARG A NH2 1 
ATOM   285  N N   . LYS A 1 51  ? -3.780  -14.451 -1.685  1.00 33.83 ? 208 LYS A N   1 
ATOM   286  C CA  . LYS A 1 51  ? -5.166  -13.982 -1.927  1.00 40.31 ? 208 LYS A CA  1 
ATOM   287  C C   . LYS A 1 51  ? -5.208  -12.464 -1.729  1.00 38.43 ? 208 LYS A C   1 
ATOM   288  O O   . LYS A 1 51  ? -5.958  -11.774 -2.467  1.00 35.49 ? 208 LYS A O   1 
ATOM   289  C CB  . LYS A 1 51  ? -6.166  -14.677 -1.001  1.00 44.64 ? 208 LYS A CB  1 
ATOM   290  C CG  . LYS A 1 51  ? -6.346  -16.163 -1.286  1.00 54.52 ? 208 LYS A CG  1 
ATOM   291  C CD  . LYS A 1 51  ? -7.706  -16.705 -0.859  1.00 62.64 ? 208 LYS A CD  1 
ATOM   292  C CE  . LYS A 1 51  ? -8.050  -18.053 -1.465  1.00 67.93 ? 208 LYS A CE  1 
ATOM   293  N NZ  . LYS A 1 51  ? -9.152  -17.956 -2.459  1.00 76.42 ? 208 LYS A NZ  1 
ATOM   294  N N   . ALA A 1 52  ? -4.484  -11.964 -0.726  1.00 36.15 ? 209 ALA A N   1 
ATOM   295  C CA  . ALA A 1 52  ? -4.486  -10.519 -0.403  1.00 37.25 ? 209 ALA A CA  1 
ATOM   296  C C   . ALA A 1 52  ? -3.939  -9.749  -1.620  1.00 34.33 ? 209 ALA A C   1 
ATOM   297  O O   . ALA A 1 52  ? -4.509  -8.735  -2.013  1.00 33.50 ? 209 ALA A O   1 
ATOM   298  C CB  . ALA A 1 52  ? -3.654  -10.266 0.831   1.00 34.42 ? 209 ALA A CB  1 
ATOM   299  N N   . LEU A 1 53  ? -2.832  -10.212 -2.155  1.00 32.69 ? 210 LEU A N   1 
ATOM   300  C CA  . LEU A 1 53  ? -2.161  -9.592  -3.318  1.00 37.48 ? 210 LEU A CA  1 
ATOM   301  C C   . LEU A 1 53  ? -3.063  -9.715  -4.557  1.00 36.69 ? 210 LEU A C   1 
ATOM   302  O O   . LEU A 1 53  ? -3.197  -8.720  -5.263  1.00 33.90 ? 210 LEU A O   1 
ATOM   303  C CB  . LEU A 1 53  ? -0.821  -10.306 -3.493  1.00 40.60 ? 210 LEU A CB  1 
ATOM   304  C CG  . LEU A 1 53  ? 0.139   -9.689  -4.496  1.00 48.06 ? 210 LEU A CG  1 
ATOM   305  C CD1 . LEU A 1 53  ? 0.048   -8.172  -4.449  1.00 46.29 ? 210 LEU A CD1 1 
ATOM   306  C CD2 . LEU A 1 53  ? 1.567   -10.173 -4.245  1.00 52.40 ? 210 LEU A CD2 1 
ATOM   307  N N   . GLU A 1 54  ? -3.761  -10.844 -4.743  1.00 37.68 ? 211 GLU A N   1 
ATOM   308  C CA  . GLU A 1 54  ? -4.720  -11.046 -5.870  1.00 36.81 ? 211 GLU A CA  1 
ATOM   309  C C   . GLU A 1 54  ? -5.853  -10.048 -5.665  1.00 37.76 ? 211 GLU A C   1 
ATOM   310  O O   . GLU A 1 54  ? -6.321  -9.422  -6.660  1.00 35.07 ? 211 GLU A O   1 
ATOM   311  C CB  . GLU A 1 54  ? -5.298  -12.477 -5.955  1.00 38.14 ? 211 GLU A CB  1 
ATOM   312  C CG  . GLU A 1 54  ? -4.270  -13.577 -6.265  0.75 37.36 ? 211 GLU A CG  1 
ATOM   313  C CD  . GLU A 1 54  ? -4.652  -15.036 -5.947  0.50 39.88 ? 211 GLU A CD  1 
ATOM   314  O OE1 . GLU A 1 54  ? -5.857  -15.334 -5.711  0.50 39.08 ? 211 GLU A OE1 1 
ATOM   315  O OE2 . GLU A 1 54  ? -3.742  -15.898 -5.946  0.50 35.89 ? 211 GLU A OE2 1 
ATOM   316  N N   . THR A 1 55  ? -6.285  -9.857  -4.412  1.00 32.50 ? 212 THR A N   1 
ATOM   317  C CA  . THR A 1 55  ? -7.382  -8.908  -4.128  1.00 33.01 ? 212 THR A CA  1 
ATOM   318  C C   . THR A 1 55  ? -6.935  -7.485  -4.484  1.00 31.30 ? 212 THR A C   1 
ATOM   319  O O   . THR A 1 55  ? -7.768  -6.739  -5.037  1.00 31.63 ? 212 THR A O   1 
ATOM   320  C CB  . THR A 1 55  ? -7.858  -8.974  -2.679  1.00 34.41 ? 212 THR A CB  1 
ATOM   321  O OG1 . THR A 1 55  ? -8.216  -10.332 -2.470  1.00 39.62 ? 212 THR A OG1 1 
ATOM   322  C CG2 . THR A 1 55  ? -9.024  -8.052  -2.418  1.00 35.99 ? 212 THR A CG2 1 
ATOM   323  N N   . LEU A 1 56  ? -5.711  -7.107  -4.142  1.00 33.81 ? 213 LEU A N   1 
ATOM   324  C CA  . LEU A 1 56  ? -5.198  -5.726  -4.400  1.00 34.68 ? 213 LEU A CA  1 
ATOM   325  C C   . LEU A 1 56  ? -5.106  -5.487  -5.905  1.00 36.00 ? 213 LEU A C   1 
ATOM   326  O O   . LEU A 1 56  ? -5.524  -4.401  -6.377  1.00 41.65 ? 213 LEU A O   1 
ATOM   327  C CB  . LEU A 1 56  ? -3.817  -5.554  -3.762  1.00 35.20 ? 213 LEU A CB  1 
ATOM   328  C CG  . LEU A 1 56  ? -3.790  -5.025  -2.335  1.00 30.61 ? 213 LEU A CG  1 
ATOM   329  C CD1 . LEU A 1 56  ? -2.364  -4.967  -1.841  1.00 30.06 ? 213 LEU A CD1 1 
ATOM   330  C CD2 . LEU A 1 56  ? -4.438  -3.661  -2.210  1.00 33.45 ? 213 LEU A CD2 1 
ATOM   331  N N   . ARG A 1 57  ? -4.655  -6.498  -6.645  1.00 38.97 ? 214 ARG A N   1 
ATOM   332  C CA  . ARG A 1 57  ? -4.552  -6.433  -8.120  1.00 41.48 ? 214 ARG A CA  1 
ATOM   333  C C   . ARG A 1 57  ? -5.897  -6.034  -8.723  1.00 44.81 ? 214 ARG A C   1 
ATOM   334  O O   . ARG A 1 57  ? -5.903  -5.326  -9.757  1.00 41.56 ? 214 ARG A O   1 
ATOM   335  C CB  . ARG A 1 57  ? -4.093  -7.770  -8.693  1.00 41.89 ? 214 ARG A CB  1 
ATOM   336  C CG  . ARG A 1 57  ? -2.608  -8.017  -8.494  1.00 42.63 ? 214 ARG A CG  1 
ATOM   337  C CD  . ARG A 1 57  ? -2.144  -9.161  -9.372  1.00 43.06 ? 214 ARG A CD  1 
ATOM   338  N NE  . ARG A 1 57  ? -0.811  -9.540  -8.974  1.00 41.62 ? 214 ARG A NE  1 
ATOM   339  C CZ  . ARG A 1 57  ? -0.476  -10.663 -8.359  1.00 45.03 ? 214 ARG A CZ  1 
ATOM   340  N NH1 . ARG A 1 57  ? -1.391  -11.576 -8.075  1.00 46.11 ? 214 ARG A NH1 1 
ATOM   341  N NH2 . ARG A 1 57  ? 0.786   -10.872 -8.033  1.00 39.07 ? 214 ARG A NH2 1 
ATOM   342  N N   . ARG A 1 58  ? -6.992  -6.495  -8.131  1.00 38.44 ? 215 ARG A N   1 
ATOM   343  C CA  . ARG A 1 58  ? -8.336  -6.240  -8.666  1.00 39.65 ? 215 ARG A CA  1 
ATOM   344  C C   . ARG A 1 58  ? -8.841  -4.939  -8.043  1.00 40.06 ? 215 ARG A C   1 
ATOM   345  O O   . ARG A 1 58  ? -9.077  -3.988  -8.798  1.00 36.05 ? 215 ARG A O   1 
ATOM   346  C CB  . ARG A 1 58  ? -9.216  -7.465  -8.435  1.00 43.36 ? 215 ARG A CB  1 
ATOM   347  C CG  . ARG A 1 58  ? -10.694 -7.150  -8.315  1.00 53.14 ? 215 ARG A CG  1 
ATOM   348  C CD  . ARG A 1 58  ? -11.520 -8.424  -8.329  1.00 60.06 ? 215 ARG A CD  1 
ATOM   349  N NE  . ARG A 1 58  ? -11.023 -9.439  -7.401  1.00 62.24 ? 215 ARG A NE  1 
ATOM   350  C CZ  . ARG A 1 58  ? -11.403 -9.591  -6.129  1.00 63.11 ? 215 ARG A CZ  1 
ATOM   351  N NH1 . ARG A 1 58  ? -12.296 -8.784  -5.578  1.00 62.46 ? 215 ARG A NH1 1 
ATOM   352  N NH2 . ARG A 1 58  ? -10.887 -10.573 -5.411  1.00 64.46 ? 215 ARG A NH2 1 
ATOM   353  N N   . VAL A 1 59  ? -8.960  -4.850  -6.716  1.00 33.47 ? 216 VAL A N   1 
ATOM   354  C CA  . VAL A 1 59  ? -9.557  -3.640  -6.079  1.00 33.13 ? 216 VAL A CA  1 
ATOM   355  C C   . VAL A 1 59  ? -8.610  -2.439  -6.230  1.00 28.26 ? 216 VAL A C   1 
ATOM   356  O O   . VAL A 1 59  ? -9.116  -1.343  -6.520  1.00 30.42 ? 216 VAL A O   1 
ATOM   357  C CB  . VAL A 1 59  ? -9.943  -3.887  -4.612  1.00 34.71 ? 216 VAL A CB  1 
ATOM   358  C CG1 . VAL A 1 59  ? -10.784 -2.745  -4.070  1.00 40.25 ? 216 VAL A CG1 1 
ATOM   359  C CG2 . VAL A 1 59  ? -10.696 -5.200  -4.469  1.00 36.54 ? 216 VAL A CG2 1 
ATOM   360  N N   . GLY A 1 60  ? -7.322  -2.620  -5.977  1.00 32.67 ? 217 GLY A N   1 
ATOM   361  C CA  . GLY A 1 60  ? -6.316  -1.537  -6.021  1.00 36.05 ? 217 GLY A CA  1 
ATOM   362  C C   . GLY A 1 60  ? -6.153  -0.987  -7.444  1.00 35.99 ? 217 GLY A C   1 
ATOM   363  O O   . GLY A 1 60  ? -6.107  0.232   -7.593  1.00 31.60 ? 217 GLY A O   1 
ATOM   364  N N   . ASP A 1 61  ? -6.041  -1.853  -8.453  1.00 38.81 ? 218 ASP A N   1 
ATOM   365  C CA  . ASP A 1 61  ? -5.988  -1.406  -9.879  1.00 37.12 ? 218 ASP A CA  1 
ATOM   366  C C   . ASP A 1 61  ? -7.284  -0.635  -10.162 1.00 34.03 ? 218 ASP A C   1 
ATOM   367  O O   . ASP A 1 61  ? -7.222  0.464   -10.759 1.00 33.60 ? 218 ASP A O   1 
ATOM   368  C CB  . ASP A 1 61  ? -5.746  -2.575  -10.831 1.00 40.89 ? 218 ASP A CB  1 
ATOM   369  C CG  . ASP A 1 61  ? -4.363  -3.181  -10.674 1.00 47.64 ? 218 ASP A CG  1 
ATOM   370  O OD1 . ASP A 1 61  ? -3.756  -3.036  -9.568  1.00 46.62 ? 218 ASP A OD1 1 
ATOM   371  O OD2 . ASP A 1 61  ? -3.900  -3.793  -11.652 1.00 48.12 ? 218 ASP A OD2 1 
ATOM   372  N N   . GLY A 1 62  ? -8.416  -1.143  -9.667  1.00 30.63 ? 219 GLY A N   1 
ATOM   373  C CA  . GLY A 1 62  ? -9.734  -0.493  -9.775  1.00 30.64 ? 219 GLY A CA  1 
ATOM   374  C C   . GLY A 1 62  ? -9.754  0.932   -9.245  1.00 34.61 ? 219 GLY A C   1 
ATOM   375  O O   . GLY A 1 62  ? -10.276 1.836   -9.932  1.00 30.30 ? 219 GLY A O   1 
ATOM   376  N N   . VAL A 1 63  ? -9.267  1.148   -8.026  1.00 31.55 ? 220 VAL A N   1 
ATOM   377  C CA  . VAL A 1 63  ? -9.299  2.495   -7.406  1.00 30.19 ? 220 VAL A CA  1 
ATOM   378  C C   . VAL A 1 63  ? -8.443  3.436   -8.255  1.00 27.09 ? 220 VAL A C   1 
ATOM   379  O O   . VAL A 1 63  ? -8.891  4.561   -8.510  1.00 30.42 ? 220 VAL A O   1 
ATOM   380  C CB  . VAL A 1 63  ? -8.810  2.467   -5.949  1.00 29.14 ? 220 VAL A CB  1 
ATOM   381  C CG1 . VAL A 1 63  ? -8.594  3.870   -5.444  1.00 27.15 ? 220 VAL A CG1 1 
ATOM   382  C CG2 . VAL A 1 63  ? -9.787  1.718   -5.073  1.00 33.63 ? 220 VAL A CG2 1 
ATOM   383  N N   . GLN A 1 64  ? -7.266  2.992   -8.649  1.00 30.79 ? 221 GLN A N   1 
ATOM   384  C CA  . GLN A 1 64  ? -6.332  3.800   -9.473  1.00 31.81 ? 221 GLN A CA  1 
ATOM   385  C C   . GLN A 1 64  ? -6.964  4.178   -10.825 1.00 33.07 ? 221 GLN A C   1 
ATOM   386  O O   . GLN A 1 64  ? -6.724  5.275   -11.323 1.00 30.04 ? 221 GLN A O   1 
ATOM   387  C CB  . GLN A 1 64  ? -5.053  3.016   -9.714  1.00 30.36 ? 221 GLN A CB  1 
ATOM   388  C CG  . GLN A 1 64  ? -4.105  3.008   -8.528  1.00 31.44 ? 221 GLN A CG  1 
ATOM   389  C CD  . GLN A 1 64  ? -2.876  2.209   -8.838  1.00 33.84 ? 221 GLN A CD  1 
ATOM   390  O OE1 . GLN A 1 64  ? -1.913  2.700   -9.442  1.00 34.97 ? 221 GLN A OE1 1 
ATOM   391  N NE2 . GLN A 1 64  ? -2.906  0.953   -8.411  1.00 34.59 ? 221 GLN A NE2 1 
ATOM   392  N N   . ARG A 1 65  ? -7.638  3.240   -11.458 1.00 32.54 ? 222 ARG A N   1 
ATOM   393  C CA  . ARG A 1 65  ? -8.299  3.477   -12.771 1.00 33.82 ? 222 ARG A CA  1 
ATOM   394  C C   . ARG A 1 65  ? -9.502  4.384   -12.551 1.00 31.17 ? 222 ARG A C   1 
ATOM   395  O O   . ARG A 1 65  ? -9.591  5.437   -13.206 1.00 29.95 ? 222 ARG A O   1 
ATOM   396  C CB  . ARG A 1 65  ? -8.660  2.116   -13.356 1.00 35.80 ? 222 ARG A CB  1 
ATOM   397  C CG  . ARG A 1 65  ? -9.162  2.160   -14.786 1.00 43.40 ? 222 ARG A CG  1 
ATOM   398  C CD  . ARG A 1 65  ? -9.386  0.728   -15.246 1.00 45.69 ? 222 ARG A CD  1 
ATOM   399  N NE  . ARG A 1 65  ? -10.396 0.100   -14.415 1.00 47.66 ? 222 ARG A NE  1 
ATOM   400  C CZ  . ARG A 1 65  ? -10.206 -0.935  -13.606 1.00 42.85 ? 222 ARG A CZ  1 
ATOM   401  N NH1 . ARG A 1 65  ? -9.036  -1.548  -13.520 1.00 42.25 ? 222 ARG A NH1 1 
ATOM   402  N NH2 . ARG A 1 65  ? -11.225 -1.375  -12.903 1.00 49.38 ? 222 ARG A NH2 1 
ATOM   403  N N   . ASN A 1 66  ? -10.395 4.028   -11.626 1.00 27.94 ? 223 ASN A N   1 
ATOM   404  C CA  . ASN A 1 66  ? -11.635 4.806   -11.400 1.00 26.39 ? 223 ASN A CA  1 
ATOM   405  C C   . ASN A 1 66  ? -11.369 6.223   -10.906 1.00 26.42 ? 223 ASN A C   1 
ATOM   406  O O   . ASN A 1 66  ? -12.200 7.085   -11.191 1.00 26.13 ? 223 ASN A O   1 
ATOM   407  C CB  . ASN A 1 66  ? -12.614 4.131   -10.454 1.00 29.04 ? 223 ASN A CB  1 
ATOM   408  C CG  . ASN A 1 66  ? -13.249 2.928   -11.090 1.00 31.43 ? 223 ASN A CG  1 
ATOM   409  O OD1 . ASN A 1 66  ? -13.274 2.818   -12.314 1.00 32.06 ? 223 ASN A OD1 1 
ATOM   410  N ND2 . ASN A 1 66  ? -13.756 2.033   -10.263 1.00 36.42 ? 223 ASN A ND2 1 
ATOM   411  N N   . HIS A 1 67  ? -10.296 6.461   -10.163 1.00 29.19 ? 224 HIS A N   1 
ATOM   412  C CA  . HIS A 1 67  ? -10.073 7.755   -9.461  1.00 30.41 ? 224 HIS A CA  1 
ATOM   413  C C   . HIS A 1 67  ? -8.763  8.383   -9.923  1.00 30.85 ? 224 HIS A C   1 
ATOM   414  O O   . HIS A 1 67  ? -8.182  9.112   -9.142  1.00 28.69 ? 224 HIS A O   1 
ATOM   415  C CB  . HIS A 1 67  ? -10.137 7.541   -7.938  1.00 30.53 ? 224 HIS A CB  1 
ATOM   416  C CG  . HIS A 1 67  ? -11.476 7.043   -7.550  1.00 26.22 ? 224 HIS A CG  1 
ATOM   417  N ND1 . HIS A 1 67  ? -12.536 7.890   -7.417  1.00 27.74 ? 224 HIS A ND1 1 
ATOM   418  C CD2 . HIS A 1 67  ? -11.927 5.796   -7.278  1.00 26.41 ? 224 HIS A CD2 1 
ATOM   419  C CE1 . HIS A 1 67  ? -13.613 7.191   -7.102  1.00 28.51 ? 224 HIS A CE1 1 
ATOM   420  N NE2 . HIS A 1 67  ? -13.256 5.902   -6.992  1.00 28.19 ? 224 HIS A NE2 1 
ATOM   421  N N   . GLU A 1 68  ? -8.373  8.150   -11.185 1.00 30.09 ? 225 GLU A N   1 
ATOM   422  C CA  . GLU A 1 68  ? -7.072  8.566   -11.750 1.00 32.48 ? 225 GLU A CA  1 
ATOM   423  C C   . GLU A 1 68  ? -6.884  10.064  -11.534 1.00 30.31 ? 225 GLU A C   1 
ATOM   424  O O   . GLU A 1 68  ? -5.782  10.452  -11.159 1.00 29.27 ? 225 GLU A O   1 
ATOM   425  C CB  . GLU A 1 68  ? -6.998  8.209   -13.234 1.00 33.24 ? 225 GLU A CB  1 
ATOM   426  C CG  . GLU A 1 68  ? -5.714  8.647   -13.911 1.00 39.00 ? 225 GLU A CG  1 
ATOM   427  C CD  . GLU A 1 68  ? -5.747  8.327   -15.401 0.75 42.33 ? 225 GLU A CD  1 
ATOM   428  O OE1 . GLU A 1 68  ? -6.810  7.874   -15.890 0.75 40.31 ? 225 GLU A OE1 1 
ATOM   429  O OE2 . GLU A 1 68  ? -4.721  8.528   -16.058 0.75 49.06 ? 225 GLU A OE2 1 
ATOM   430  N N   . THR A 1 69  ? -7.918  10.855  -11.804 1.00 33.08 ? 226 THR A N   1 
ATOM   431  C CA  . THR A 1 69  ? -7.888  12.339  -11.786 1.00 35.70 ? 226 THR A CA  1 
ATOM   432  C C   . THR A 1 69  ? -7.611  12.847  -10.364 1.00 32.67 ? 226 THR A C   1 
ATOM   433  O O   . THR A 1 69  ? -6.755  13.696  -10.214 1.00 36.48 ? 226 THR A O   1 
ATOM   434  C CB  . THR A 1 69  ? -9.205  12.914  -12.316 1.00 37.97 ? 226 THR A CB  1 
ATOM   435  O OG1 . THR A 1 69  ? -9.465  12.284  -13.568 1.00 46.80 ? 226 THR A OG1 1 
ATOM   436  C CG2 . THR A 1 69  ? -9.151  14.411  -12.484 1.00 41.98 ? 226 THR A CG2 1 
ATOM   437  N N   . ALA A 1 70  ? -8.330  12.338  -9.370  1.00 32.91 ? 227 ALA A N   1 
ATOM   438  C CA  . ALA A 1 70  ? -8.116  12.625  -7.926  1.00 34.46 ? 227 ALA A CA  1 
ATOM   439  C C   . ALA A 1 70  ? -6.716  12.184  -7.482  1.00 30.40 ? 227 ALA A C   1 
ATOM   440  O O   . ALA A 1 70  ? -6.036  12.991  -6.793  1.00 33.89 ? 227 ALA A O   1 
ATOM   441  C CB  . ALA A 1 70  ? -9.230  11.987  -7.126  1.00 34.01 ? 227 ALA A CB  1 
ATOM   442  N N   . PHE A 1 71  ? -6.271  10.969  -7.851  1.00 27.82 ? 228 PHE A N   1 
ATOM   443  C CA  . PHE A 1 71  ? -4.899  10.467  -7.611  1.00 28.96 ? 228 PHE A CA  1 
ATOM   444  C C   . PHE A 1 71  ? -3.875  11.431  -8.232  1.00 36.55 ? 228 PHE A C   1 
ATOM   445  O O   . PHE A 1 71  ? -2.860  11.815  -7.578  1.00 31.84 ? 228 PHE A O   1 
ATOM   446  C CB  . PHE A 1 71  ? -4.780  9.008   -8.067  1.00 30.10 ? 228 PHE A CB  1 
ATOM   447  C CG  . PHE A 1 71  ? -5.194  7.993   -7.010  1.00 27.36 ? 228 PHE A CG  1 
ATOM   448  C CD1 . PHE A 1 71  ? -6.141  8.310   -6.041  1.00 29.65 ? 228 PHE A CD1 1 
ATOM   449  C CD2 . PHE A 1 71  ? -4.613  6.743   -6.955  1.00 28.27 ? 228 PHE A CD2 1 
ATOM   450  C CE1 . PHE A 1 71  ? -6.513  7.391   -5.064  1.00 27.51 ? 228 PHE A CE1 1 
ATOM   451  C CE2 . PHE A 1 71  ? -4.994  5.825   -5.980  1.00 26.38 ? 228 PHE A CE2 1 
ATOM   452  C CZ  . PHE A 1 71  ? -5.961  6.140   -5.065  1.00 24.18 ? 228 PHE A CZ  1 
ATOM   453  N N   . GLN A 1 72  ? -4.121  11.855  -9.468  1.00 34.05 ? 229 GLN A N   1 
ATOM   454  C CA  . GLN A 1 72  ? -3.123  12.683  -10.186 1.00 36.80 ? 229 GLN A CA  1 
ATOM   455  C C   . GLN A 1 72  ? -2.981  14.045  -9.496  1.00 33.77 ? 229 GLN A C   1 
ATOM   456  O O   . GLN A 1 72  ? -1.820  14.538  -9.386  1.00 35.31 ? 229 GLN A O   1 
ATOM   457  C CB  . GLN A 1 72  ? -3.468  12.795  -11.677 1.00 37.64 ? 229 GLN A CB  1 
ATOM   458  C CG  . GLN A 1 72  ? -2.374  13.494  -12.454 1.00 38.09 ? 229 GLN A CG  1 
ATOM   459  C CD  . GLN A 1 72  ? -1.067  12.748  -12.381 1.00 42.41 ? 229 GLN A CD  1 
ATOM   460  O OE1 . GLN A 1 72  ? -1.027  11.524  -12.475 1.00 45.27 ? 229 GLN A OE1 1 
ATOM   461  N NE2 . GLN A 1 72  ? 0.019   13.493  -12.200 1.00 44.27 ? 229 GLN A NE2 1 
ATOM   462  N N   . GLY A 1 73  ? -4.104  14.643  -9.106  1.00 34.19 ? 230 GLY A N   1 
ATOM   463  C CA  . GLY A 1 73  ? -4.166  15.962  -8.464  1.00 36.19 ? 230 GLY A CA  1 
ATOM   464  C C   . GLY A 1 73  ? -3.462  15.922  -7.124  1.00 38.26 ? 230 GLY A C   1 
ATOM   465  O O   . GLY A 1 73  ? -2.815  16.907  -6.754  1.00 37.61 ? 230 GLY A O   1 
ATOM   466  N N   . MET A 1 74  ? -3.546  14.802  -6.405  1.00 38.96 ? 231 MET A N   1 
ATOM   467  C CA  . MET A 1 74  ? -2.865  14.664  -5.092  1.00 35.99 ? 231 MET A CA  1 
ATOM   468  C C   . MET A 1 74  ? -1.350  14.534  -5.328  1.00 37.41 ? 231 MET A C   1 
ATOM   469  O O   . MET A 1 74  ? -0.579  15.287  -4.672  1.00 38.32 ? 231 MET A O   1 
ATOM   470  C CB  . MET A 1 74  ? -3.419  13.467  -4.301  1.00 40.31 ? 231 MET A CB  1 
ATOM   471  C CG  . MET A 1 74  ? -2.752  13.236  -2.935  1.00 36.88 ? 231 MET A CG  1 
ATOM   472  S SD  . MET A 1 74  ? -2.739  14.680  -1.798  1.00 40.82 ? 231 MET A SD  1 
ATOM   473  C CE  . MET A 1 74  ? -4.473  14.804  -1.379  1.00 39.19 ? 231 MET A CE  1 
ATOM   474  N N   . LEU A 1 75  ? -0.918  13.682  -6.265  1.00 34.69 ? 232 LEU A N   1 
ATOM   475  C CA  . LEU A 1 75  ? 0.512   13.510  -6.620  1.00 38.81 ? 232 LEU A CA  1 
ATOM   476  C C   . LEU A 1 75  ? 1.118   14.882  -6.980  1.00 42.44 ? 232 LEU A C   1 
ATOM   477  O O   . LEU A 1 75  ? 2.283   15.140  -6.605  1.00 41.06 ? 232 LEU A O   1 
ATOM   478  C CB  . LEU A 1 75  ? 0.616   12.546  -7.797  1.00 37.69 ? 232 LEU A CB  1 
ATOM   479  C CG  . LEU A 1 75  ? 2.025   12.142  -8.211  1.00 40.35 ? 232 LEU A CG  1 
ATOM   480  C CD1 . LEU A 1 75  ? 2.750   11.419  -7.096  1.00 42.49 ? 232 LEU A CD1 1 
ATOM   481  C CD2 . LEU A 1 75  ? 1.993   11.267  -9.442  1.00 45.52 ? 232 LEU A CD2 1 
ATOM   482  N N   . ARG A 1 76  ? 0.375   15.691  -7.745  1.00 46.55 ? 233 ARG A N   1 
ATOM   483  C CA  . ARG A 1 76  ? 0.765   17.065  -8.175  1.00 44.87 ? 233 ARG A CA  1 
ATOM   484  C C   . ARG A 1 76  ? 0.916   17.967  -6.932  1.00 44.69 ? 233 ARG A C   1 
ATOM   485  O O   . ARG A 1 76  ? 1.935   18.632  -6.824  1.00 42.33 ? 233 ARG A O   1 
ATOM   486  C CB  . ARG A 1 76  ? -0.270  17.580  -9.186  1.00 53.51 ? 233 ARG A CB  1 
ATOM   487  C CG  . ARG A 1 76  ? 0.059   18.939  -9.796  1.00 58.82 ? 233 ARG A CG  1 
ATOM   488  C CD  . ARG A 1 76  ? -0.704  19.283  -11.068 1.00 60.59 ? 233 ARG A CD  1 
ATOM   489  N NE  . ARG A 1 76  ? -0.121  20.450  -11.740 1.00 65.78 ? 233 ARG A NE  1 
ATOM   490  C CZ  . ARG A 1 76  ? -0.345  21.726  -11.406 1.00 63.31 ? 233 ARG A CZ  1 
ATOM   491  N NH1 . ARG A 1 76  ? -1.173  22.023  -10.416 1.00 66.80 ? 233 ARG A NH1 1 
ATOM   492  N NH2 . ARG A 1 76  ? 0.246   22.702  -12.075 1.00 65.74 ? 233 ARG A NH2 1 
ATOM   493  N N   . LYS A 1 77  ? -0.022  17.961  -5.983  1.00 45.07 ? 234 LYS A N   1 
ATOM   494  C CA  . LYS A 1 77  ? 0.121   18.750  -4.729  1.00 50.36 ? 234 LYS A CA  1 
ATOM   495  C C   . LYS A 1 77  ? 1.394   18.308  -3.989  1.00 50.47 ? 234 LYS A C   1 
ATOM   496  O O   . LYS A 1 77  ? 2.159   19.180  -3.591  1.00 51.40 ? 234 LYS A O   1 
ATOM   497  C CB  . LYS A 1 77  ? -1.115  18.640  -3.835  1.00 53.26 ? 234 LYS A CB  1 
ATOM   498  C CG  . LYS A 1 77  ? -2.314  19.463  -4.278  1.00 61.57 ? 234 LYS A CG  1 
ATOM   499  C CD  . LYS A 1 77  ? -3.613  19.108  -3.560  1.00 70.25 ? 234 LYS A CD  1 
ATOM   500  C CE  . LYS A 1 77  ? -4.854  19.564  -4.305  1.00 77.56 ? 234 LYS A CE  1 
ATOM   501  N NZ  . LYS A 1 77  ? -6.069  19.487  -3.460  1.00 80.82 ? 234 LYS A NZ  1 
ATOM   502  N N   . LEU A 1 78  ? 1.659   17.007  -3.855  1.00 49.70 ? 235 LEU A N   1 
ATOM   503  C CA  . LEU A 1 78  ? 2.754   16.491  -2.987  1.00 45.36 ? 235 LEU A CA  1 
ATOM   504  C C   . LEU A 1 78  ? 4.102   16.702  -3.677  1.00 46.20 ? 235 LEU A C   1 
ATOM   505  O O   . LEU A 1 78  ? 5.127   16.625  -2.984  1.00 48.21 ? 235 LEU A O   1 
ATOM   506  C CB  . LEU A 1 78  ? 2.540   15.013  -2.663  1.00 44.06 ? 235 LEU A CB  1 
ATOM   507  C CG  . LEU A 1 78  ? 1.212   14.646  -2.017  1.00 46.68 ? 235 LEU A CG  1 
ATOM   508  C CD1 . LEU A 1 78  ? 1.109   13.132  -1.888  1.00 48.93 ? 235 LEU A CD1 1 
ATOM   509  C CD2 . LEU A 1 78  ? 1.047   15.325  -0.666  1.00 49.55 ? 235 LEU A CD2 1 
ATOM   510  N N   . ASP A 1 79  ? 4.087   16.968  -4.987  1.00 48.63 ? 236 ASP A N   1 
ATOM   511  C CA  . ASP A 1 79  ? 5.270   17.310  -5.811  1.00 49.23 ? 236 ASP A CA  1 
ATOM   512  C C   . ASP A 1 79  ? 6.462   16.414  -5.448  1.00 50.67 ? 236 ASP A C   1 
ATOM   513  O O   . ASP A 1 79  ? 7.520   16.962  -5.084  1.00 56.43 ? 236 ASP A O   1 
ATOM   514  C CB  . ASP A 1 79  ? 5.671   18.780  -5.650  1.00 52.94 ? 236 ASP A CB  1 
ATOM   515  C CG  . ASP A 1 79  ? 6.657   19.244  -6.719  1.00 57.58 ? 236 ASP A CG  1 
ATOM   516  O OD1 . ASP A 1 79  ? 6.547   18.784  -7.885  1.00 64.00 ? 236 ASP A OD1 1 
ATOM   517  O OD2 . ASP A 1 79  ? 7.553   20.031  -6.382  1.00 60.54 ? 236 ASP A OD2 1 
ATOM   518  N N   . ILE A 1 80  ? 6.325   15.098  -5.589  1.00 46.75 ? 237 ILE A N   1 
ATOM   519  C CA  . ILE A 1 80  ? 7.391   14.128  -5.216  1.00 48.38 ? 237 ILE A CA  1 
ATOM   520  C C   . ILE A 1 80  ? 8.490   14.126  -6.288  1.00 50.64 ? 237 ILE A C   1 
ATOM   521  O O   . ILE A 1 80  ? 8.190   13.813  -7.437  1.00 55.43 ? 237 ILE A O   1 
ATOM   522  C CB  . ILE A 1 80  ? 6.785   12.739  -4.948  1.00 49.82 ? 237 ILE A CB  1 
ATOM   523  C CG1 . ILE A 1 80  ? 5.752   12.817  -3.821  1.00 50.33 ? 237 ILE A CG1 1 
ATOM   524  C CG2 . ILE A 1 80  ? 7.875   11.729  -4.626  1.00 52.88 ? 237 ILE A CG2 1 
ATOM   525  C CD1 . ILE A 1 80  ? 4.738   11.717  -3.854  1.00 52.24 ? 237 ILE A CD1 1 
ATOM   526  N N   . LYS A 1 81  ? 9.723   14.467  -5.903  1.00 50.51 ? 238 LYS A N   1 
ATOM   527  C CA  . LYS A 1 81  ? 10.897  14.579  -6.810  1.00 54.21 ? 238 LYS A CA  1 
ATOM   528  C C   . LYS A 1 81  ? 12.059  13.710  -6.325  1.00 58.33 ? 238 LYS A C   1 
ATOM   529  O O   . LYS A 1 81  ? 12.970  13.474  -7.140  1.00 58.37 ? 238 LYS A O   1 
ATOM   530  C CB  . LYS A 1 81  ? 11.436  16.007  -6.866  1.00 58.24 ? 238 LYS A CB  1 
ATOM   531  C CG  . LYS A 1 81  ? 10.509  17.017  -7.517  1.00 67.38 ? 238 LYS A CG  1 
ATOM   532  C CD  . LYS A 1 81  ? 11.087  18.425  -7.542  1.00 73.45 ? 238 LYS A CD  1 
ATOM   533  C CE  . LYS A 1 81  ? 10.688  19.207  -8.777  1.00 80.54 ? 238 LYS A CE  1 
ATOM   534  N NZ  . LYS A 1 81  ? 11.380  20.516  -8.845  1.00 83.05 ? 238 LYS A NZ  1 
ATOM   535  N N   . ASN A 1 82  ? 12.081  13.305  -5.052  1.00 56.87 ? 239 ASN A N   1 
ATOM   536  C CA  . ASN A 1 82  ? 13.273  12.634  -4.471  1.00 57.16 ? 239 ASN A CA  1 
ATOM   537  C C   . ASN A 1 82  ? 12.923  11.984  -3.133  1.00 47.07 ? 239 ASN A C   1 
ATOM   538  O O   . ASN A 1 82  ? 11.747  12.039  -2.736  1.00 45.76 ? 239 ASN A O   1 
ATOM   539  C CB  . ASN A 1 82  ? 14.465  13.597  -4.359  1.00 60.64 ? 239 ASN A CB  1 
ATOM   540  C CG  . ASN A 1 82  ? 14.276  14.738  -3.376  1.00 59.87 ? 239 ASN A CG  1 
ATOM   541  O OD1 . ASN A 1 82  ? 13.156  15.079  -2.992  1.00 54.71 ? 239 ASN A OD1 1 
ATOM   542  N ND2 . ASN A 1 82  ? 15.383  15.328  -2.956  1.00 64.91 ? 239 ASN A ND2 1 
ATOM   543  N N   . GLU A 1 83  ? 13.925  11.373  -2.502  1.00 49.92 ? 240 GLU A N   1 
ATOM   544  C CA  . GLU A 1 83  ? 13.825  10.640  -1.210  1.00 47.79 ? 240 GLU A CA  1 
ATOM   545  C C   . GLU A 1 83  ? 13.211  11.574  -0.158  1.00 49.29 ? 240 GLU A C   1 
ATOM   546  O O   . GLU A 1 83  ? 12.431  11.097  0.721   1.00 43.95 ? 240 GLU A O   1 
ATOM   547  C CB  . GLU A 1 83  ? 15.212  10.149  -0.778  1.00 47.21 ? 240 GLU A CB  1 
ATOM   548  N N   . ASP A 1 84  ? 13.585  12.854  -0.197  1.00 49.28 ? 241 ASP A N   1 
ATOM   549  C CA  . ASP A 1 84  ? 13.130  13.843  0.815   1.00 51.00 ? 241 ASP A CA  1 
ATOM   550  C C   . ASP A 1 84  ? 11.605  13.946  0.749   1.00 50.43 ? 241 ASP A C   1 
ATOM   551  O O   . ASP A 1 84  ? 10.957  13.769  1.812   1.00 43.17 ? 241 ASP A O   1 
ATOM   552  C CB  . ASP A 1 84  ? 13.849  15.183  0.643   1.00 53.47 ? 241 ASP A CB  1 
ATOM   553  C CG  . ASP A 1 84  ? 15.272  15.157  1.179   1.00 59.30 ? 241 ASP A CG  1 
ATOM   554  O OD1 . ASP A 1 84  ? 15.540  14.345  2.105   1.00 58.16 ? 241 ASP A OD1 1 
ATOM   555  O OD2 . ASP A 1 84  ? 16.111  15.925  0.658   1.00 58.08 ? 241 ASP A OD2 1 
ATOM   556  N N   . ASP A 1 85  ? 11.063  14.114  -0.460  1.00 48.87 ? 242 ASP A N   1 
ATOM   557  C CA  . ASP A 1 85  ? 9.607   14.274  -0.715  1.00 47.22 ? 242 ASP A CA  1 
ATOM   558  C C   . ASP A 1 85  ? 8.849   13.003  -0.281  1.00 48.76 ? 242 ASP A C   1 
ATOM   559  O O   . ASP A 1 85  ? 7.673   13.109  0.160   1.00 46.06 ? 242 ASP A O   1 
ATOM   560  C CB  . ASP A 1 85  ? 9.366   14.631  -2.182  1.00 52.30 ? 242 ASP A CB  1 
ATOM   561  C CG  . ASP A 1 85  ? 10.061  15.900  -2.663  1.00 54.23 ? 242 ASP A CG  1 
ATOM   562  O OD1 . ASP A 1 85  ? 10.135  16.871  -1.893  1.00 55.71 ? 242 ASP A OD1 1 
ATOM   563  O OD2 . ASP A 1 85  ? 10.529  15.910  -3.810  1.00 57.16 ? 242 ASP A OD2 1 
ATOM   564  N N   . VAL A 1 86  ? 9.472   11.832  -0.393  1.00 45.57 ? 243 VAL A N   1 
ATOM   565  C CA  . VAL A 1 86  ? 8.834   10.529  -0.034  1.00 44.04 ? 243 VAL A CA  1 
ATOM   566  C C   . VAL A 1 86  ? 8.711   10.483  1.489   1.00 47.61 ? 243 VAL A C   1 
ATOM   567  O O   . VAL A 1 86  ? 7.623   10.137  1.981   1.00 43.95 ? 243 VAL A O   1 
ATOM   568  C CB  . VAL A 1 86  ? 9.624   9.333   -0.610  1.00 51.61 ? 243 VAL A CB  1 
ATOM   569  C CG1 . VAL A 1 86  ? 9.087   7.992   -0.130  1.00 52.00 ? 243 VAL A CG1 1 
ATOM   570  C CG2 . VAL A 1 86  ? 9.684   9.362   -2.134  1.00 43.69 ? 243 VAL A CG2 1 
ATOM   571  N N   . LYS A 1 87  ? 9.772   10.887  2.203   1.00 51.20 ? 244 LYS A N   1 
ATOM   572  C CA  . LYS A 1 87  ? 9.860   10.907  3.692   1.00 48.47 ? 244 LYS A CA  1 
ATOM   573  C C   . LYS A 1 87  ? 8.756   11.802  4.259   1.00 49.94 ? 244 LYS A C   1 
ATOM   574  O O   . LYS A 1 87  ? 8.262   11.504  5.375   1.00 51.42 ? 244 LYS A O   1 
ATOM   575  C CB  . LYS A 1 87  ? 11.232  11.399  4.177   1.00 48.47 ? 244 LYS A CB  1 
ATOM   576  N N   . SER A 1 88  ? 8.407   12.882  3.556   1.00 48.92 ? 245 SER A N   1 
ATOM   577  C CA  . SER A 1 88  ? 7.411   13.881  4.024   1.00 49.57 ? 245 SER A CA  1 
ATOM   578  C C   . SER A 1 88  ? 5.979   13.412  3.698   1.00 54.23 ? 245 SER A C   1 
ATOM   579  O O   . SER A 1 88  ? 5.034   13.997  4.233   1.00 45.91 ? 245 SER A O   1 
ATOM   580  C CB  . SER A 1 88  ? 7.717   15.240  3.449   1.00 53.22 ? 245 SER A CB  1 
ATOM   581  O OG  . SER A 1 88  ? 7.147   15.387  2.173   1.00 51.96 ? 245 SER A OG  1 
ATOM   582  N N   . LEU A 1 89  ? 5.819   12.393  2.844   1.00 54.09 ? 246 LEU A N   1 
ATOM   583  C CA  . LEU A 1 89  ? 4.510   11.741  2.536   1.00 54.06 ? 246 LEU A CA  1 
ATOM   584  C C   . LEU A 1 89  ? 4.003   11.059  3.822   1.00 49.65 ? 246 LEU A C   1 
ATOM   585  O O   . LEU A 1 89  ? 2.794   11.079  4.058   1.00 45.25 ? 246 LEU A O   1 
ATOM   586  C CB  . LEU A 1 89  ? 4.761   10.781  1.362   1.00 52.37 ? 246 LEU A CB  1 
ATOM   587  C CG  . LEU A 1 89  ? 3.579   10.105  0.662   1.00 58.00 ? 246 LEU A CG  1 
ATOM   588  C CD1 . LEU A 1 89  ? 2.384   11.034  0.480   1.00 54.87 ? 246 LEU A CD1 1 
ATOM   589  C CD2 . LEU A 1 89  ? 4.040   9.550   -0.681  1.00 56.00 ? 246 LEU A CD2 1 
ATOM   590  N N   . SER A 1 90  ? 4.904   10.561  4.678   1.00 52.98 ? 247 SER A N   1 
ATOM   591  C CA  . SER A 1 90  ? 4.561   9.856   5.943   1.00 51.09 ? 247 SER A CA  1 
ATOM   592  C C   . SER A 1 90  ? 3.659   10.737  6.812   1.00 54.01 ? 247 SER A C   1 
ATOM   593  O O   . SER A 1 90  ? 2.634   10.203  7.321   1.00 41.64 ? 247 SER A O   1 
ATOM   594  C CB  . SER A 1 90  ? 5.771   9.419   6.732   1.00 56.84 ? 247 SER A CB  1 
ATOM   595  O OG  . SER A 1 90  ? 5.382   8.884   8.002   1.00 58.76 ? 247 SER A OG  1 
ATOM   596  N N   . ARG A 1 91  ? 4.043   12.010  7.007   1.00 50.35 ? 248 ARG A N   1 
ATOM   597  C CA  . ARG A 1 91  ? 3.324   12.951  7.915   1.00 50.45 ? 248 ARG A CA  1 
ATOM   598  C C   . ARG A 1 91  ? 1.924   13.151  7.337   1.00 43.57 ? 248 ARG A C   1 
ATOM   599  O O   . ARG A 1 91  ? 0.977   13.215  8.104   1.00 42.89 ? 248 ARG A O   1 
ATOM   600  C CB  . ARG A 1 91  ? 4.071   14.287  8.058   1.00 49.33 ? 248 ARG A CB  1 
ATOM   601  N N   . VAL A 1 92  ? 1.838   13.255  6.009   1.00 42.08 ? 249 VAL A N   1 
ATOM   602  C CA  . VAL A 1 92  ? 0.577   13.529  5.252   1.00 42.66 ? 249 VAL A CA  1 
ATOM   603  C C   . VAL A 1 92  ? -0.360  12.328  5.420   1.00 34.36 ? 249 VAL A C   1 
ATOM   604  O O   . VAL A 1 92  ? -1.543  12.533  5.710   1.00 36.73 ? 249 VAL A O   1 
ATOM   605  C CB  . VAL A 1 92  ? 0.877   13.772  3.767   1.00 40.99 ? 249 VAL A CB  1 
ATOM   606  C CG1 . VAL A 1 92  ? -0.408  13.876  2.971   1.00 42.81 ? 249 VAL A CG1 1 
ATOM   607  C CG2 . VAL A 1 92  ? 1.771   14.990  3.556   1.00 45.48 ? 249 VAL A CG2 1 
ATOM   608  N N   . MET A 1 93  ? 0.180   11.125  5.249   1.00 35.31 ? 250 MET A N   1 
ATOM   609  C CA  . MET A 1 93  ? -0.594  9.861   5.318   1.00 39.01 ? 250 MET A CA  1 
ATOM   610  C C   . MET A 1 93  ? -1.132  9.707   6.736   1.00 41.56 ? 250 MET A C   1 
ATOM   611  O O   . MET A 1 93  ? -2.337  9.413   6.883   1.00 37.18 ? 250 MET A O   1 
ATOM   612  C CB  . MET A 1 93  ? 0.278   8.670   4.918   1.00 39.78 ? 250 MET A CB  1 
ATOM   613  C CG  . MET A 1 93  ? 0.494   8.624   3.431   1.00 37.60 ? 250 MET A CG  1 
ATOM   614  S SD  . MET A 1 93  ? 1.386   7.191   2.829   0.75 37.61 ? 250 MET A SD  1 
ATOM   615  C CE  . MET A 1 93  ? 2.723   7.049   4.014   1.00 46.37 ? 250 MET A CE  1 
ATOM   616  N N   . ILE A 1 94  ? -0.322  10.028  7.750   1.00 41.55 ? 251 ILE A N   1 
ATOM   617  C CA  . ILE A 1 94  ? -0.811  9.967   9.155   1.00 45.28 ? 251 ILE A CA  1 
ATOM   618  C C   . ILE A 1 94  ? -1.976  10.943  9.304   1.00 41.30 ? 251 ILE A C   1 
ATOM   619  O O   . ILE A 1 94  ? -2.986  10.560  9.910   1.00 48.71 ? 251 ILE A O   1 
ATOM   620  C CB  . ILE A 1 94  ? 0.313   10.226  10.182  1.00 46.83 ? 251 ILE A CB  1 
ATOM   621  C CG1 . ILE A 1 94  ? 1.268   9.034   10.249  1.00 51.01 ? 251 ILE A CG1 1 
ATOM   622  C CG2 . ILE A 1 94  ? -0.278  10.563  11.544  1.00 49.49 ? 251 ILE A CG2 1 
ATOM   623  C CD1 . ILE A 1 94  ? 2.631   9.358   10.843  1.00 58.06 ? 251 ILE A CD1 1 
ATOM   624  N N   . HIS A 1 95  ? -1.831  12.170  8.812   1.00 40.15 ? 252 HIS A N   1 
ATOM   625  C CA  . HIS A 1 95  ? -2.884  13.205  8.954   1.00 43.50 ? 252 HIS A CA  1 
ATOM   626  C C   . HIS A 1 95  ? -4.096  12.793  8.121   1.00 44.12 ? 252 HIS A C   1 
ATOM   627  O O   . HIS A 1 95  ? -5.234  13.001  8.588   1.00 44.65 ? 252 HIS A O   1 
ATOM   628  C CB  . HIS A 1 95  ? -2.397  14.617  8.577   1.00 42.93 ? 252 HIS A CB  1 
ATOM   629  C CG  . HIS A 1 95  ? -3.483  15.635  8.567   0.75 46.49 ? 252 HIS A CG  1 
ATOM   630  N ND1 . HIS A 1 95  ? -4.042  16.141  9.731   0.75 53.77 ? 252 HIS A ND1 1 
ATOM   631  C CD2 . HIS A 1 95  ? -4.121  16.239  7.543   0.75 53.74 ? 252 HIS A CD2 1 
ATOM   632  C CE1 . HIS A 1 95  ? -4.977  17.013  9.423   0.75 57.71 ? 252 HIS A CE1 1 
ATOM   633  N NE2 . HIS A 1 95  ? -5.050  17.087  8.085   0.75 54.69 ? 252 HIS A NE2 1 
ATOM   634  N N   . VAL A 1 96  ? -3.876  12.283  6.913   1.00 42.46 ? 253 VAL A N   1 
ATOM   635  C CA  . VAL A 1 96  ? -5.017  12.065  5.982   1.00 42.68 ? 253 VAL A CA  1 
ATOM   636  C C   . VAL A 1 96  ? -5.641  10.717  6.313   1.00 35.72 ? 253 VAL A C   1 
ATOM   637  O O   . VAL A 1 96  ? -6.858  10.655  6.518   1.00 37.93 ? 253 VAL A O   1 
ATOM   638  C CB  . VAL A 1 96  ? -4.610  12.212  4.507   1.00 42.90 ? 253 VAL A CB  1 
ATOM   639  C CG1 . VAL A 1 96  ? -5.721  11.745  3.577   1.00 42.97 ? 253 VAL A CG1 1 
ATOM   640  C CG2 . VAL A 1 96  ? -4.257  13.669  4.212   1.00 46.01 ? 253 VAL A CG2 1 
ATOM   641  N N   . PHE A 1 97  ? -4.827  9.687   6.395   1.00 37.20 ? 254 PHE A N   1 
ATOM   642  C CA  . PHE A 1 97  ? -5.310  8.308   6.618   1.00 37.66 ? 254 PHE A CA  1 
ATOM   643  C C   . PHE A 1 97  ? -5.671  8.105   8.103   1.00 37.62 ? 254 PHE A C   1 
ATOM   644  O O   . PHE A 1 97  ? -6.810  7.758   8.422   1.00 35.64 ? 254 PHE A O   1 
ATOM   645  C CB  . PHE A 1 97  ? -4.250  7.313   6.154   1.00 40.20 ? 254 PHE A CB  1 
ATOM   646  C CG  . PHE A 1 97  ? -4.614  5.904   6.516   1.00 34.89 ? 254 PHE A CG  1 
ATOM   647  C CD1 . PHE A 1 97  ? -5.608  5.240   5.813   1.00 33.28 ? 254 PHE A CD1 1 
ATOM   648  C CD2 . PHE A 1 97  ? -4.022  5.289   7.594   1.00 36.85 ? 254 PHE A CD2 1 
ATOM   649  C CE1 . PHE A 1 97  ? -5.965  3.950   6.169   1.00 33.95 ? 254 PHE A CE1 1 
ATOM   650  C CE2 . PHE A 1 97  ? -4.351  3.983   7.917   1.00 37.94 ? 254 PHE A CE2 1 
ATOM   651  C CZ  . PHE A 1 97  ? -5.327  3.327   7.207   1.00 32.82 ? 254 PHE A CZ  1 
ATOM   652  N N   . SER A 1 98  ? -4.717  8.285   9.002   1.00 38.36 ? 255 SER A N   1 
ATOM   653  C CA  . SER A 1 98  ? -4.866  7.839   10.418  1.00 45.99 ? 255 SER A CA  1 
ATOM   654  C C   . SER A 1 98  ? -6.002  8.598   11.105  1.00 46.76 ? 255 SER A C   1 
ATOM   655  O O   . SER A 1 98  ? -6.719  7.984   11.894  1.00 53.24 ? 255 SER A O   1 
ATOM   656  C CB  . SER A 1 98  ? -3.591  7.957   11.201  1.00 46.74 ? 255 SER A CB  1 
ATOM   657  O OG  . SER A 1 98  ? -2.540  7.270   10.531  1.00 47.20 ? 255 SER A OG  1 
ATOM   658  N N   . ASP A 1 99  ? -6.172  9.878   10.797  1.00 50.89 ? 256 ASP A N   1 
ATOM   659  C CA  . ASP A 1 99  ? -7.094  10.778  11.535  1.00 55.73 ? 256 ASP A CA  1 
ATOM   660  C C   . ASP A 1 99  ? -8.525  10.633  10.979  1.00 54.72 ? 256 ASP A C   1 
ATOM   661  O O   . ASP A 1 99  ? -9.448  11.180  11.587  1.00 58.64 ? 256 ASP A O   1 
ATOM   662  C CB  . ASP A 1 99  ? -6.529  12.206  11.527  1.00 61.45 ? 256 ASP A CB  1 
ATOM   663  C CG  . ASP A 1 99  ? -5.206  12.388  12.273  1.00 61.81 ? 256 ASP A CG  1 
ATOM   664  O OD1 . ASP A 1 99  ? -4.715  11.414  12.893  1.00 67.79 ? 256 ASP A OD1 1 
ATOM   665  O OD2 . ASP A 1 99  ? -4.677  13.515  12.254  1.00 58.80 ? 256 ASP A OD2 1 
ATOM   666  N N   . GLY A 1 100 ? -8.747  9.851   9.920   1.00 51.16 ? 257 GLY A N   1 
ATOM   667  C CA  . GLY A 1 100 ? -10.104 9.599   9.402   1.00 47.84 ? 257 GLY A CA  1 
ATOM   668  C C   . GLY A 1 100 ? -10.759 8.362   10.016  1.00 49.32 ? 257 GLY A C   1 
ATOM   669  O O   . GLY A 1 100 ? -10.159 7.714   10.890  1.00 50.59 ? 257 GLY A O   1 
ATOM   670  N N   . VAL A 1 101 ? -11.962 8.007   9.558   1.00 45.00 ? 258 VAL A N   1 
ATOM   671  C CA  . VAL A 1 101 ? -12.654 6.748   9.971   1.00 44.62 ? 258 VAL A CA  1 
ATOM   672  C C   . VAL A 1 101 ? -11.786 5.563   9.500   1.00 39.37 ? 258 VAL A C   1 
ATOM   673  O O   . VAL A 1 101 ? -10.937 5.783   8.656   1.00 37.75 ? 258 VAL A O   1 
ATOM   674  C CB  . VAL A 1 101 ? -14.105 6.714   9.447   1.00 46.13 ? 258 VAL A CB  1 
ATOM   675  C CG1 . VAL A 1 101 ? -14.947 7.828   10.075  1.00 45.89 ? 258 VAL A CG1 1 
ATOM   676  C CG2 . VAL A 1 101 ? -14.208 6.745   7.921   1.00 46.76 ? 258 VAL A CG2 1 
ATOM   677  N N   . THR A 1 102 ? -11.925 4.366   10.057  1.00 32.83 ? 259 THR A N   1 
ATOM   678  C CA  . THR A 1 102 ? -11.110 3.188   9.653   1.00 32.72 ? 259 THR A CA  1 
ATOM   679  C C   . THR A 1 102 ? -12.003 2.136   8.993   1.00 29.54 ? 259 THR A C   1 
ATOM   680  O O   . THR A 1 102 ? -13.032 1.793   9.566   1.00 29.67 ? 259 THR A O   1 
ATOM   681  C CB  . THR A 1 102 ? -10.437 2.475   10.829  1.00 36.58 ? 259 THR A CB  1 
ATOM   682  O OG1 . THR A 1 102 ? -9.819  3.508   11.586  1.00 34.66 ? 259 THR A OG1 1 
ATOM   683  C CG2 . THR A 1 102 ? -9.447  1.411   10.371  1.00 33.35 ? 259 THR A CG2 1 
ATOM   684  N N   . ASN A 1 103 ? -11.582 1.602   7.867   1.00 26.58 ? 260 ASN A N   1 
ATOM   685  C CA  . ASN A 1 103 ? -12.380 0.609   7.110   1.00 27.59 ? 260 ASN A CA  1 
ATOM   686  C C   . ASN A 1 103 ? -11.516 0.141   5.958   1.00 26.66 ? 260 ASN A C   1 
ATOM   687  O O   . ASN A 1 103 ? -10.544 0.844   5.589   1.00 29.17 ? 260 ASN A O   1 
ATOM   688  C CB  . ASN A 1 103 ? -13.716 1.210   6.678   1.00 24.93 ? 260 ASN A CB  1 
ATOM   689  C CG  . ASN A 1 103 ? -13.518 2.431   5.788   1.00 28.14 ? 260 ASN A CG  1 
ATOM   690  O OD1 . ASN A 1 103 ? -13.056 2.302   4.664   1.00 25.05 ? 260 ASN A OD1 1 
ATOM   691  N ND2 . ASN A 1 103 ? -13.808 3.620   6.292   1.00 28.30 ? 260 ASN A ND2 1 
ATOM   692  N N   . TRP A 1 104 ? -11.844 -1.011  5.404   1.00 27.66 ? 261 TRP A N   1 
ATOM   693  C CA  . TRP A 1 104 ? -11.040 -1.574  4.292   1.00 27.60 ? 261 TRP A CA  1 
ATOM   694  C C   . TRP A 1 104 ? -11.032 -0.640  3.066   1.00 26.32 ? 261 TRP A C   1 
ATOM   695  O O   . TRP A 1 104 ? -10.032 -0.664  2.348   1.00 26.59 ? 261 TRP A O   1 
ATOM   696  C CB  . TRP A 1 104 ? -11.559 -2.957  3.934   1.00 27.96 ? 261 TRP A CB  1 
ATOM   697  C CG  . TRP A 1 104 ? -11.244 -4.004  4.961   1.00 29.29 ? 261 TRP A CG  1 
ATOM   698  C CD1 . TRP A 1 104 ? -12.176 -4.748  5.612   1.00 28.66 ? 261 TRP A CD1 1 
ATOM   699  C CD2 . TRP A 1 104 ? -9.971  -4.398  5.498   1.00 29.72 ? 261 TRP A CD2 1 
ATOM   700  N NE1 . TRP A 1 104 ? -11.584 -5.607  6.476   1.00 29.92 ? 261 TRP A NE1 1 
ATOM   701  C CE2 . TRP A 1 104 ? -10.229 -5.415  6.440   1.00 29.71 ? 261 TRP A CE2 1 
ATOM   702  C CE3 . TRP A 1 104 ? -8.644  -4.007  5.299   1.00 28.53 ? 261 TRP A CE3 1 
ATOM   703  C CZ2 . TRP A 1 104 ? -9.218  -6.045  7.153   1.00 31.36 ? 261 TRP A CZ2 1 
ATOM   704  C CZ3 . TRP A 1 104 ? -7.636  -4.662  5.971   1.00 28.16 ? 261 TRP A CZ3 1 
ATOM   705  C CH2 . TRP A 1 104 ? -7.927  -5.651  6.905   1.00 27.61 ? 261 TRP A CH2 1 
ATOM   706  N N   . GLY A 1 105 ? -12.100 0.133   2.820   1.00 28.54 ? 262 GLY A N   1 
ATOM   707  C CA  . GLY A 1 105 ? -12.168 1.024   1.637   1.00 28.50 ? 262 GLY A CA  1 
ATOM   708  C C   . GLY A 1 105 ? -11.091 2.097   1.727   1.00 26.00 ? 262 GLY A C   1 
ATOM   709  O O   . GLY A 1 105 ? -10.328 2.251   0.792   1.00 25.88 ? 262 GLY A O   1 
ATOM   710  N N   . ARG A 1 106 ? -10.883 2.688   2.907   1.00 29.37 ? 263 ARG A N   1 
ATOM   711  C CA  . ARG A 1 106 ? -9.787  3.680   3.105   1.00 26.55 ? 263 ARG A CA  1 
ATOM   712  C C   . ARG A 1 106 ? -8.451  2.985   3.125   1.00 25.41 ? 263 ARG A C   1 
ATOM   713  O O   . ARG A 1 106 ? -7.480  3.558   2.623   1.00 26.29 ? 263 ARG A O   1 
ATOM   714  C CB  . ARG A 1 106 ? -10.019 4.546   4.332   1.00 29.33 ? 263 ARG A CB  1 
ATOM   715  C CG  . ARG A 1 106 ? -11.327 5.309   4.235   1.00 32.72 ? 263 ARG A CG  1 
ATOM   716  C CD  . ARG A 1 106 ? -11.377 6.434   5.241   1.00 35.83 ? 263 ARG A CD  1 
ATOM   717  N NE  . ARG A 1 106 ? -10.491 7.541   4.876   1.00 35.85 ? 263 ARG A NE  1 
ATOM   718  C CZ  . ARG A 1 106 ? -9.506  8.027   5.620   1.00 39.27 ? 263 ARG A CZ  1 
ATOM   719  N NH1 . ARG A 1 106 ? -9.236  7.522   6.820   1.00 37.20 ? 263 ARG A NH1 1 
ATOM   720  N NH2 . ARG A 1 106 ? -8.802  9.049   5.177   1.00 35.86 ? 263 ARG A NH2 1 
ATOM   721  N N   . ILE A 1 107 ? -8.385  1.755   3.609   1.00 24.48 ? 264 ILE A N   1 
ATOM   722  C CA  . ILE A 1 107 ? -7.077  1.050   3.622   1.00 25.65 ? 264 ILE A CA  1 
ATOM   723  C C   . ILE A 1 107 ? -6.672  0.765   2.178   1.00 28.47 ? 264 ILE A C   1 
ATOM   724  O O   . ILE A 1 107 ? -5.475  0.896   1.836   1.00 27.43 ? 264 ILE A O   1 
ATOM   725  C CB  . ILE A 1 107 ? -7.127  -0.221  4.512   1.00 24.76 ? 264 ILE A CB  1 
ATOM   726  C CG1 . ILE A 1 107 ? -7.208  0.186   5.995   1.00 26.93 ? 264 ILE A CG1 1 
ATOM   727  C CG2 . ILE A 1 107 ? -5.922  -1.094  4.229   1.00 23.89 ? 264 ILE A CG2 1 
ATOM   728  C CD1 . ILE A 1 107 ? -7.685  -0.922  6.942   1.00 25.98 ? 264 ILE A CD1 1 
ATOM   729  N N   . VAL A 1 108 ? -7.617  0.313   1.370   1.00 29.52 ? 265 VAL A N   1 
ATOM   730  C CA  . VAL A 1 108 ? -7.325  -0.007  -0.055  1.00 30.27 ? 265 VAL A CA  1 
ATOM   731  C C   . VAL A 1 108 ? -6.926  1.295   -0.754  1.00 23.17 ? 265 VAL A C   1 
ATOM   732  O O   . VAL A 1 108 ? -5.999  1.237   -1.528  1.00 25.32 ? 265 VAL A O   1 
ATOM   733  C CB  . VAL A 1 108 ? -8.481  -0.734  -0.774  1.00 32.31 ? 265 VAL A CB  1 
ATOM   734  C CG1 . VAL A 1 108 ? -8.275  -0.767  -2.269  1.00 39.32 ? 265 VAL A CG1 1 
ATOM   735  C CG2 . VAL A 1 108 ? -8.592  -2.161  -0.312  1.00 36.74 ? 265 VAL A CG2 1 
ATOM   736  N N   . THR A 1 109 ? -7.550  2.410   -0.417  1.00 27.38 ? 266 THR A N   1 
ATOM   737  C CA  . THR A 1 109 ? -7.246  3.731   -1.027  1.00 26.49 ? 266 THR A CA  1 
ATOM   738  C C   . THR A 1 109 ? -5.815  4.151   -0.688  1.00 29.18 ? 266 THR A C   1 
ATOM   739  O O   . THR A 1 109 ? -5.069  4.494   -1.642  1.00 26.00 ? 266 THR A O   1 
ATOM   740  C CB  . THR A 1 109 ? -8.264  4.784   -0.618  1.00 26.53 ? 266 THR A CB  1 
ATOM   741  O OG1 . THR A 1 109 ? -9.497  4.254   -1.089  1.00 27.90 ? 266 THR A OG1 1 
ATOM   742  C CG2 . THR A 1 109 ? -7.952  6.142   -1.202  1.00 26.49 ? 266 THR A CG2 1 
ATOM   743  N N   . LEU A 1 110 ? -5.417  4.069   0.597   1.00 27.34 ? 267 LEU A N   1 
ATOM   744  C CA  . LEU A 1 110 ? -4.027  4.354   1.029   1.00 27.60 ? 267 LEU A CA  1 
ATOM   745  C C   . LEU A 1 110 ? -3.047  3.500   0.230   1.00 28.61 ? 267 LEU A C   1 
ATOM   746  O O   . LEU A 1 110 ? -2.008  4.053   -0.231  1.00 25.42 ? 267 LEU A O   1 
ATOM   747  C CB  . LEU A 1 110 ? -3.856  4.070   2.521   1.00 26.68 ? 267 LEU A CB  1 
ATOM   748  C CG  . LEU A 1 110 ? -2.427  4.118   3.043   1.00 28.41 ? 267 LEU A CG  1 
ATOM   749  C CD1 . LEU A 1 110 ? -1.897  5.543   3.053   1.00 29.82 ? 267 LEU A CD1 1 
ATOM   750  C CD2 . LEU A 1 110 ? -2.361  3.494   4.439   1.00 26.53 ? 267 LEU A CD2 1 
ATOM   751  N N   . ILE A 1 111 ? -3.320  2.205   0.061   1.00 26.63 ? 268 ILE A N   1 
ATOM   752  C CA  . ILE A 1 111 ? -2.309  1.284   -0.533  1.00 25.58 ? 268 ILE A CA  1 
ATOM   753  C C   . ILE A 1 111 ? -2.271  1.536   -2.064  1.00 24.60 ? 268 ILE A C   1 
ATOM   754  O O   . ILE A 1 111 ? -1.179  1.489   -2.626  1.00 27.80 ? 268 ILE A O   1 
ATOM   755  C CB  . ILE A 1 111 ? -2.600  -0.187  -0.170  1.00 26.14 ? 268 ILE A CB  1 
ATOM   756  C CG1 . ILE A 1 111 ? -2.348  -0.486  1.316   1.00 25.55 ? 268 ILE A CG1 1 
ATOM   757  C CG2 . ILE A 1 111 ? -1.788  -1.109  -1.026  1.00 26.57 ? 268 ILE A CG2 1 
ATOM   758  C CD1 . ILE A 1 111 ? -3.065  -1.738  1.822   1.00 27.38 ? 268 ILE A CD1 1 
ATOM   759  N N   . SER A 1 112 ? -3.423  1.745   -2.679  1.00 26.79 ? 269 SER A N   1 
ATOM   760  C CA  . SER A 1 112 ? -3.597  2.037   -4.136  1.00 30.98 ? 269 SER A CA  1 
ATOM   761  C C   . SER A 1 112 ? -2.819  3.305   -4.497  1.00 28.56 ? 269 SER A C   1 
ATOM   762  O O   . SER A 1 112 ? -2.199  3.374   -5.577  1.00 30.19 ? 269 SER A O   1 
ATOM   763  C CB  . SER A 1 112 ? -5.040  2.252   -4.487  1.00 30.83 ? 269 SER A CB  1 
ATOM   764  O OG  . SER A 1 112 ? -5.823  1.114   -4.199  1.00 38.36 ? 269 SER A OG  1 
ATOM   765  N N   . PHE A 1 113 ? -2.873  4.292   -3.612  1.00 27.11 ? 270 PHE A N   1 
ATOM   766  C CA  . PHE A 1 113 ? -2.186  5.587   -3.809  1.00 26.85 ? 270 PHE A CA  1 
ATOM   767  C C   . PHE A 1 113 ? -0.685  5.375   -3.665  1.00 28.81 ? 270 PHE A C   1 
ATOM   768  O O   . PHE A 1 113 ? 0.080   5.946   -4.467  1.00 31.52 ? 270 PHE A O   1 
ATOM   769  C CB  . PHE A 1 113 ? -2.701  6.682   -2.879  1.00 26.71 ? 270 PHE A CB  1 
ATOM   770  C CG  . PHE A 1 113 ? -2.066  7.999   -3.215  1.00 29.46 ? 270 PHE A CG  1 
ATOM   771  C CD1 . PHE A 1 113 ? -2.354  8.627   -4.430  1.00 32.48 ? 270 PHE A CD1 1 
ATOM   772  C CD2 . PHE A 1 113 ? -1.108  8.552   -2.380  1.00 27.80 ? 270 PHE A CD2 1 
ATOM   773  C CE1 . PHE A 1 113 ? -1.725  9.821   -4.761  1.00 34.12 ? 270 PHE A CE1 1 
ATOM   774  C CE2 . PHE A 1 113 ? -0.499  9.750   -2.701  1.00 28.68 ? 270 PHE A CE2 1 
ATOM   775  C CZ  . PHE A 1 113 ? -0.810  10.386  -3.880  1.00 31.92 ? 270 PHE A CZ  1 
ATOM   776  N N   . GLY A 1 114 ? -0.264  4.507   -2.744  1.00 25.28 ? 271 GLY A N   1 
ATOM   777  C CA  . GLY A 1 114 ? 1.124   4.022   -2.713  1.00 25.54 ? 271 GLY A CA  1 
ATOM   778  C C   . GLY A 1 114 ? 1.577   3.519   -4.081  1.00 29.47 ? 271 GLY A C   1 
ATOM   779  O O   . GLY A 1 114 ? 2.690   3.897   -4.548  1.00 28.06 ? 271 GLY A O   1 
ATOM   780  N N   . ALA A 1 115 ? 0.784   2.650   -4.692  1.00 29.85 ? 272 ALA A N   1 
ATOM   781  C CA  . ALA A 1 115 ? 1.107   2.059   -6.020  1.00 31.87 ? 272 ALA A CA  1 
ATOM   782  C C   . ALA A 1 115 ? 1.232   3.167   -7.082  1.00 27.47 ? 272 ALA A C   1 
ATOM   783  O O   . ALA A 1 115 ? 2.155   3.109   -7.871  1.00 29.48 ? 272 ALA A O   1 
ATOM   784  C CB  . ALA A 1 115 ? 0.063   1.045   -6.402  1.00 31.27 ? 272 ALA A CB  1 
ATOM   785  N N   . PHE A 1 116 ? 0.304   4.120   -7.087  1.00 31.10 ? 273 PHE A N   1 
ATOM   786  C CA  . PHE A 1 116 ? 0.246   5.252   -8.025  1.00 32.82 ? 273 PHE A CA  1 
ATOM   787  C C   . PHE A 1 116 ? 1.504   6.099   -7.853  1.00 33.83 ? 273 PHE A C   1 
ATOM   788  O O   . PHE A 1 116 ? 2.146   6.431   -8.860  1.00 29.28 ? 273 PHE A O   1 
ATOM   789  C CB  . PHE A 1 116 ? -1.068  5.994   -7.823  1.00 30.33 ? 273 PHE A CB  1 
ATOM   790  C CG  . PHE A 1 116 ? -1.385  6.997   -8.890  1.00 33.20 ? 273 PHE A CG  1 
ATOM   791  C CD1 . PHE A 1 116 ? -0.952  8.314   -8.779  1.00 36.00 ? 273 PHE A CD1 1 
ATOM   792  C CD2 . PHE A 1 116 ? -2.125  6.631   -9.992  1.00 32.79 ? 273 PHE A CD2 1 
ATOM   793  C CE1 . PHE A 1 116 ? -1.236  9.228   -9.785  1.00 35.09 ? 273 PHE A CE1 1 
ATOM   794  C CE2 . PHE A 1 116 ? -2.447  7.562   -10.962 1.00 32.86 ? 273 PHE A CE2 1 
ATOM   795  C CZ  . PHE A 1 116 ? -1.993  8.856   -10.858 1.00 32.37 ? 273 PHE A CZ  1 
ATOM   796  N N   . VAL A 1 117 ? 1.916   6.368   -6.612  1.00 30.30 ? 274 VAL A N   1 
ATOM   797  C CA  . VAL A 1 117 ? 3.213   7.042   -6.333  1.00 29.01 ? 274 VAL A CA  1 
ATOM   798  C C   . VAL A 1 117 ? 4.381   6.165   -6.791  1.00 32.48 ? 274 VAL A C   1 
ATOM   799  O O   . VAL A 1 117 ? 5.367   6.738   -7.348  1.00 33.21 ? 274 VAL A O   1 
ATOM   800  C CB  . VAL A 1 117 ? 3.372   7.454   -4.853  1.00 30.11 ? 274 VAL A CB  1 
ATOM   801  C CG1 . VAL A 1 117 ? 4.777   7.949   -4.551  1.00 29.76 ? 274 VAL A CG1 1 
ATOM   802  C CG2 . VAL A 1 117 ? 2.349   8.488   -4.464  1.00 30.11 ? 274 VAL A CG2 1 
ATOM   803  N N   . ALA A 1 118 ? 4.328   4.848   -6.621  1.00 30.22 ? 275 ALA A N   1 
ATOM   804  C CA  . ALA A 1 118 ? 5.498   3.995   -6.945  1.00 31.59 ? 275 ALA A CA  1 
ATOM   805  C C   . ALA A 1 118 ? 5.741   4.019   -8.467  1.00 29.55 ? 275 ALA A C   1 
ATOM   806  O O   . ALA A 1 118 ? 6.903   3.980   -8.886  1.00 30.15 ? 275 ALA A O   1 
ATOM   807  C CB  . ALA A 1 118 ? 5.300   2.594   -6.442  1.00 29.75 ? 275 ALA A CB  1 
ATOM   808  N N   . LYS A 1 119 ? 4.689   3.946   -9.250  1.00 28.93 ? 276 LYS A N   1 
ATOM   809  C CA  . LYS A 1 119 ? 4.765   4.051   -10.740 1.00 35.51 ? 276 LYS A CA  1 
ATOM   810  C C   . LYS A 1 119 ? 5.421   5.391   -11.114 1.00 33.82 ? 276 LYS A C   1 
ATOM   811  O O   . LYS A 1 119 ? 6.309   5.396   -11.981 1.00 33.85 ? 276 LYS A O   1 
ATOM   812  C CB  . LYS A 1 119 ? 3.368   4.000   -11.347 1.00 32.21 ? 276 LYS A CB  1 
ATOM   813  C CG  . LYS A 1 119 ? 2.678   2.643   -11.339 1.00 34.40 ? 276 LYS A CG  1 
ATOM   814  C CD  . LYS A 1 119 ? 1.243   2.779   -11.710 1.00 35.12 ? 276 LYS A CD  1 
ATOM   815  C CE  . LYS A 1 119 ? 0.500   1.477   -11.902 1.00 41.43 ? 276 LYS A CE  1 
ATOM   816  N NZ  . LYS A 1 119 ? -0.953  1.744   -11.847 1.00 51.15 ? 276 LYS A NZ  1 
ATOM   817  N N   . HIS A 1 120 ? 5.031   6.464   -10.426 1.00 35.40 ? 277 HIS A N   1 
ATOM   818  C CA  . HIS A 1 120 ? 5.612   7.823   -10.576 1.00 35.96 ? 277 HIS A CA  1 
ATOM   819  C C   . HIS A 1 120 ? 7.106   7.791   -10.274 1.00 39.47 ? 277 HIS A C   1 
ATOM   820  O O   . HIS A 1 120 ? 7.869   8.338   -11.106 1.00 41.25 ? 277 HIS A O   1 
ATOM   821  C CB  . HIS A 1 120 ? 4.883   8.852   -9.719  1.00 39.54 ? 277 HIS A CB  1 
ATOM   822  C CG  . HIS A 1 120 ? 5.520   10.193  -9.795  1.00 45.59 ? 277 HIS A CG  1 
ATOM   823  N ND1 . HIS A 1 120 ? 5.367   11.018  -10.890 1.00 46.73 ? 277 HIS A ND1 1 
ATOM   824  C CD2 . HIS A 1 120 ? 6.326   10.843  -8.936  1.00 44.65 ? 277 HIS A CD2 1 
ATOM   825  C CE1 . HIS A 1 120 ? 6.049   12.127  -10.697 1.00 47.43 ? 277 HIS A CE1 1 
ATOM   826  N NE2 . HIS A 1 120 ? 6.651   12.041  -9.507  1.00 49.41 ? 277 HIS A NE2 1 
ATOM   827  N N   . LEU A 1 121 ? 7.518   7.147   -9.175  1.00 31.28 ? 278 LEU A N   1 
ATOM   828  C CA  . LEU A 1 121 ? 8.944   7.015   -8.785  1.00 35.04 ? 278 LEU A CA  1 
ATOM   829  C C   . LEU A 1 121 ? 9.742   6.267   -9.864  1.00 36.43 ? 278 LEU A C   1 
ATOM   830  O O   . LEU A 1 121 ? 10.857  6.724   -10.190 1.00 39.67 ? 278 LEU A O   1 
ATOM   831  C CB  . LEU A 1 121 ? 9.038   6.356   -7.405  1.00 33.85 ? 278 LEU A CB  1 
ATOM   832  C CG  . LEU A 1 121 ? 8.595   7.248   -6.243  1.00 34.16 ? 278 LEU A CG  1 
ATOM   833  C CD1 . LEU A 1 121 ? 8.503   6.440   -4.949  1.00 37.56 ? 278 LEU A CD1 1 
ATOM   834  C CD2 . LEU A 1 121 ? 9.525   8.443   -6.037  1.00 34.70 ? 278 LEU A CD2 1 
ATOM   835  N N   . LYS A 1 122 ? 9.179   5.222   -10.461 1.00 36.82 ? 279 LYS A N   1 
ATOM   836  C CA  . LYS A 1 122 ? 9.839   4.465   -11.562 1.00 41.00 ? 279 LYS A CA  1 
ATOM   837  C C   . LYS A 1 122 ? 10.080  5.385   -12.772 1.00 38.78 ? 279 LYS A C   1 
ATOM   838  O O   . LYS A 1 122 ? 11.204  5.348   -13.289 1.00 36.82 ? 279 LYS A O   1 
ATOM   839  C CB  . LYS A 1 122 ? 9.019   3.244   -11.977 1.00 42.38 ? 279 LYS A CB  1 
ATOM   840  C CG  . LYS A 1 122 ? 9.530   2.512   -13.206 1.00 45.76 ? 279 LYS A CG  1 
ATOM   841  C CD  . LYS A 1 122 ? 10.835  1.847   -12.929 1.00 54.65 ? 279 LYS A CD  1 
ATOM   842  C CE  . LYS A 1 122 ? 11.399  1.122   -14.128 1.00 65.56 ? 279 LYS A CE  1 
ATOM   843  N NZ  . LYS A 1 122 ? 11.958  -0.193  -13.733 1.00 71.79 ? 279 LYS A NZ  1 
ATOM   844  N N   . THR A 1 123 ? 9.082   6.173   -13.179 1.00 39.95 ? 280 THR A N   1 
ATOM   845  C CA  . THR A 1 123 ? 9.158   7.066   -14.361 1.00 48.24 ? 280 THR A CA  1 
ATOM   846  C C   . THR A 1 123 ? 10.266  8.106   -14.145 1.00 51.22 ? 280 THR A C   1 
ATOM   847  O O   . THR A 1 123 ? 10.952  8.441   -15.128 1.00 51.66 ? 280 THR A O   1 
ATOM   848  C CB  . THR A 1 123 ? 7.856   7.815   -14.660 1.00 46.58 ? 280 THR A CB  1 
ATOM   849  O OG1 . THR A 1 123 ? 7.756   8.792   -13.627 1.00 55.70 ? 280 THR A OG1 1 
ATOM   850  C CG2 . THR A 1 123 ? 6.632   6.932   -14.712 1.00 43.13 ? 280 THR A CG2 1 
ATOM   851  N N   . ILE A 1 124 ? 10.460  8.593   -12.916 1.00 43.05 ? 281 ILE A N   1 
ATOM   852  C CA  . ILE A 1 124 ? 11.372  9.743   -12.662 1.00 39.40 ? 281 ILE A CA  1 
ATOM   853  C C   . ILE A 1 124 ? 12.747  9.224   -12.232 1.00 40.86 ? 281 ILE A C   1 
ATOM   854  O O   . ILE A 1 124 ? 13.505  10.024  -11.682 1.00 40.09 ? 281 ILE A O   1 
ATOM   855  C CB  . ILE A 1 124 ? 10.760  10.754  -11.672 1.00 42.35 ? 281 ILE A CB  1 
ATOM   856  C CG1 . ILE A 1 124 ? 10.675  10.222  -10.241 1.00 41.42 ? 281 ILE A CG1 1 
ATOM   857  C CG2 . ILE A 1 124 ? 9.412   11.282  -12.169 1.00 40.53 ? 281 ILE A CG2 1 
ATOM   858  C CD1 . ILE A 1 124 ? 10.552  11.329  -9.214  1.00 43.63 ? 281 ILE A CD1 1 
ATOM   859  N N   . ASN A 1 125 ? 13.052  7.944   -12.482 1.00 35.40 ? 282 ASN A N   1 
ATOM   860  C CA  . ASN A 1 125 ? 14.336  7.274   -12.137 1.00 43.45 ? 282 ASN A CA  1 
ATOM   861  C C   . ASN A 1 125 ? 14.601  7.405   -10.625 1.00 44.23 ? 282 ASN A C   1 
ATOM   862  O O   . ASN A 1 125 ? 15.764  7.598   -10.236 1.00 39.93 ? 282 ASN A O   1 
ATOM   863  C CB  . ASN A 1 125 ? 15.507  7.783   -13.003 1.00 47.38 ? 282 ASN A CB  1 
ATOM   864  C CG  . ASN A 1 125 ? 16.737  6.874   -13.014 1.00 49.11 ? 282 ASN A CG  1 
ATOM   865  O OD1 . ASN A 1 125 ? 17.882  7.352   -12.973 1.00 46.00 ? 282 ASN A OD1 1 
ATOM   866  N ND2 . ASN A 1 125 ? 16.532  5.565   -13.092 1.00 43.27 ? 282 ASN A ND2 1 
ATOM   867  N N   . GLN A 1 126 ? 13.580  7.205   -9.790  1.00 45.31 ? 283 GLN A N   1 
ATOM   868  C CA  . GLN A 1 126 ? 13.732  7.211   -8.310  1.00 49.25 ? 283 GLN A CA  1 
ATOM   869  C C   . GLN A 1 126 ? 13.179  5.896   -7.722  1.00 50.12 ? 283 GLN A C   1 
ATOM   870  O O   . GLN A 1 126 ? 12.450  5.944   -6.715  1.00 45.23 ? 283 GLN A O   1 
ATOM   871  C CB  . GLN A 1 126 ? 13.046  8.469   -7.770  1.00 52.48 ? 283 GLN A CB  1 
ATOM   872  C CG  . GLN A 1 126 ? 13.688  9.769   -8.239  1.00 50.44 ? 283 GLN A CG  1 
ATOM   873  C CD  . GLN A 1 126 ? 14.927  10.124  -7.458  1.00 53.69 ? 283 GLN A CD  1 
ATOM   874  O OE1 . GLN A 1 126 ? 15.331  9.434   -6.533  1.00 61.10 ? 283 GLN A OE1 1 
ATOM   875  N NE2 . GLN A 1 126 ? 15.541  11.236  -7.817  1.00 59.20 ? 283 GLN A NE2 1 
ATOM   876  N N   . GLU A 1 127 ? 13.503  4.766   -8.348  1.00 47.69 ? 284 GLU A N   1 
ATOM   877  C CA  . GLU A 1 127 ? 13.078  3.412   -7.922  1.00 50.91 ? 284 GLU A CA  1 
ATOM   878  C C   . GLU A 1 127 ? 13.614  3.087   -6.536  1.00 46.93 ? 284 GLU A C   1 
ATOM   879  O O   . GLU A 1 127 ? 12.972  2.292   -5.869  1.00 41.73 ? 284 GLU A O   1 
ATOM   880  C CB  . GLU A 1 127 ? 13.636  2.317   -8.826  1.00 58.91 ? 284 GLU A CB  1 
ATOM   881  C CG  . GLU A 1 127 ? 12.840  2.111   -10.091 1.00 67.57 ? 284 GLU A CG  1 
ATOM   882  C CD  . GLU A 1 127 ? 13.596  1.325   -11.146 1.00 79.32 ? 284 GLU A CD  1 
ATOM   883  O OE1 . GLU A 1 127 ? 13.082  0.259   -11.575 1.00 83.19 ? 284 GLU A OE1 1 
ATOM   884  O OE2 . GLU A 1 127 ? 14.706  1.778   -11.530 1.00 85.86 ? 284 GLU A OE2 1 
ATOM   885  N N   . SER A 1 128 ? 14.783  3.611   -6.148  1.00 44.94 ? 285 SER A N   1 
ATOM   886  C CA  . SER A 1 128 ? 15.391  3.320   -4.823  1.00 47.23 ? 285 SER A CA  1 
ATOM   887  C C   . SER A 1 128 ? 14.440  3.766   -3.691  1.00 42.23 ? 285 SER A C   1 
ATOM   888  O O   . SER A 1 128 ? 14.562  3.185   -2.604  1.00 46.47 ? 285 SER A O   1 
ATOM   889  C CB  . SER A 1 128 ? 16.772  3.938   -4.684  1.00 48.16 ? 285 SER A CB  1 
ATOM   890  O OG  . SER A 1 128 ? 16.677  5.345   -4.548  1.00 49.75 ? 285 SER A OG  1 
ATOM   891  N N   . CYS A 1 129 ? 13.538  4.730   -3.943  1.00 36.27 ? 286 CYS A N   1 
ATOM   892  C CA  . CYS A 1 129 ? 12.510  5.238   -2.987  1.00 40.41 ? 286 CYS A CA  1 
ATOM   893  C C   . CYS A 1 129 ? 11.275  4.335   -2.880  1.00 38.96 ? 286 CYS A C   1 
ATOM   894  O O   . CYS A 1 129 ? 10.390  4.623   -2.050  1.00 35.04 ? 286 CYS A O   1 
ATOM   895  C CB  . CYS A 1 129 ? 12.027  6.622   -3.393  1.00 41.22 ? 286 CYS A CB  1 
ATOM   896  S SG  . CYS A 1 129 ? 13.385  7.821   -3.475  1.00 47.44 ? 286 CYS A SG  1 
ATOM   897  N N   . ILE A 1 130 ? 11.152  3.310   -3.716  1.00 40.21 ? 287 ILE A N   1 
ATOM   898  C CA  . ILE A 1 130 ? 9.910   2.481   -3.695  1.00 37.48 ? 287 ILE A CA  1 
ATOM   899  C C   . ILE A 1 130 ? 9.893   1.621   -2.417  1.00 33.44 ? 287 ILE A C   1 
ATOM   900  O O   . ILE A 1 130 ? 8.842   1.582   -1.778  1.00 33.79 ? 287 ILE A O   1 
ATOM   901  C CB  . ILE A 1 130 ? 9.726   1.675   -4.984  1.00 32.03 ? 287 ILE A CB  1 
ATOM   902  C CG1 . ILE A 1 130 ? 9.386   2.598   -6.159  1.00 34.27 ? 287 ILE A CG1 1 
ATOM   903  C CG2 . ILE A 1 130 ? 8.648   0.628   -4.771  1.00 34.97 ? 287 ILE A CG2 1 
ATOM   904  C CD1 . ILE A 1 130 ? 9.580   1.953   -7.525  1.00 36.64 ? 287 ILE A CD1 1 
ATOM   905  N N   . GLU A 1 131 ? 10.986  0.971   -2.041  1.00 33.85 ? 288 GLU A N   1 
ATOM   906  C CA  . GLU A 1 131 ? 11.041  0.146   -0.799  1.00 40.61 ? 288 GLU A CA  1 
ATOM   907  C C   . GLU A 1 131 ? 10.753  1.025   0.426   1.00 41.33 ? 288 GLU A C   1 
ATOM   908  O O   . GLU A 1 131 ? 9.878   0.707   1.227   1.00 41.04 ? 288 GLU A O   1 
ATOM   909  C CB  . GLU A 1 131 ? 12.388  -0.545  -0.600  1.00 38.25 ? 288 GLU A CB  1 
ATOM   910  C CG  . GLU A 1 131 ? 12.549  -1.866  -1.301  0.75 39.06 ? 288 GLU A CG  1 
ATOM   911  C CD  . GLU A 1 131 ? 11.281  -2.642  -1.559  0.50 37.25 ? 288 GLU A CD  1 
ATOM   912  O OE1 . GLU A 1 131 ? 10.586  -3.043  -0.595  0.50 33.95 ? 288 GLU A OE1 1 
ATOM   913  O OE2 . GLU A 1 131 ? 11.002  -2.827  -2.743  0.50 37.48 ? 288 GLU A OE2 1 
ATOM   914  N N   . PRO A 1 132 ? 11.482  2.141   0.648   1.00 40.62 ? 289 PRO A N   1 
ATOM   915  C CA  . PRO A 1 132 ? 11.131  3.083   1.704   1.00 39.36 ? 289 PRO A CA  1 
ATOM   916  C C   . PRO A 1 132 ? 9.652   3.464   1.724   1.00 36.02 ? 289 PRO A C   1 
ATOM   917  O O   . PRO A 1 132 ? 9.088   3.499   2.802   1.00 34.12 ? 289 PRO A O   1 
ATOM   918  C CB  . PRO A 1 132 ? 11.934  4.343   1.355   1.00 41.45 ? 289 PRO A CB  1 
ATOM   919  C CG  . PRO A 1 132 ? 13.169  3.776   0.690   1.00 44.82 ? 289 PRO A CG  1 
ATOM   920  C CD  . PRO A 1 132 ? 12.704  2.548   -0.068  1.00 45.09 ? 289 PRO A CD  1 
ATOM   921  N N   . LEU A 1 133 ? 9.060   3.760   0.564   1.00 31.74 ? 290 LEU A N   1 
ATOM   922  C CA  . LEU A 1 133 ? 7.624   4.134   0.483   1.00 31.06 ? 290 LEU A CA  1 
ATOM   923  C C   . LEU A 1 133 ? 6.797   2.985   1.066   1.00 33.47 ? 290 LEU A C   1 
ATOM   924  O O   . LEU A 1 133 ? 5.864   3.253   1.816   1.00 29.01 ? 290 LEU A O   1 
ATOM   925  C CB  . LEU A 1 133 ? 7.238   4.374   -0.974  1.00 31.94 ? 290 LEU A CB  1 
ATOM   926  C CG  . LEU A 1 133 ? 5.762   4.604   -1.282  1.00 32.56 ? 290 LEU A CG  1 
ATOM   927  C CD1 . LEU A 1 133 ? 5.190   5.772   -0.498  1.00 36.23 ? 290 LEU A CD1 1 
ATOM   928  C CD2 . LEU A 1 133 ? 5.576   4.846   -2.773  1.00 37.34 ? 290 LEU A CD2 1 
ATOM   929  N N   . ALA A 1 134 ? 7.051   1.765   0.605   1.00 33.56 ? 291 ALA A N   1 
ATOM   930  C CA  . ALA A 1 134 ? 6.292   0.572   1.046   1.00 31.61 ? 291 ALA A CA  1 
ATOM   931  C C   . ALA A 1 134 ? 6.408   0.437   2.572   1.00 30.80 ? 291 ALA A C   1 
ATOM   932  O O   . ALA A 1 134 ? 5.401   0.083   3.210   1.00 29.17 ? 291 ALA A O   1 
ATOM   933  C CB  . ALA A 1 134 ? 6.810   -0.657  0.363   1.00 31.66 ? 291 ALA A CB  1 
ATOM   934  N N   . GLU A 1 135 ? 7.609   0.616   3.124   1.00 33.01 ? 292 GLU A N   1 
ATOM   935  C CA  . GLU A 1 135 ? 7.850   0.542   4.594   1.00 38.23 ? 292 GLU A CA  1 
ATOM   936  C C   . GLU A 1 135 ? 7.028   1.625   5.288   1.00 35.12 ? 292 GLU A C   1 
ATOM   937  O O   . GLU A 1 135 ? 6.442   1.341   6.348   1.00 33.64 ? 292 GLU A O   1 
ATOM   938  C CB  . GLU A 1 135 ? 9.308   0.776   4.978   1.00 44.01 ? 292 GLU A CB  1 
ATOM   939  C CG  . GLU A 1 135 ? 10.271  -0.275  4.472   0.75 50.72 ? 292 GLU A CG  1 
ATOM   940  C CD  . GLU A 1 135 ? 11.665  0.011   4.989   0.75 57.65 ? 292 GLU A CD  1 
ATOM   941  O OE1 . GLU A 1 135 ? 11.807  0.070   6.248   0.75 53.19 ? 292 GLU A OE1 1 
ATOM   942  O OE2 . GLU A 1 135 ? 12.571  0.269   4.145   0.75 54.95 ? 292 GLU A OE2 1 
ATOM   943  N N   . SER A 1 136 ? 7.025   2.841   4.743   1.00 33.62 ? 293 SER A N   1 
ATOM   944  C CA  . SER A 1 136 ? 6.318   3.976   5.378   1.00 33.95 ? 293 SER A CA  1 
ATOM   945  C C   . SER A 1 136 ? 4.819   3.671   5.390   1.00 31.92 ? 293 SER A C   1 
ATOM   946  O O   . SER A 1 136 ? 4.152   3.914   6.437   1.00 28.55 ? 293 SER A O   1 
ATOM   947  C CB  . SER A 1 136 ? 6.649   5.270   4.725   1.00 36.54 ? 293 SER A CB  1 
ATOM   948  O OG  . SER A 1 136 ? 5.818   6.293   5.229   1.00 44.21 ? 293 SER A OG  1 
ATOM   949  N N   . ILE A 1 137 ? 4.285   3.149   4.292   1.00 28.18 ? 294 ILE A N   1 
ATOM   950  C CA  . ILE A 1 137 ? 2.828   2.851   4.211   1.00 31.78 ? 294 ILE A CA  1 
ATOM   951  C C   . ILE A 1 137 ? 2.489   1.741   5.216   1.00 29.76 ? 294 ILE A C   1 
ATOM   952  O O   . ILE A 1 137 ? 1.490   1.905   5.950   1.00 31.48 ? 294 ILE A O   1 
ATOM   953  C CB  . ILE A 1 137 ? 2.398   2.482   2.782   1.00 33.30 ? 294 ILE A CB  1 
ATOM   954  C CG1 . ILE A 1 137 ? 2.478   3.707   1.871   1.00 34.43 ? 294 ILE A CG1 1 
ATOM   955  C CG2 . ILE A 1 137 ? 1.013   1.846   2.789   1.00 32.54 ? 294 ILE A CG2 1 
ATOM   956  C CD1 . ILE A 1 137 ? 2.140   3.444   0.432   1.00 36.44 ? 294 ILE A CD1 1 
ATOM   957  N N   . THR A 1 138 ? 3.294   0.686   5.269   1.00 30.33 ? 295 THR A N   1 
ATOM   958  C CA  . THR A 1 138 ? 3.088   -0.447  6.189   1.00 31.74 ? 295 THR A CA  1 
ATOM   959  C C   . THR A 1 138 ? 3.157   0.080   7.640   1.00 32.80 ? 295 THR A C   1 
ATOM   960  O O   . THR A 1 138 ? 2.268   -0.236  8.437   1.00 28.93 ? 295 THR A O   1 
ATOM   961  C CB  . THR A 1 138 ? 4.101   -1.569  5.944   1.00 30.49 ? 295 THR A CB  1 
ATOM   962  O OG1 . THR A 1 138 ? 4.145   -1.982  4.567   1.00 28.77 ? 295 THR A OG1 1 
ATOM   963  C CG2 . THR A 1 138 ? 3.770   -2.767  6.797   1.00 30.66 ? 295 THR A CG2 1 
ATOM   964  N N   . ASP A 1 139 ? 4.138   0.922   7.945   1.00 34.92 ? 296 ASP A N   1 
ATOM   965  C CA  . ASP A 1 139 ? 4.304   1.505   9.303   1.00 35.18 ? 296 ASP A CA  1 
ATOM   966  C C   . ASP A 1 139 ? 3.058   2.332   9.628   1.00 30.87 ? 296 ASP A C   1 
ATOM   967  O O   . ASP A 1 139 ? 2.465   2.119   10.684  1.00 30.08 ? 296 ASP A O   1 
ATOM   968  C CB  . ASP A 1 139 ? 5.609   2.294   9.433   1.00 37.72 ? 296 ASP A CB  1 
ATOM   969  C CG  . ASP A 1 139 ? 5.902   2.635   10.888  0.75 44.30 ? 296 ASP A CG  1 
ATOM   970  O OD1 . ASP A 1 139 ? 6.223   1.697   11.679  0.75 37.27 ? 296 ASP A OD1 1 
ATOM   971  O OD2 . ASP A 1 139 ? 5.741   3.825   11.235  0.75 47.15 ? 296 ASP A OD2 1 
ATOM   972  N N   . VAL A 1 140 ? 2.635   3.231   8.750   1.00 31.22 ? 297 VAL A N   1 
ATOM   973  C CA  . VAL A 1 140 ? 1.400   4.023   8.995   1.00 33.32 ? 297 VAL A CA  1 
ATOM   974  C C   . VAL A 1 140 ? 0.237   3.065   9.275   1.00 34.72 ? 297 VAL A C   1 
ATOM   975  O O   . VAL A 1 140 ? -0.450  3.261   10.302  1.00 34.55 ? 297 VAL A O   1 
ATOM   976  C CB  . VAL A 1 140 ? 1.052   4.976   7.848   1.00 36.83 ? 297 VAL A CB  1 
ATOM   977  C CG1 . VAL A 1 140 ? -0.351  5.520   8.012   1.00 40.04 ? 297 VAL A CG1 1 
ATOM   978  C CG2 . VAL A 1 140 ? 2.056   6.119   7.761   1.00 40.27 ? 297 VAL A CG2 1 
ATOM   979  N N   . LEU A 1 141 ? 0.012   2.087   8.399   1.00 29.56 ? 298 LEU A N   1 
ATOM   980  C CA  . LEU A 1 141 ? -1.155  1.184   8.528   1.00 31.78 ? 298 LEU A CA  1 
ATOM   981  C C   . LEU A 1 141 ? -1.093  0.431   9.855   1.00 28.29 ? 298 LEU A C   1 
ATOM   982  O O   . LEU A 1 141 ? -2.070  0.445   10.604  1.00 29.26 ? 298 LEU A O   1 
ATOM   983  C CB  . LEU A 1 141 ? -1.165  0.183   7.375   1.00 31.81 ? 298 LEU A CB  1 
ATOM   984  C CG  . LEU A 1 141 ? -2.259  -0.873  7.458   1.00 29.50 ? 298 LEU A CG  1 
ATOM   985  C CD1 . LEU A 1 141 ? -3.627  -0.246  7.562   1.00 28.48 ? 298 LEU A CD1 1 
ATOM   986  C CD2 . LEU A 1 141 ? -2.181  -1.812  6.255   1.00 31.26 ? 298 LEU A CD2 1 
ATOM   987  N N   . VAL A 1 142 ? -0.019  -0.292  10.100  1.00 30.11 ? 299 VAL A N   1 
ATOM   988  C CA  . VAL A 1 142 ? 0.031   -1.258  11.227  1.00 29.71 ? 299 VAL A CA  1 
ATOM   989  C C   . VAL A 1 142 ? 0.219   -0.509  12.561  1.00 30.34 ? 299 VAL A C   1 
ATOM   990  O O   . VAL A 1 142 ? -0.418  -0.886  13.537  1.00 31.12 ? 299 VAL A O   1 
ATOM   991  C CB  . VAL A 1 142 ? 1.119   -2.312  10.989  1.00 32.72 ? 299 VAL A CB  1 
ATOM   992  C CG1 . VAL A 1 142 ? 1.155   -3.283  12.165  1.00 33.32 ? 299 VAL A CG1 1 
ATOM   993  C CG2 . VAL A 1 142 ? 0.897   -3.035  9.670   1.00 32.07 ? 299 VAL A CG2 1 
ATOM   994  N N   . ARG A 1 143 ? 1.035   0.539   12.612  1.00 31.18 ? 300 ARG A N   1 
ATOM   995  C CA  . ARG A 1 143 ? 1.263   1.295   13.883  1.00 33.95 ? 300 ARG A CA  1 
ATOM   996  C C   . ARG A 1 143 ? -0.055  1.947   14.306  1.00 31.40 ? 300 ARG A C   1 
ATOM   997  O O   . ARG A 1 143 ? -0.416  1.831   15.480  1.00 31.15 ? 300 ARG A O   1 
ATOM   998  C CB  . ARG A 1 143 ? 2.397   2.330   13.764  1.00 32.64 ? 300 ARG A CB  1 
ATOM   999  N N   . THR A 1 144 ? -0.814  2.525   13.379  1.00 27.68 ? 301 THR A N   1 
ATOM   1000 C CA  . THR A 1 144 ? -1.990  3.351   13.751  1.00 30.93 ? 301 THR A CA  1 
ATOM   1001 C C   . THR A 1 144 ? -3.282  2.538   13.759  1.00 28.94 ? 301 THR A C   1 
ATOM   1002 O O   . THR A 1 144 ? -4.231  2.999   14.392  1.00 33.12 ? 301 THR A O   1 
ATOM   1003 C CB  . THR A 1 144 ? -2.126  4.615   12.895  1.00 31.45 ? 301 THR A CB  1 
ATOM   1004 O OG1 . THR A 1 144 ? -2.582  4.285   11.581  1.00 34.08 ? 301 THR A OG1 1 
ATOM   1005 C CG2 . THR A 1 144 ? -0.826  5.370   12.797  1.00 34.16 ? 301 THR A CG2 1 
ATOM   1006 N N   . LYS A 1 145 ? -3.347  1.366   13.147  1.00 27.01 ? 302 LYS A N   1 
ATOM   1007 C CA  . LYS A 1 145 ? -4.649  0.638   13.087  1.00 30.98 ? 302 LYS A CA  1 
ATOM   1008 C C   . LYS A 1 145 ? -4.492  -0.779  13.621  1.00 28.27 ? 302 LYS A C   1 
ATOM   1009 O O   . LYS A 1 145 ? -5.389  -1.588  13.354  1.00 27.94 ? 302 LYS A O   1 
ATOM   1010 C CB  . LYS A 1 145 ? -5.212  0.648   11.659  1.00 32.30 ? 302 LYS A CB  1 
ATOM   1011 C CG  . LYS A 1 145 ? -5.335  2.022   11.026  1.00 33.53 ? 302 LYS A CG  1 
ATOM   1012 C CD  . LYS A 1 145 ? -6.248  2.943   11.794  1.00 36.17 ? 302 LYS A CD  1 
ATOM   1013 C CE  . LYS A 1 145 ? -6.371  4.323   11.175  1.00 40.23 ? 302 LYS A CE  1 
ATOM   1014 N NZ  . LYS A 1 145 ? -7.590  5.038   11.650  1.00 40.98 ? 302 LYS A NZ  1 
ATOM   1015 N N   . ARG A 1 146 ? -3.430  -1.032  14.383  1.00 27.37 ? 303 ARG A N   1 
ATOM   1016 C CA  . ARG A 1 146 ? -3.146  -2.364  14.987  1.00 29.60 ? 303 ARG A CA  1 
ATOM   1017 C C   . ARG A 1 146 ? -4.428  -3.010  15.518  1.00 26.35 ? 303 ARG A C   1 
ATOM   1018 O O   . ARG A 1 146 ? -4.769  -4.131  15.010  1.00 26.11 ? 303 ARG A O   1 
ATOM   1019 C CB  . ARG A 1 146 ? -2.093  -2.277  16.092  1.00 30.03 ? 303 ARG A CB  1 
ATOM   1020 C CG  . ARG A 1 146 ? -1.924  -3.542  16.938  1.00 36.80 ? 303 ARG A CG  1 
ATOM   1021 C CD  . ARG A 1 146 ? -1.052  -4.651  16.397  1.00 34.44 ? 303 ARG A CD  1 
ATOM   1022 N NE  . ARG A 1 146 ? 0.256   -4.140  16.035  1.00 41.43 ? 303 ARG A NE  1 
ATOM   1023 C CZ  . ARG A 1 146 ? 1.222   -4.849  15.461  1.00 32.87 ? 303 ARG A CZ  1 
ATOM   1024 N NH1 . ARG A 1 146 ? 1.065   -6.142  15.228  1.00 36.32 ? 303 ARG A NH1 1 
ATOM   1025 N NH2 . ARG A 1 146 ? 2.368   -4.262  15.184  1.00 36.00 ? 303 ARG A NH2 1 
ATOM   1026 N N   . ASP A 1 147 ? -5.089  -2.417  16.510  1.00 27.71 ? 304 ASP A N   1 
ATOM   1027 C CA  . ASP A 1 147 ? -6.214  -3.134  17.176  1.00 29.85 ? 304 ASP A CA  1 
ATOM   1028 C C   . ASP A 1 147 ? -7.365  -3.379  16.177  1.00 28.96 ? 304 ASP A C   1 
ATOM   1029 O O   . ASP A 1 147 ? -7.992  -4.443  16.261  1.00 26.37 ? 304 ASP A O   1 
ATOM   1030 C CB  . ASP A 1 147 ? -6.654  -2.421  18.453  1.00 29.53 ? 304 ASP A CB  1 
ATOM   1031 C CG  . ASP A 1 147 ? -5.610  -2.530  19.561  1.00 31.14 ? 304 ASP A CG  1 
ATOM   1032 O OD1 . ASP A 1 147 ? -4.643  -3.344  19.426  1.00 30.28 ? 304 ASP A OD1 1 
ATOM   1033 O OD2 . ASP A 1 147 ? -5.724  -1.777  20.514  1.00 31.28 ? 304 ASP A OD2 1 
ATOM   1034 N N   . TRP A 1 148 ? -7.659  -2.434  15.274  1.00 29.53 ? 305 TRP A N   1 
ATOM   1035 C CA  . TRP A 1 148 ? -8.777  -2.589  14.293  1.00 27.51 ? 305 TRP A CA  1 
ATOM   1036 C C   . TRP A 1 148 ? -8.447  -3.746  13.348  1.00 26.28 ? 305 TRP A C   1 
ATOM   1037 O O   . TRP A 1 148 ? -9.309  -4.646  13.149  1.00 27.87 ? 305 TRP A O   1 
ATOM   1038 C CB  . TRP A 1 148 ? -9.014  -1.278  13.537  1.00 27.49 ? 305 TRP A CB  1 
ATOM   1039 C CG  . TRP A 1 148 ? -10.203 -1.302  12.634  1.00 29.04 ? 305 TRP A CG  1 
ATOM   1040 C CD1 . TRP A 1 148 ? -11.458 -0.846  12.896  1.00 30.28 ? 305 TRP A CD1 1 
ATOM   1041 C CD2 . TRP A 1 148 ? -10.233 -1.833  11.303  1.00 27.88 ? 305 TRP A CD2 1 
ATOM   1042 N NE1 . TRP A 1 148 ? -12.264 -1.050  11.811  1.00 28.95 ? 305 TRP A NE1 1 
ATOM   1043 C CE2 . TRP A 1 148 ? -11.541 -1.636  10.815  1.00 29.29 ? 305 TRP A CE2 1 
ATOM   1044 C CE3 . TRP A 1 148 ? -9.275  -2.432  10.482  1.00 26.15 ? 305 TRP A CE3 1 
ATOM   1045 C CZ2 . TRP A 1 148 ? -11.921 -2.052  9.541   1.00 29.02 ? 305 TRP A CZ2 1 
ATOM   1046 C CZ3 . TRP A 1 148 ? -9.637  -2.821  9.211   1.00 30.50 ? 305 TRP A CZ3 1 
ATOM   1047 C CH2 . TRP A 1 148 ? -10.951 -2.663  8.765   1.00 30.31 ? 305 TRP A CH2 1 
ATOM   1048 N N   . LEU A 1 149 ? -7.210  -3.786  12.855  1.00 25.66 ? 306 LEU A N   1 
ATOM   1049 C CA  . LEU A 1 149 ? -6.763  -4.874  11.959  1.00 25.99 ? 306 LEU A CA  1 
ATOM   1050 C C   . LEU A 1 149 ? -6.942  -6.202  12.671  1.00 29.25 ? 306 LEU A C   1 
ATOM   1051 O O   . LEU A 1 149 ? -7.502  -7.135  12.036  1.00 28.17 ? 306 LEU A O   1 
ATOM   1052 C CB  . LEU A 1 149 ? -5.314  -4.658  11.545  1.00 25.63 ? 306 LEU A CB  1 
ATOM   1053 C CG  . LEU A 1 149 ? -5.071  -3.462  10.627  1.00 27.56 ? 306 LEU A CG  1 
ATOM   1054 C CD1 . LEU A 1 149 ? -3.586  -3.233  10.479  1.00 27.03 ? 306 LEU A CD1 1 
ATOM   1055 C CD2 . LEU A 1 149 ? -5.739  -3.666  9.265   1.00 30.25 ? 306 LEU A CD2 1 
ATOM   1056 N N   . VAL A 1 150 ? -6.517  -6.291  13.944  1.00 26.75 ? 307 VAL A N   1 
ATOM   1057 C CA  . VAL A 1 150 ? -6.591  -7.584  14.688  1.00 28.12 ? 307 VAL A CA  1 
ATOM   1058 C C   . VAL A 1 150 ? -8.060  -7.980  14.818  1.00 26.79 ? 307 VAL A C   1 
ATOM   1059 O O   . VAL A 1 150 ? -8.376  -9.128  14.556  1.00 29.71 ? 307 VAL A O   1 
ATOM   1060 C CB  . VAL A 1 150 ? -5.852  -7.513  16.047  1.00 30.17 ? 307 VAL A CB  1 
ATOM   1061 C CG1 . VAL A 1 150 ? -6.163  -8.713  16.928  1.00 32.75 ? 307 VAL A CG1 1 
ATOM   1062 C CG2 . VAL A 1 150 ? -4.343  -7.406  15.852  1.00 31.02 ? 307 VAL A CG2 1 
ATOM   1063 N N   . LYS A 1 151 ? -8.927  -7.068  15.223  1.00 32.18 ? 308 LYS A N   1 
ATOM   1064 C CA  . LYS A 1 151 ? -10.361 -7.358  15.460  1.00 36.79 ? 308 LYS A CA  1 
ATOM   1065 C C   . LYS A 1 151 ? -11.018 -7.829  14.152  1.00 40.21 ? 308 LYS A C   1 
ATOM   1066 O O   . LYS A 1 151 ? -11.991 -8.618  14.223  1.00 34.38 ? 308 LYS A O   1 
ATOM   1067 C CB  . LYS A 1 151 ? -11.038 -6.099  15.998  1.00 41.43 ? 308 LYS A CB  1 
ATOM   1068 C CG  . LYS A 1 151 ? -12.430 -6.311  16.566  1.00 54.14 ? 308 LYS A CG  1 
ATOM   1069 C CD  . LYS A 1 151 ? -12.860 -5.231  17.557  1.00 61.78 ? 308 LYS A CD  1 
ATOM   1070 C CE  . LYS A 1 151 ? -13.251 -5.802  18.911  1.00 67.38 ? 308 LYS A CE  1 
ATOM   1071 N NZ  . LYS A 1 151 ? -13.090 -4.794  19.985  1.00 71.49 ? 308 LYS A NZ  1 
ATOM   1072 N N   . GLN A 1 152 ? -10.546 -7.323  13.000  1.00 33.76 ? 309 GLN A N   1 
ATOM   1073 C CA  . GLN A 1 152 ? -11.145 -7.565  11.666  1.00 33.27 ? 309 GLN A CA  1 
ATOM   1074 C C   . GLN A 1 152 ? -10.484 -8.785  11.039  1.00 33.69 ? 309 GLN A C   1 
ATOM   1075 O O   . GLN A 1 152 ? -10.701 -8.990  9.867   1.00 37.50 ? 309 GLN A O   1 
ATOM   1076 C CB  . GLN A 1 152 ? -10.975 -6.346  10.755  1.00 30.55 ? 309 GLN A CB  1 
ATOM   1077 C CG  . GLN A 1 152 ? -11.714 -5.119  11.221  1.00 33.91 ? 309 GLN A CG  1 
ATOM   1078 C CD  . GLN A 1 152 ? -13.209 -5.299  11.287  1.00 38.84 ? 309 GLN A CD  1 
ATOM   1079 O OE1 . GLN A 1 152 ? -13.869 -5.538  10.279  1.00 55.19 ? 309 GLN A OE1 1 
ATOM   1080 N NE2 . GLN A 1 152 ? -13.764 -5.177  12.480  1.00 40.30 ? 309 GLN A NE2 1 
ATOM   1081 N N   . ARG A 1 153 ? -9.689  -9.536  11.804  1.00 36.53 ? 310 ARG A N   1 
ATOM   1082 C CA  . ARG A 1 153 ? -8.968  -10.780 11.402  1.00 37.85 ? 310 ARG A CA  1 
ATOM   1083 C C   . ARG A 1 153 ? -7.910  -10.476 10.327  1.00 36.06 ? 310 ARG A C   1 
ATOM   1084 O O   . ARG A 1 153 ? -7.661  -11.349 9.489   1.00 33.20 ? 310 ARG A O   1 
ATOM   1085 C CB  . ARG A 1 153 ? -9.985  -11.852 10.975  1.00 44.69 ? 310 ARG A CB  1 
ATOM   1086 C CG  . ARG A 1 153 ? -11.022 -12.191 12.042  1.00 49.72 ? 310 ARG A CG  1 
ATOM   1087 C CD  . ARG A 1 153 ? -12.087 -13.209 11.625  1.00 55.09 ? 310 ARG A CD  1 
ATOM   1088 N NE  . ARG A 1 153 ? -12.700 -12.811 10.360  0.75 59.17 ? 310 ARG A NE  1 
ATOM   1089 C CZ  . ARG A 1 153 ? -12.396 -13.314 9.165   0.75 59.40 ? 310 ARG A CZ  1 
ATOM   1090 N NH1 . ARG A 1 153 ? -12.991 -12.839 8.076   0.75 60.68 ? 310 ARG A NH1 1 
ATOM   1091 N NH2 . ARG A 1 153 ? -11.502 -14.285 9.055   0.75 60.46 ? 310 ARG A NH2 1 
ATOM   1092 N N   . GLY A 1 154 ? -7.266  -9.308  10.366  1.00 31.90 ? 311 GLY A N   1 
ATOM   1093 C CA  . GLY A 1 154 ? -6.087  -9.002  9.521   1.00 31.41 ? 311 GLY A CA  1 
ATOM   1094 C C   . GLY A 1 154 ? -6.354  -9.246  8.035   1.00 28.93 ? 311 GLY A C   1 
ATOM   1095 O O   . GLY A 1 154 ? -7.433  -8.901  7.551   1.00 31.80 ? 311 GLY A O   1 
ATOM   1096 N N   . TRP A 1 155 ? -5.399  -9.856  7.352   1.00 30.26 ? 312 TRP A N   1 
ATOM   1097 C CA  . TRP A 1 155 ? -5.409  -10.009 5.878   1.00 33.28 ? 312 TRP A CA  1 
ATOM   1098 C C   . TRP A 1 155 ? -6.436  -11.063 5.465   1.00 36.52 ? 312 TRP A C   1 
ATOM   1099 O O   . TRP A 1 155 ? -7.052  -10.841 4.427   1.00 36.84 ? 312 TRP A O   1 
ATOM   1100 C CB  . TRP A 1 155 ? -4.002  -10.258 5.361   1.00 30.09 ? 312 TRP A CB  1 
ATOM   1101 C CG  . TRP A 1 155 ? -3.185  -9.013  5.471   1.00 31.25 ? 312 TRP A CG  1 
ATOM   1102 C CD1 . TRP A 1 155 ? -2.209  -8.743  6.382   1.00 34.01 ? 312 TRP A CD1 1 
ATOM   1103 C CD2 . TRP A 1 155 ? -3.335  -7.816  4.689   1.00 32.97 ? 312 TRP A CD2 1 
ATOM   1104 N NE1 . TRP A 1 155 ? -1.724  -7.469  6.199   1.00 30.93 ? 312 TRP A NE1 1 
ATOM   1105 C CE2 . TRP A 1 155 ? -2.381  -6.885  5.161   1.00 35.45 ? 312 TRP A CE2 1 
ATOM   1106 C CE3 . TRP A 1 155 ? -4.165  -7.448  3.618   1.00 33.44 ? 312 TRP A CE3 1 
ATOM   1107 C CZ2 . TRP A 1 155 ? -2.230  -5.615  4.603   1.00 34.38 ? 312 TRP A CZ2 1 
ATOM   1108 C CZ3 . TRP A 1 155 ? -4.006  -6.203  3.060   1.00 35.48 ? 312 TRP A CZ3 1 
ATOM   1109 C CH2 . TRP A 1 155 ? -3.048  -5.304  3.539   1.00 36.91 ? 312 TRP A CH2 1 
ATOM   1110 N N   . ASP A 1 156 ? -6.780  -12.022 6.333   1.00 30.24 ? 313 ASP A N   1 
ATOM   1111 C CA  . ASP A 1 156 ? -7.917  -12.931 6.063   1.00 35.84 ? 313 ASP A CA  1 
ATOM   1112 C C   . ASP A 1 156 ? -9.198  -12.127 5.931   1.00 31.50 ? 313 ASP A C   1 
ATOM   1113 O O   . ASP A 1 156 ? -9.989  -12.473 5.053   1.00 34.86 ? 313 ASP A O   1 
ATOM   1114 C CB  . ASP A 1 156 ? -8.077  -14.037 7.105   1.00 40.93 ? 313 ASP A CB  1 
ATOM   1115 C CG  . ASP A 1 156 ? -6.991  -15.072 6.919   1.00 47.58 ? 313 ASP A CG  1 
ATOM   1116 O OD1 . ASP A 1 156 ? -7.010  -15.740 5.871   1.00 59.98 ? 313 ASP A OD1 1 
ATOM   1117 O OD2 . ASP A 1 156 ? -6.085  -15.121 7.762   1.00 53.50 ? 313 ASP A OD2 1 
ATOM   1118 N N   . GLY A 1 157 ? -9.408  -11.155 6.812   1.00 29.44 ? 314 GLY A N   1 
ATOM   1119 C CA  . GLY A 1 157 ? -10.563 -10.245 6.813   1.00 30.10 ? 314 GLY A CA  1 
ATOM   1120 C C   . GLY A 1 157 ? -10.651 -9.437  5.531   1.00 32.40 ? 314 GLY A C   1 
ATOM   1121 O O   . GLY A 1 157 ? -11.774 -9.221  5.032   1.00 35.80 ? 314 GLY A O   1 
ATOM   1122 N N   . PHE A 1 158 ? -9.516  -8.891  5.088   1.00 32.34 ? 315 PHE A N   1 
ATOM   1123 C CA  . PHE A 1 158 ? -9.412  -8.049  3.874   1.00 27.80 ? 315 PHE A CA  1 
ATOM   1124 C C   . PHE A 1 158 ? -9.938  -8.844  2.667   1.00 30.61 ? 315 PHE A C   1 
ATOM   1125 O O   . PHE A 1 158 ? -10.757 -8.321  1.908   1.00 34.64 ? 315 PHE A O   1 
ATOM   1126 C CB  . PHE A 1 158 ? -7.944  -7.709  3.660   1.00 29.31 ? 315 PHE A CB  1 
ATOM   1127 C CG  . PHE A 1 158 ? -7.633  -7.079  2.335   1.00 27.76 ? 315 PHE A CG  1 
ATOM   1128 C CD1 . PHE A 1 158 ? -7.989  -5.768  2.109   1.00 31.97 ? 315 PHE A CD1 1 
ATOM   1129 C CD2 . PHE A 1 158 ? -6.907  -7.768  1.378   1.00 27.85 ? 315 PHE A CD2 1 
ATOM   1130 C CE1 . PHE A 1 158 ? -7.654  -5.153  0.916   1.00 31.67 ? 315 PHE A CE1 1 
ATOM   1131 C CE2 . PHE A 1 158 ? -6.535  -7.138  0.213   1.00 29.58 ? 315 PHE A CE2 1 
ATOM   1132 C CZ  . PHE A 1 158 ? -6.974  -5.860  -0.044  1.00 30.18 ? 315 PHE A CZ  1 
ATOM   1133 N N   . VAL A 1 159 ? -9.429  -10.067 2.534   1.00 33.76 ? 316 VAL A N   1 
ATOM   1134 C CA  . VAL A 1 159 ? -9.732  -11.034 1.442   1.00 38.07 ? 316 VAL A CA  1 
ATOM   1135 C C   . VAL A 1 159 ? -11.214 -11.397 1.482   1.00 44.14 ? 316 VAL A C   1 
ATOM   1136 O O   . VAL A 1 159 ? -11.827 -11.373 0.402   1.00 46.53 ? 316 VAL A O   1 
ATOM   1137 C CB  . VAL A 1 159 ? -8.844  -12.273 1.544   1.00 36.45 ? 316 VAL A CB  1 
ATOM   1138 C CG1 . VAL A 1 159 ? -9.238  -13.322 0.503   1.00 42.87 ? 316 VAL A CG1 1 
ATOM   1139 C CG2 . VAL A 1 159 ? -7.382  -11.912 1.401   1.00 36.46 ? 316 VAL A CG2 1 
ATOM   1140 N N   . GLU A 1 160 ? -11.755 -11.699 2.674   1.00 41.80 ? 317 GLU A N   1 
ATOM   1141 C CA  . GLU A 1 160 ? -13.181 -12.061 2.863   1.00 41.50 ? 317 GLU A CA  1 
ATOM   1142 C C   . GLU A 1 160 ? -14.010 -10.827 2.560   1.00 41.90 ? 317 GLU A C   1 
ATOM   1143 O O   . GLU A 1 160 ? -15.033 -11.003 1.875   1.00 40.87 ? 317 GLU A O   1 
ATOM   1144 C CB  . GLU A 1 160 ? -13.467 -12.688 4.243   1.00 43.46 ? 317 GLU A CB  1 
ATOM   1145 C CG  . GLU A 1 160 ? -12.920 -14.104 4.336   0.75 39.03 ? 317 GLU A CG  1 
ATOM   1146 C CD  . GLU A 1 160 ? -12.966 -14.781 5.692   0.50 40.87 ? 317 GLU A CD  1 
ATOM   1147 O OE1 . GLU A 1 160 ? -13.934 -14.547 6.415   0.50 38.98 ? 317 GLU A OE1 1 
ATOM   1148 O OE2 . GLU A 1 160 ? -12.023 -15.541 6.018   0.50 44.39 ? 317 GLU A OE2 1 
ATOM   1149 N N   . PHE A 1 161 ? -13.543 -9.628  2.920   1.00 36.85 ? 318 PHE A N   1 
ATOM   1150 C CA  . PHE A 1 161 ? -14.336 -8.395  2.710   1.00 37.04 ? 318 PHE A CA  1 
ATOM   1151 C C   . PHE A 1 161 ? -14.580 -8.166  1.207   1.00 41.55 ? 318 PHE A C   1 
ATOM   1152 O O   . PHE A 1 161 ? -15.674 -7.711  0.858   1.00 40.88 ? 318 PHE A O   1 
ATOM   1153 C CB  . PHE A 1 161 ? -13.663 -7.150  3.276   1.00 36.30 ? 318 PHE A CB  1 
ATOM   1154 C CG  . PHE A 1 161 ? -14.492 -5.897  3.173   1.00 37.19 ? 318 PHE A CG  1 
ATOM   1155 C CD1 . PHE A 1 161 ? -15.543 -5.658  4.051   1.00 42.60 ? 318 PHE A CD1 1 
ATOM   1156 C CD2 . PHE A 1 161 ? -14.207 -4.941  2.224   1.00 38.11 ? 318 PHE A CD2 1 
ATOM   1157 C CE1 . PHE A 1 161 ? -16.309 -4.508  3.948   1.00 42.02 ? 318 PHE A CE1 1 
ATOM   1158 C CE2 . PHE A 1 161 ? -14.952 -3.780  2.133   1.00 38.82 ? 318 PHE A CE2 1 
ATOM   1159 C CZ  . PHE A 1 161 ? -16.016 -3.570  2.988   1.00 41.83 ? 318 PHE A CZ  1 
ATOM   1160 N N   . PHE A 1 162 ? -13.575 -8.402  0.368   1.00 39.70 ? 319 PHE A N   1 
ATOM   1161 C CA  . PHE A 1 162 ? -13.581 -8.023  -1.067  1.00 42.13 ? 319 PHE A CA  1 
ATOM   1162 C C   . PHE A 1 162 ? -13.922 -9.239  -1.941  1.00 46.20 ? 319 PHE A C   1 
ATOM   1163 O O   . PHE A 1 162 ? -14.046 -8.998  -3.138  1.00 50.44 ? 319 PHE A O   1 
ATOM   1164 C CB  . PHE A 1 162 ? -12.226 -7.416  -1.461  1.00 37.43 ? 319 PHE A CB  1 
ATOM   1165 C CG  . PHE A 1 162 ? -12.053 -6.002  -0.974  1.00 38.90 ? 319 PHE A CG  1 
ATOM   1166 C CD1 . PHE A 1 162 ? -12.879 -4.990  -1.432  1.00 36.26 ? 319 PHE A CD1 1 
ATOM   1167 C CD2 . PHE A 1 162 ? -11.095 -5.693  -0.012  1.00 39.43 ? 319 PHE A CD2 1 
ATOM   1168 C CE1 . PHE A 1 162 ? -12.734 -3.690  -0.965  1.00 39.72 ? 319 PHE A CE1 1 
ATOM   1169 C CE2 . PHE A 1 162 ? -10.956 -4.397  0.459   1.00 37.92 ? 319 PHE A CE2 1 
ATOM   1170 C CZ  . PHE A 1 162 ? -11.776 -3.397  -0.013  1.00 39.49 ? 319 PHE A CZ  1 
ATOM   1171 N N   . HIS A 1 163 ? -14.017 -10.458 -1.370  1.00 52.10 ? 320 HIS A N   1 
ATOM   1172 C CA  . HIS A 1 163 ? -14.276 -11.789 -2.022  1.00 55.72 ? 320 HIS A CA  1 
ATOM   1173 C C   . HIS A 1 163 ? -14.378 -11.702 -3.556  1.00 57.14 ? 320 HIS A C   1 
ATOM   1174 O O   . HIS A 1 163 ? -15.476 -11.639 -4.141  1.00 53.89 ? 320 HIS A O   1 
ATOM   1175 C CB  . HIS A 1 163 ? -15.559 -12.440 -1.461  1.00 58.34 ? 320 HIS A CB  1 
ATOM   1176 C CG  . HIS A 1 163 ? -16.747 -11.530 -1.471  1.00 68.33 ? 320 HIS A CG  1 
ATOM   1177 N ND1 . HIS A 1 163 ? -17.434 -11.193 -0.310  1.00 77.53 ? 320 HIS A ND1 1 
ATOM   1178 C CD2 . HIS A 1 163 ? -17.353 -10.848 -2.472  1.00 72.29 ? 320 HIS A CD2 1 
ATOM   1179 C CE1 . HIS A 1 163 ? -18.417 -10.359 -0.602  1.00 76.03 ? 320 HIS A CE1 1 
ATOM   1180 N NE2 . HIS A 1 163 ? -18.391 -10.135 -1.923  1.00 78.37 ? 320 HIS A NE2 1 
HETATM 1181 N N10 . JLK B 2 .   ? -8.618  9.252   0.363   1.00 28.26 ? 401 JLK A N10 1 
HETATM 1182 C C11 . JLK B 2 .   ? -10.058 8.988   0.596   1.00 29.65 ? 401 JLK A C11 1 
HETATM 1183 C C13 . JLK B 2 .   ? -10.514 9.274   2.065   1.00 35.05 ? 401 JLK A C13 1 
HETATM 1184 C C18 . JLK B 2 .   ? -6.195  10.977  -0.595  1.00 30.00 ? 401 JLK A C18 1 
HETATM 1185 C C19 . JLK B 2 .   ? -7.333  12.906  -2.277  1.00 35.66 ? 401 JLK A C19 1 
HETATM 1186 C C20 . JLK B 2 .   ? -7.586  12.975  -0.907  1.00 32.08 ? 401 JLK A C20 1 
HETATM 1187 C C21 . JLK B 2 .   ? -6.997  12.020  -0.092  1.00 30.38 ? 401 JLK A C21 1 
HETATM 1188 C C22 . JLK B 2 .   ? -6.539  11.878  -2.815  1.00 34.70 ? 401 JLK A C22 1 
HETATM 1189 C C23 . JLK B 2 .   ? -5.981  10.905  -1.976  1.00 34.16 ? 401 JLK A C23 1 
HETATM 1190 C C24 . JLK B 2 .   ? -5.146  9.817   -2.549  1.00 31.57 ? 401 JLK A C24 1 
HETATM 1191 C C25 . JLK B 2 .   ? -10.541 9.325   -1.766  1.00 29.41 ? 401 JLK A C25 1 
HETATM 1192 C C27 . JLK B 2 .   ? -10.751 7.615   -3.455  1.00 34.03 ? 401 JLK A C27 1 
HETATM 1193 C C28 . JLK B 2 .   ? -9.927  8.325   -4.333  1.00 31.18 ? 401 JLK A C28 1 
HETATM 1194 C C29 . JLK B 2 .   ? -9.418  9.544   -3.915  1.00 31.90 ? 401 JLK A C29 1 
HETATM 1195 C C30 . JLK B 2 .   ? -9.715  10.039  -2.625  1.00 34.35 ? 401 JLK A C30 1 
HETATM 1196 C C9  . JLK B 2 .   ? -5.608  9.982   0.329   1.00 32.53 ? 401 JLK A C9  1 
HETATM 1197 C C5  . JLK B 2 .   ? -6.348  9.011   1.066   1.00 32.71 ? 401 JLK A C5  1 
HETATM 1198 C C8  . JLK B 2 .   ? -4.271  9.926   0.651   1.00 30.90 ? 401 JLK A C8  1 
HETATM 1199 C C16 . JLK B 2 .   ? -3.207  10.840  0.079   1.00 34.72 ? 401 JLK A C16 1 
HETATM 1200 C C17 . JLK B 2 .   ? -2.129  11.232  1.036   1.00 37.21 ? 401 JLK A C17 1 
HETATM 1201 S S7  . JLK B 2 .   ? -3.879  8.702   1.769   1.00 33.48 ? 401 JLK A S7  1 
HETATM 1202 C C6  . JLK B 2 .   ? -5.504  8.261   1.877   1.00 31.63 ? 401 JLK A C6  1 
HETATM 1203 N N3  . JLK B 2 .   ? -5.952  7.213   2.624   1.00 32.68 ? 401 JLK A N3  1 
HETATM 1204 C C2  . JLK B 2 .   ? -7.247  6.905   2.608   1.00 30.51 ? 401 JLK A C2  1 
HETATM 1205 N N1  . JLK B 2 .   ? -8.130  7.596   1.893   1.00 33.85 ? 401 JLK A N1  1 
HETATM 1206 C C4  . JLK B 2 .   ? -7.706  8.614   1.089   1.00 31.06 ? 401 JLK A C4  1 
HETATM 1207 O O15 . JLK B 2 .   ? -9.888  10.135  2.702   1.00 31.68 ? 401 JLK A O15 1 
HETATM 1208 O O14 . JLK B 2 .   ? -11.568 8.735   2.486   1.00 26.83 ? 401 JLK A O14 1 
HETATM 1209 C C12 . JLK B 2 .   ? -10.883 9.822   -0.359  1.00 30.51 ? 401 JLK A C12 1 
HETATM 1210 C C26 . JLK B 2 .   ? -11.049 8.114   -2.191  1.00 29.73 ? 401 JLK A C26 1 
HETATM 1211 O O   . HOH C 3 .   ? 6.053   -13.667 11.166  1.00 54.24 ? 501 HOH A O   1 
HETATM 1212 O O   . HOH C 3 .   ? -10.378 8.062   13.068  1.00 58.49 ? 502 HOH A O   1 
HETATM 1213 O O   . HOH C 3 .   ? -2.989  -5.862  -11.388 1.00 49.66 ? 503 HOH A O   1 
HETATM 1214 O O   . HOH C 3 .   ? 2.997   -14.143 4.141   1.00 53.19 ? 504 HOH A O   1 
HETATM 1215 O O   . HOH C 3 .   ? 7.199   0.099   9.399   1.00 61.83 ? 505 HOH A O   1 
HETATM 1216 O O   . HOH C 3 .   ? 4.242   10.580  -12.969 1.00 53.76 ? 506 HOH A O   1 
HETATM 1217 O O   . HOH C 3 .   ? -4.802  5.287   -12.837 1.00 43.99 ? 507 HOH A O   1 
HETATM 1218 O O   . HOH C 3 .   ? -2.283  3.869   -11.919 1.00 48.07 ? 508 HOH A O   1 
HETATM 1219 O O   . HOH C 3 .   ? -10.565 -11.138 -2.040  1.00 36.51 ? 509 HOH A O   1 
HETATM 1220 O O   . HOH C 3 .   ? -0.172  -5.915  -10.540 1.00 37.69 ? 510 HOH A O   1 
HETATM 1221 O O   . HOH C 3 .   ? -12.657 9.600   4.629   1.00 28.66 ? 511 HOH A O   1 
HETATM 1222 O O   . HOH C 3 .   ? 4.616   -9.454  -7.272  1.00 41.89 ? 512 HOH A O   1 
HETATM 1223 O O   . HOH C 3 .   ? -8.860  12.080  7.287   1.00 55.98 ? 513 HOH A O   1 
HETATM 1224 O O   . HOH C 3 .   ? 14.719  4.285   -10.883 1.00 44.23 ? 514 HOH A O   1 
HETATM 1225 O O   . HOH C 3 .   ? -6.812  -11.126 14.032  1.00 53.91 ? 515 HOH A O   1 
HETATM 1226 O O   . HOH C 3 .   ? 3.096   -17.766 -2.402  1.00 51.18 ? 516 HOH A O   1 
HETATM 1227 O O   . HOH C 3 .   ? -7.225  14.950  -5.583  1.00 38.25 ? 517 HOH A O   1 
HETATM 1228 O O   . HOH C 3 .   ? -5.195  -5.888  19.349  1.00 42.95 ? 518 HOH A O   1 
HETATM 1229 O O   . HOH C 3 .   ? 18.499  9.720   -13.891 1.00 27.71 ? 519 HOH A O   1 
HETATM 1230 O O   . HOH C 3 .   ? -18.061 -7.879  1.924   1.00 48.93 ? 520 HOH A O   1 
HETATM 1231 O O   . HOH C 3 .   ? 3.833   19.048  -8.607  1.00 58.12 ? 521 HOH A O   1 
HETATM 1232 O O   . HOH C 3 .   ? 7.816   -8.964  5.263   1.00 39.41 ? 522 HOH A O   1 
HETATM 1233 O O   . HOH C 3 .   ? 1.022   9.837   -12.578 1.00 43.61 ? 523 HOH A O   1 
HETATM 1234 O O   . HOH C 3 .   ? -2.702  -3.877  21.160  1.00 29.47 ? 524 HOH A O   1 
HETATM 1235 O O   . HOH C 3 .   ? 13.328  0.619   -3.816  1.00 42.23 ? 525 HOH A O   1 
HETATM 1236 O O   . HOH C 3 .   ? 1.132   -1.612  16.173  1.00 38.83 ? 526 HOH A O   1 
HETATM 1237 O O   . HOH C 3 .   ? -8.468  5.763   -15.668 1.00 41.54 ? 527 HOH A O   1 
HETATM 1238 O O   . HOH C 3 .   ? -6.599  -1.164  -14.616 1.00 44.34 ? 528 HOH A O   1 
HETATM 1239 O O   . HOH C 3 .   ? 15.420  17.903  -1.047  1.00 51.25 ? 529 HOH A O   1 
HETATM 1240 O O   . HOH C 3 .   ? 13.185  14.096  -9.792  1.00 36.86 ? 530 HOH A O   1 
HETATM 1241 O O   . HOH C 3 .   ? 7.867   -7.105  -8.503  1.00 46.78 ? 531 HOH A O   1 
HETATM 1242 O O   . HOH C 3 .   ? 1.480   7.342   -11.365 1.00 31.57 ? 532 HOH A O   1 
HETATM 1243 O O   . HOH C 3 .   ? -2.661  -0.405  -12.057 1.00 43.90 ? 533 HOH A O   1 
HETATM 1244 O O   . HOH C 3 .   ? -9.945  -15.098 4.180   1.00 49.34 ? 534 HOH A O   1 
HETATM 1245 O O   . HOH C 3 .   ? -3.449  -11.100 8.895   1.00 32.20 ? 535 HOH A O   1 
HETATM 1246 O O   . HOH C 3 .   ? -8.045  -5.979  18.609  1.00 34.76 ? 536 HOH A O   1 
HETATM 1247 O O   . HOH C 3 .   ? -5.004  0.658   -12.478 1.00 34.42 ? 537 HOH A O   1 
HETATM 1248 O O   . HOH C 3 .   ? -1.343  -13.659 -5.759  1.00 42.14 ? 538 HOH A O   1 
HETATM 1249 O O   . HOH C 3 .   ? 5.979   2.791   -13.893 1.00 49.37 ? 539 HOH A O   1 
HETATM 1250 O O   . HOH C 3 .   ? 7.509   -11.893 19.230  1.00 43.14 ? 540 HOH A O   1 
HETATM 1251 O O   . HOH C 3 .   ? 6.335   -7.763  -6.509  1.00 36.19 ? 541 HOH A O   1 
HETATM 1252 O O   . HOH C 3 .   ? 7.231   8.662   4.544   1.00 48.49 ? 542 HOH A O   1 
HETATM 1253 O O   . HOH C 3 .   ? -9.258  -4.189  -11.631 1.00 42.93 ? 543 HOH A O   1 
HETATM 1254 O O   . HOH C 3 .   ? 13.707  4.487   -14.346 1.00 55.74 ? 544 HOH A O   1 
HETATM 1255 O O   . HOH C 3 .   ? -3.974  -12.174 -9.131  1.00 44.79 ? 545 HOH A O   1 
HETATM 1256 O O   . HOH C 3 .   ? 8.468   -11.554 5.433   1.00 45.69 ? 546 HOH A O   1 
HETATM 1257 O O   . HOH C 3 .   ? -5.858  15.958  -11.728 1.00 40.42 ? 547 HOH A O   1 
HETATM 1258 O O   . HOH C 3 .   ? 3.942   -6.698  -17.261 1.00 39.87 ? 548 HOH A O   1 
HETATM 1259 O O   . HOH C 3 .   ? 5.337   5.900   8.172   1.00 47.16 ? 549 HOH A O   1 
HETATM 1260 O O   . HOH C 3 .   ? -14.550 3.328   -7.243  1.00 40.27 ? 550 HOH A O   1 
HETATM 1261 O O   . HOH C 3 .   ? -11.968 -0.928  -6.799  1.00 42.97 ? 551 HOH A O   1 
HETATM 1262 O O   . HOH C 3 .   ? -16.235 1.969   -11.806 1.00 41.30 ? 552 HOH A O   1 
HETATM 1263 O O   . HOH C 3 .   ? -7.380  -5.543  -12.276 1.00 42.35 ? 553 HOH A O   1 
HETATM 1264 O O   . HOH C 3 .   ? -6.077  -10.918 -9.173  1.00 48.01 ? 554 HOH A O   1 
HETATM 1265 O O   . HOH C 3 .   ? -12.827 -7.702  8.121   1.00 34.10 ? 555 HOH A O   1 
HETATM 1266 O O   . HOH C 3 .   ? 1.506   -4.890  -12.388 1.00 55.08 ? 556 HOH A O   1 
HETATM 1267 O O   . HOH C 3 .   ? -9.184  12.935  2.060   1.00 38.06 ? 557 HOH A O   1 
HETATM 1268 O O   . HOH C 3 .   ? -15.544 3.504   8.704   1.00 37.76 ? 558 HOH A O   1 
HETATM 1269 O O   . HOH C 3 .   ? -0.695  -8.543  15.605  1.00 33.67 ? 559 HOH A O   1 
HETATM 1270 O O   . HOH C 3 .   ? 13.883  9.156   -15.474 1.00 50.30 ? 560 HOH A O   1 
HETATM 1271 O O   . HOH C 3 .   ? -0.305  -20.811 4.422   1.00 49.77 ? 561 HOH A O   1 
HETATM 1272 O O   . HOH C 3 .   ? 2.036   -21.069 4.308   1.00 56.49 ? 562 HOH A O   1 
HETATM 1273 O O   . HOH C 3 .   ? -0.771  16.497  -12.576 1.00 48.43 ? 563 HOH A O   1 
HETATM 1274 O O   . HOH C 3 .   ? -16.344 -13.262 -6.685  1.00 47.27 ? 564 HOH A O   1 
HETATM 1275 O O   . HOH C 3 .   ? -13.412 -12.992 -6.304  1.00 58.81 ? 565 HOH A O   1 
HETATM 1276 O O   . HOH C 3 .   ? -18.332 -12.592 -5.494  1.00 43.80 ? 566 HOH A O   1 
HETATM 1277 O O   . HOH C 3 .   ? 3.861   7.262   -13.560 1.00 46.66 ? 567 HOH A O   1 
HETATM 1278 O O   . HOH C 3 .   ? 15.706  -0.138  -2.619  1.00 61.20 ? 568 HOH A O   1 
HETATM 1279 O O   . HOH C 3 .   ? 8.671   -8.281  2.981   1.00 44.93 ? 569 HOH A O   1 
HETATM 1280 O O   . HOH C 3 .   ? -14.920 5.054   -3.835  1.00 36.65 ? 570 HOH A O   1 
HETATM 1281 O O   . HOH C 3 .   ? -12.318 2.315   -2.795  1.00 37.29 ? 571 HOH A O   1 
HETATM 1282 O O   . HOH C 3 .   ? -16.734 1.699   -7.258  1.00 54.27 ? 572 HOH A O   1 
HETATM 1283 O O   . HOH C 3 .   ? -5.378  -5.456  23.103  1.00 49.40 ? 573 HOH A O   1 
HETATM 1284 O O   . HOH C 3 .   ? -9.628  14.207  -4.685  1.00 34.57 ? 574 HOH A O   1 
HETATM 1285 O O   . HOH C 3 .   ? -0.259  5.952   -12.804 1.00 43.83 ? 575 HOH A O   1 
HETATM 1286 O O   . HOH C 3 .   ? -10.305 18.355  -3.940  1.00 59.69 ? 576 HOH A O   1 
HETATM 1287 O O   . HOH C 3 .   ? -1.370  -8.618  17.958  1.00 40.20 ? 577 HOH A O   1 
HETATM 1288 O O   . HOH C 3 .   ? -3.529  -7.787  -13.515 1.00 49.76 ? 578 HOH A O   1 
HETATM 1289 O O   . HOH C 3 .   ? 13.354  -3.747  14.777  1.00 57.65 ? 579 HOH A O   1 
HETATM 1290 O O   . HOH C 3 .   ? -12.676 0.143   -2.913  1.00 45.12 ? 580 HOH A O   1 
HETATM 1291 O O   . HOH C 3 .   ? -7.326  14.950  2.443   1.00 48.30 ? 581 HOH A O   1 
HETATM 1292 O O   . HOH C 3 .   ? -9.849  15.399  -2.010  0.50 38.46 ? 582 HOH A O   1 
# 
